data_8JXF
#
_entry.id   8JXF
#
_cell.length_a   1.00
_cell.length_b   1.00
_cell.length_c   1.00
_cell.angle_alpha   90.00
_cell.angle_beta   90.00
_cell.angle_gamma   90.00
#
_symmetry.space_group_name_H-M   'P 1'
#
loop_
_entity.id
_entity.type
_entity.pdbx_description
1 polymer 'Alpha-2-macroglobulin receptor-associated protein'
2 polymer 'LDL receptor related protein 2'
3 polymer 'unclear peptide'
4 branched beta-D-mannopyranose-(1-4)-2-acetamido-2-deoxy-beta-D-glucopyranose-(1-3)-2-acetamido-2-deoxy-beta-D-glucopyranose
5 branched beta-D-mannopyranose-(1-3)-2-acetamido-2-deoxy-beta-D-glucopyranose-(1-4)-2-acetamido-2-deoxy-beta-D-glucopyranose
6 branched alpha-D-mannopyranose-(1-3)-[alpha-D-mannopyranose-(1-6)]beta-D-mannopyranose-(1-4)-2-acetamido-2-deoxy-beta-D-glucopyranose-(1-4)-2-acetamido-2-deoxy-beta-D-glucopyranose
7 branched beta-D-mannopyranose-(1-4)-2-acetamido-2-deoxy-beta-D-glucopyranose-(1-4)-2-acetamido-2-deoxy-beta-D-glucopyranose
8 non-polymer 2-acetamido-2-deoxy-beta-D-glucopyranose
9 non-polymer 2-acetamido-2-deoxy-alpha-D-galactopyranose
10 non-polymer 'CALCIUM ION'
#
loop_
_entity_poly.entity_id
_entity_poly.type
_entity_poly.pdbx_seq_one_letter_code
_entity_poly.pdbx_strand_id
1 'polypeptide(L)'
;MAPLRDRVSTLPRLQLLVLLLLPLLLVPQPIAGHGGKYSREKNEPEMAAKRESGEEFRMEKLNQLWEKAKRLHLSPVRLA
ELHSDLKIQERDELNWKKLKVEGLDGDGEKEAKLVHNLNVILARYGLDGRKDTQTVHSNALNEDTQDELGDPRLEKLWHK
AKTSGKFSSEELDKLWREFLHYKEKIHEYNVLLDTLSRAEEGYENLLSPSDMTHIKSDTLASKHSELKDRLRSINQGLDR
LRKVSHQGYGPATEFEEPRVIDLWDLAQSANFTEKELESFREELKHFEAKIEKHNHYQKQLEISHQKLKHVESIGDPEHI
SRNKEKYVLLEEKTKELGYKVKKHLQDLSSRVSRARHNEL
;
C
2 'polypeptide(L)'
;MERGAAAAAWMLLLAIAACLEPVSSQECGSGNFRCDNGYCIPASWRCDGTRDCLDDTDEIGCPPRSCESGLFLCPAEGTC
IPSSWVCDEDKDCSDGADEQQNCAGTTCSAQQMTCSNGQCIPSEYRCDHVSDCPDGSDERNCHYPTCDQLTCANGACYNT
SQRCDQKVDCRDSSDEANCTTLCSQKEFECGSGECILRAYVCDHDNDCEDNSDERNCNYDTCGGHQFTCSNGQCINQNWV
CDGDDDCQDSGDEDGCESNQSHHRCYPREWACPGSGRCISIDKVCDGVPDCPEGDDENNVTSGRTCGMGVCSVLNCEYQC
HQTPFGGECFCPPGHIINSNDSRTCIDFDDCQIWGICDQKCENRQGRHQCLCEEGYILERGQHCKSSDSFSAASVIFSNG
RDLLVGDLHGRNFRILAESKNRGMVMGVDFHYQKHRVFWTDPMQEKVFSTDINGLNTQEILNVSVDTPENLAVDWINNKL
YLVETKVNRIDVVNLEGNQRVTLITENLGHPRGIALDPTVGYLFFSDWGSLSGQPKVERAFMDGSNRKDLVTTKVGWPAG
ITLDLVSKRVYWVDSRYDYIETVTYDGIQRKTVARGGSLVPHPFGISLFEEHVFFTDWTKMAVMKASKFTETNPQVYHQS
SLRPHGVTVYHALRQPNATNPCGSNNGGCAQVCVLSHRTDNGGLGYRCKCEFGFELDDDEHRCVAVKNFLLFSSKTAVRG
IPFTLSTQEDVMVPVTGSPSFFVGIDFDAQHSTVFYSDLSKDIIYKQKIDGTGKEVITANRLESVECLTFDWISRNLYWT
DGGLKSVTVLRLADKSRRQIISNLNNPRSIVVHPTAGYMFLSDWFRPAKIMRAWSDGSHLMPIVNTSLGWPNGLAIDWSA
SRLYWVDAFFDKIEHSTLDGLDRKRLGHVDQMTHPFGLTVFKDNVFITDWRLGAIIRVRKSDGGDMTVIRRGISSVMHVK
AYDADLQTGSNYCSQTTHANGDCSHFCFPVPNFQRVCGCPYGMKLQRDQMTCEGDPAREPPTQQCGSLSFPCNNGKCVPS
FFRCDGVDDCHDNSDEHQCGVFNNTCSPSAFACVRGGQCIPGQWHCDRQNDCLDGSDEQNCPTHATSSTCPSTSFTCDNH
VCIPKDWVCDTDNDCSDGSDEKNCQASGTCQPTQFRCPDHRCISPLYVCDGDKDCADGSDEAGCVLNCTSAQFKCADGSS
CINSRYRCDGVYDCRDNSDEAGCPTRPPGMCHLDEFQCQGDGTCIPNTWECDGHPDCIHGSDEHTGCVPKTCSPTHFLCD
NGNCIYKAWICDGDNDCRDMSDEKDCPTQPFHCPSTQWQCPGYSTCINLSALCDGVFDCPNGTDESPLCNQDSCSHFNGG
CTHQCMQGPFGATCLCPLGYQLANDTKTCEDINECDIPGFCSQHCVNMRGSFRCACDPEYTLESDGRTCKVTGSENPLLV
VASRDKIIVDNITAHTHNLYSLVQDVSFVVALDFDSVTGRVFWSDLLQGKTWSVFQNGTDKRVVHDSGLSVTEMIAVDWI
GRNLYWTDYALETIEVSKIDGSHRTVLISKNVTKPRGLALDPRMGDNVMFWSDWGHHPRIERASMDGTMRTVIVQEKIYW
PCGLSIDYPNRLIYFMDAYLDYIEFCDYDGHNRRQVIASDLVLHHPHALTLFEDFVYWTDRGTRQVMQANKWHGGNQSVV
MYSVHQPLGITAIHPSRQPPSRNPCASASCSHLCLLSAQAPRHYSCACPSGWNLSDDSVNCVRGDQPFLMSVRDNIIFGI
SLDPEVKSNDAMVPISGIQHGYDVEFDDSEQFIYWVENPGEIHRVKTDGSNRTVFAPLSLLGSSLGLALDWVSRNIYYTT
PASRSIEVLTLKGDTRYGKTLIANDGTPLGVGFPVGIAVDPARGKLYWSDHGTDSGVPAKIASANMDGTSLKILFTGNLQ
HLEVVTLDIQEQKLYWAVTSRGVIERGNVDGTERMILVHHLAHPWGLVVYGSFLYYSDEQYEVIERVDKSSGNNKVVLRD
NVPYLRGLRVYHRRNAADSSNGCSNNPNACQQICLPVPGGMFSCACASGFKLSPDGRSCSPYNSFMVVSMLPAVRGFSLE
LSDHSEAMVPVAGQGRNVLHADVDVANGFIYWCDFSSSVRSSNGIRRIKPDGSNFTNVVTYGIGANGIRGVALDWAAGNL
YFTNAFVYETLIEVLRINTTYRRVLLKVSVDMPRHIIVDPKHRYLFWADYGQKPKIERSFLDCTNRTVLVSEGIVTPRGL
AMDHDTGYIYWVDDSLDLIARIHLDGGESQVVRYGSRYPTPYGITVFGESIIWVDRNLKKVFQASKQPGNTDPPVVIRDK
INLLRDVTIFDEHAQPLSPAELNNNPCLQSNGGCSHFCFALPELPTPRCGCAFGTLGNDGKSCATSQEDFLIYSLNNSLR
SLHFDPRDHSLPFQVISVAGTAIALDYDRRNNRIFFTQKLNSLRGQISYVSLYSGSSSPTVLLSNIGVTDGIAFDWINRR
IYYSDFSNQTINSMAEDGSNRAVIARVSKPRAIVLDPCRGYMYWTDWGTNAKIERATLGGNFRVPIVNTSLVWPNGLALD
LETDLLYWADASLQKIERSTLTGTNREVVVSTAFHSFGLTVYGQYIYWTDLYTRKIYRANKYDGSDLVAMTTRLPTQPSG
ISTVVKTQRQQCSNPCDQFNGGCSHICAPGPNGAECQCPHEGNWYLANDNKYCVVDTGTRCNQLQFTCLNGHCINQDWKC
DNDNDCGDGSDELPTVCAFHTCRSTAFTCGNGRCVPYHYRCDYYNDCGDNSDEAGCLFRNCNSTTEFTCSNGRCIPLSYV
CNGINNCHDNDTSDEKNCPPHTCPPDFTKCQTTNICVPRAFLCDGDNDCGDGSDENPIYCASHTCRSNEFQCLSPQRCIP
SYWFCDGEADCADGSDEPDTCGHSVNTCRASQFQCDNGRCISGNWVCDGDNDCGDMSDEDQRHHCELQNCSSTQFTCVNS
RPPNRRCIPQYWVCDGDADCSDALDELQNCTMRTCSAGEFSCANGRCVRQSFRCDRRNDCGDYSDERGCSYPPCHANQFT
CQNGRCIPRFFVCDEDNDCGDGSDEQEHLCHTPEPTCPLHQFRCDNGHCIEMGRVCNHVDDCSDNSDEKGCGINECLDSS
ISRCDHNCTDTITSFYCSCLPGYKLMSDKRSCVDIDECKESPQLCSQKCENVVGSYICKCAPGYIREPDGKSCRQNSNIE
PYLIFSNRYYIRNLTTDGSSYSLILQGLGNVVALDFDRVEKRLYWIDAEKQIIERMFLNKTNRETIINHRLRRAESLAVD
WVSRKLYWLDAILDCLFVSDLEGRHRKMIAQHCVDANNTFCFEHPRGIVLHPQRGHVYWADWGVHAYIGRIGMDGTNKSV
IISTKIEWPNAITIDYTNDLLYWADAHLGYIEFSDLEGHHRHTVYDGSLPHPFALTIFEDTVFWTDWNTRTVEKGNKYDG
SGRVVLVNTTHKPFDIHVYHPYRQPIMSNPCGTNNGGCSHLCLIKAGGRGFTCACPDDFQTVQLRDRTLCMPMCSSTQFL
CGNNEKCIPIWWKCDGQKDCSDGSDEPDLCPHRFCRLGQFQCRDGNCTSPQALCNARQDCADGSDEDRVLCEHHRCESNE
WQCANKRCIPQSWQCDSVNDCLDNSDEDTSHCASRTCRPGQFKCNNGRCIPQSWKCDVDNDCGDYSDEPIDECTTAAYNC
DNHTEFSCKTNYRCIPQWAVCNGFDDCRDNSDEQGCESVPCHPSGDFRCANHHCIPLRWKCDGTDDCGDNSDEENCVPRE
CSESEFRCADQQCIPSRWVCDQENDCGDNSDERDCEMKTCHPEHFQCTSGHCVPKALACDGRADCLDASDESACPTRFPN
GTYCPAAMFECKNHVCIQSFWICDGENDCVDGSDEEIHLCFNIPCESPQRFRCDNSRCVYGHQLCNGVDDCGDGSDEKEE
HCRKPTHKPCTDTEYKCSNGNCISQHYVCDNVNDCGDLSDETGCNLGDNRTCAENICEQNCTQLSSGGFICSCRPGFKPS
TLDKNSCQDINECEEFGICPQSCRNSKGSYECFCVDGFKSMSTHYGERCAADGSPPLLLLPENVRIRKYNTSSEKFSEYL
EEEEHIQTIDYDWDPEHIGLSVVYYTVLAQGSQFGAIKRAYIPNFESGSNNPIREVDLGLKYLMQPDGLAVDWVGRHIYW
SDAKSQRIEVATLDGRYRKWLITTQLDQPAAIAVNPKLGLMFWTDQGKQPKIESAWMNGEHRSVLVSENLGWPNGLSIDY
LNDDRVYWSDSKEDVIEAIKYDGTDRRLIINEAMKPFSLDIFEDKLYWVAKEKGEVWRQNKFGKENKEKVLVVNPWLTQV
RIFHQLRYNQSVSNPCKQVCSHLCLLRPGGYSCACPQGSDFVTGSTVQCDAASELPVTMPPPCRCMHGGNCYFDENELPK
CKCSSGYSGEYCEVGLSRGIPPGTTMAVLLTFVIVIIVGALVLVGLFHYRKTGSLLPTLPKLPSLSSLAKPSENGNGVTF
RSGADVNMDIGVSPFGPETIIDRSMAMNEHFVMEVGKQPVIFENPMYAAKDNTSKVALAVQGPSTGAQVTVPENVENQNY
GRPIDPSEIVPEPKPASPGADEIQGKKWNIFKRKPKQTTNFENPIYAEMDSEVKDAVAVAPPPSPSLPAKASKRNLTPGY
TATEDTFKDTANLVKEDSDV
;
B
3 'polypeptide(L)' (UNK)(UNK)N(UNK)(UNK) O
#
loop_
_chem_comp.id
_chem_comp.type
_chem_comp.name
_chem_comp.formula
A2G D-saccharide, alpha linking 2-acetamido-2-deoxy-alpha-D-galactopyranose 'C8 H15 N O6'
BMA D-saccharide, beta linking beta-D-mannopyranose 'C6 H12 O6'
CA non-polymer 'CALCIUM ION' 'Ca 2'
MAN D-saccharide, alpha linking alpha-D-mannopyranose 'C6 H12 O6'
NAG D-saccharide, beta linking 2-acetamido-2-deoxy-beta-D-glucopyranose 'C8 H15 N O6'
#
# COMPACT_ATOMS: atom_id res chain seq x y z
N GLU A 56 -2.34 -34.00 31.48
CA GLU A 56 -2.21 -35.25 32.22
C GLU A 56 -1.77 -35.00 33.65
N PHE A 57 -0.89 -34.01 33.84
CA PHE A 57 -0.36 -33.68 35.15
C PHE A 57 -0.59 -32.21 35.45
N ARG A 58 -0.95 -31.94 36.71
CA ARG A 58 -0.95 -30.55 37.20
C ARG A 58 0.47 -30.07 37.44
N MET A 59 1.38 -30.97 37.81
CA MET A 59 2.71 -30.58 38.25
C MET A 59 3.48 -29.94 37.11
N GLU A 60 4.18 -28.85 37.43
CA GLU A 60 4.92 -28.09 36.41
C GLU A 60 6.12 -28.89 35.89
N LYS A 61 7.06 -29.20 36.78
CA LYS A 61 8.29 -29.86 36.34
C LYS A 61 8.10 -31.33 36.03
N LEU A 62 7.03 -31.97 36.54
CA LEU A 62 6.74 -33.33 36.14
C LEU A 62 6.16 -33.39 34.72
N ASN A 63 5.46 -32.33 34.30
CA ASN A 63 5.06 -32.22 32.90
C ASN A 63 6.27 -32.16 31.99
N GLN A 64 7.30 -31.43 32.40
CA GLN A 64 8.53 -31.34 31.61
C GLN A 64 9.20 -32.70 31.47
N LEU A 65 9.30 -33.44 32.59
CA LEU A 65 9.90 -34.77 32.55
C LEU A 65 9.08 -35.72 31.69
N TRP A 66 7.75 -35.62 31.77
CA TRP A 66 6.87 -36.54 31.07
C TRP A 66 7.01 -36.41 29.56
N GLU A 67 7.40 -35.23 29.07
CA GLU A 67 7.55 -35.04 27.63
C GLU A 67 8.76 -35.78 27.08
N LYS A 68 9.81 -35.91 27.88
CA LYS A 68 11.01 -36.61 27.41
C LYS A 68 10.71 -38.06 27.04
N ALA A 69 9.96 -38.76 27.90
CA ALA A 69 9.70 -40.18 27.67
C ALA A 69 8.93 -40.41 26.38
N LYS A 70 8.06 -39.48 26.01
CA LYS A 70 7.42 -39.54 24.70
C LYS A 70 8.44 -39.37 23.59
N ARG A 71 9.42 -38.49 23.80
CA ARG A 71 10.45 -38.25 22.78
C ARG A 71 11.41 -39.42 22.67
N LEU A 72 11.59 -40.20 23.74
CA LEU A 72 12.48 -41.34 23.72
C LEU A 72 11.82 -42.62 23.22
N HIS A 73 10.49 -42.63 23.09
CA HIS A 73 9.75 -43.80 22.64
C HIS A 73 10.10 -45.04 23.48
N LEU A 74 10.01 -44.89 24.80
CA LEU A 74 10.31 -46.00 25.69
C LEU A 74 9.23 -47.08 25.60
N SER A 75 9.42 -48.14 26.37
CA SER A 75 8.49 -49.27 26.36
C SER A 75 7.11 -48.81 26.81
N PRO A 76 6.07 -49.02 25.99
CA PRO A 76 4.76 -48.44 26.30
C PRO A 76 4.18 -48.88 27.64
N VAL A 77 4.36 -50.14 28.03
CA VAL A 77 3.88 -50.59 29.33
C VAL A 77 4.64 -49.90 30.45
N ARG A 78 5.98 -49.85 30.34
CA ARG A 78 6.77 -49.08 31.29
C ARG A 78 6.50 -47.60 31.15
N LEU A 79 6.23 -47.14 29.91
CA LEU A 79 5.85 -45.75 29.70
C LEU A 79 4.51 -45.44 30.38
N ALA A 80 3.54 -46.36 30.26
CA ALA A 80 2.26 -46.17 30.94
C ALA A 80 2.43 -46.19 32.46
N GLU A 81 3.26 -47.11 32.97
CA GLU A 81 3.54 -47.12 34.39
C GLU A 81 4.28 -45.86 34.83
N LEU A 82 5.10 -45.30 33.93
CA LEU A 82 5.79 -44.05 34.25
C LEU A 82 4.79 -42.91 34.47
N HIS A 83 3.72 -42.87 33.68
CA HIS A 83 2.66 -41.90 33.94
C HIS A 83 1.99 -42.20 35.27
N SER A 84 1.83 -43.48 35.60
CA SER A 84 1.09 -43.88 36.80
C SER A 84 1.75 -43.36 38.06
N ASP A 85 3.05 -43.64 38.23
CA ASP A 85 3.73 -43.20 39.44
C ASP A 85 3.96 -41.70 39.45
N LEU A 86 4.13 -41.07 38.29
CA LEU A 86 4.23 -39.62 38.24
C LEU A 86 2.92 -38.97 38.66
N LYS A 87 1.79 -39.55 38.25
CA LYS A 87 0.49 -39.06 38.71
C LYS A 87 0.35 -39.25 40.22
N ILE A 88 0.87 -40.36 40.74
CA ILE A 88 0.90 -40.57 42.19
C ILE A 88 1.84 -39.58 42.86
N GLN A 89 3.02 -39.37 42.26
CA GLN A 89 3.99 -38.46 42.86
C GLN A 89 3.49 -37.02 42.89
N GLU A 90 2.80 -36.58 41.83
CA GLU A 90 2.32 -35.19 41.79
C GLU A 90 1.38 -34.89 42.94
N ARG A 91 0.54 -35.86 43.31
CA ARG A 91 -0.28 -35.71 44.51
C ARG A 91 0.61 -35.57 45.75
N ASP A 92 1.66 -36.39 45.84
CA ASP A 92 2.60 -36.27 46.95
C ASP A 92 3.37 -34.96 46.88
N GLU A 93 3.82 -34.57 45.67
CA GLU A 93 4.58 -33.34 45.53
C GLU A 93 3.75 -32.12 45.91
N LEU A 94 2.51 -32.06 45.46
CA LEU A 94 1.63 -30.96 45.87
C LEU A 94 1.34 -31.02 47.36
N ASN A 95 1.19 -32.24 47.91
CA ASN A 95 1.00 -32.39 49.34
C ASN A 95 2.21 -31.86 50.11
N TRP A 96 3.41 -32.16 49.62
CA TRP A 96 4.62 -31.68 50.27
C TRP A 96 4.66 -30.16 50.33
N LYS A 97 4.47 -29.51 49.19
CA LYS A 97 4.57 -28.06 49.17
C LYS A 97 3.29 -27.39 49.66
N LYS A 98 2.20 -28.15 49.80
CA LYS A 98 1.09 -27.67 50.60
C LYS A 98 1.51 -27.45 52.05
N LEU A 99 2.36 -28.35 52.58
CA LEU A 99 2.89 -28.16 53.91
C LEU A 99 3.81 -26.94 53.98
N LYS A 100 4.49 -26.61 52.87
CA LYS A 100 5.37 -25.46 52.86
C LYS A 100 4.61 -24.16 53.11
N VAL A 101 3.43 -24.02 52.51
CA VAL A 101 2.60 -22.85 52.80
C VAL A 101 1.87 -23.03 54.13
N GLU A 102 1.69 -24.27 54.58
CA GLU A 102 1.08 -24.54 55.87
C GLU A 102 2.10 -24.67 57.00
N GLY A 103 3.39 -24.67 56.68
CA GLY A 103 4.42 -24.80 57.70
C GLY A 103 4.36 -26.09 58.49
N LEU A 104 4.00 -27.20 57.84
CA LEU A 104 3.78 -28.46 58.52
C LEU A 104 4.97 -29.42 58.41
N ASP A 105 6.11 -28.95 57.91
CA ASP A 105 7.32 -29.75 57.87
C ASP A 105 8.54 -28.85 58.01
N GLY A 106 9.51 -29.33 58.77
CA GLY A 106 10.77 -28.63 58.93
C GLY A 106 11.95 -29.57 59.02
N ASP A 107 11.71 -30.85 58.76
CA ASP A 107 12.73 -31.88 58.86
C ASP A 107 13.23 -32.38 57.50
N GLY A 108 12.64 -31.89 56.41
CA GLY A 108 13.06 -32.29 55.08
C GLY A 108 12.57 -33.65 54.60
N GLU A 109 11.70 -34.31 55.37
CA GLU A 109 11.21 -35.62 54.97
C GLU A 109 10.42 -35.55 53.67
N LYS A 110 9.47 -34.62 53.58
CA LYS A 110 8.55 -34.60 52.46
C LYS A 110 9.21 -34.14 51.17
N GLU A 111 10.46 -33.66 51.23
CA GLU A 111 11.22 -33.39 50.01
C GLU A 111 12.04 -34.61 49.61
N ALA A 112 12.74 -35.21 50.58
CA ALA A 112 13.64 -36.33 50.28
C ALA A 112 12.88 -37.53 49.74
N LYS A 113 11.74 -37.85 50.35
CA LYS A 113 10.99 -39.04 49.97
C LYS A 113 10.58 -38.99 48.50
N LEU A 114 10.31 -37.79 47.99
CA LEU A 114 9.85 -37.62 46.61
C LEU A 114 11.00 -37.57 45.62
N VAL A 115 12.10 -36.91 45.99
CA VAL A 115 13.24 -36.82 45.08
C VAL A 115 13.97 -38.16 45.01
N HIS A 116 13.86 -38.99 46.05
CA HIS A 116 14.48 -40.31 46.01
C HIS A 116 13.90 -41.14 44.89
N ASN A 117 12.58 -41.23 44.81
CA ASN A 117 11.94 -41.97 43.73
C ASN A 117 12.22 -41.31 42.38
N LEU A 118 12.17 -39.99 42.32
CA LEU A 118 12.42 -39.28 41.07
C LEU A 118 13.81 -39.57 40.54
N ASN A 119 14.82 -39.56 41.42
CA ASN A 119 16.19 -39.81 41.01
C ASN A 119 16.35 -41.21 40.44
N VAL A 120 15.71 -42.20 41.06
CA VAL A 120 15.74 -43.55 40.51
C VAL A 120 14.96 -43.63 39.21
N ILE A 121 13.84 -42.91 39.11
CA ILE A 121 13.10 -42.83 37.86
C ILE A 121 13.98 -42.25 36.74
N LEU A 122 14.90 -41.35 37.09
CA LEU A 122 15.86 -40.87 36.10
C LEU A 122 16.71 -42.00 35.54
N ALA A 123 16.93 -43.06 36.33
CA ALA A 123 17.73 -44.18 35.87
C ALA A 123 16.92 -45.16 35.04
N ARG A 124 15.72 -45.51 35.51
CA ARG A 124 14.89 -46.48 34.81
C ARG A 124 14.30 -45.90 33.53
N TYR A 125 14.39 -44.58 33.32
CA TYR A 125 13.83 -43.94 32.15
C TYR A 125 14.80 -42.97 31.47
N GLY A 126 16.09 -43.01 31.83
CA GLY A 126 17.08 -42.15 31.22
C GLY A 126 17.00 -40.69 31.58
N LEU A 127 15.98 -40.27 32.32
CA LEU A 127 15.77 -38.86 32.62
C LEU A 127 16.78 -38.37 33.66
N PRO B 1224 -17.37 46.52 -12.57
CA PRO B 1224 -18.02 45.88 -11.43
C PRO B 1224 -19.22 45.03 -11.84
N THR B 1225 -19.36 43.84 -11.28
CA THR B 1225 -20.44 42.94 -11.65
C THR B 1225 -20.88 42.20 -10.40
N ARG B 1226 -22.11 41.74 -10.39
CA ARG B 1226 -22.49 40.70 -9.44
C ARG B 1226 -21.99 39.35 -9.94
N PRO B 1227 -21.28 38.58 -9.14
CA PRO B 1227 -20.70 37.33 -9.64
C PRO B 1227 -21.77 36.42 -10.18
N PRO B 1228 -21.46 35.64 -11.24
CA PRO B 1228 -22.51 34.89 -11.95
C PRO B 1228 -23.37 34.02 -11.05
N GLY B 1229 -24.68 34.28 -11.06
CA GLY B 1229 -25.62 33.56 -10.23
C GLY B 1229 -25.53 33.82 -8.75
N MET B 1230 -24.46 34.46 -8.28
CA MET B 1230 -24.29 34.74 -6.87
C MET B 1230 -24.85 36.12 -6.55
N CYS B 1231 -24.64 36.58 -5.32
CA CYS B 1231 -25.00 37.92 -4.91
C CYS B 1231 -23.75 38.61 -4.38
N HIS B 1232 -23.80 39.93 -4.29
CA HIS B 1232 -22.67 40.68 -3.76
C HIS B 1232 -22.42 40.28 -2.32
N LEU B 1233 -21.18 40.48 -1.87
CA LEU B 1233 -20.80 40.06 -0.53
C LEU B 1233 -21.57 40.81 0.55
N ASP B 1234 -22.23 41.92 0.19
CA ASP B 1234 -23.02 42.71 1.13
C ASP B 1234 -24.52 42.47 0.98
N GLU B 1235 -24.91 41.31 0.45
CA GLU B 1235 -26.32 41.03 0.23
C GLU B 1235 -26.64 39.60 0.65
N PHE B 1236 -27.91 39.37 0.93
CA PHE B 1236 -28.45 38.05 1.18
C PHE B 1236 -29.23 37.56 -0.04
N GLN B 1237 -29.27 36.26 -0.22
CA GLN B 1237 -29.92 35.64 -1.38
C GLN B 1237 -31.16 34.89 -0.92
N CYS B 1238 -32.31 35.27 -1.47
CA CYS B 1238 -33.54 34.53 -1.22
C CYS B 1238 -33.47 33.17 -1.92
N GLN B 1239 -33.68 32.10 -1.15
CA GLN B 1239 -33.46 30.77 -1.70
C GLN B 1239 -34.56 30.31 -2.64
N GLY B 1240 -35.75 30.91 -2.55
CA GLY B 1240 -36.86 30.51 -3.38
C GLY B 1240 -36.62 30.75 -4.86
N ASP B 1241 -36.10 31.92 -5.21
CA ASP B 1241 -35.91 32.31 -6.61
C ASP B 1241 -34.47 32.71 -6.89
N GLY B 1242 -33.77 33.27 -5.91
CA GLY B 1242 -32.42 33.76 -6.11
C GLY B 1242 -32.29 35.26 -6.17
N THR B 1243 -33.36 35.99 -5.90
CA THR B 1243 -33.30 37.45 -5.89
C THR B 1243 -32.41 37.93 -4.75
N CYS B 1244 -31.45 38.80 -5.07
CA CYS B 1244 -30.55 39.30 -4.06
C CYS B 1244 -31.18 40.43 -3.27
N ILE B 1245 -31.10 40.33 -1.95
CA ILE B 1245 -31.64 41.35 -1.05
C ILE B 1245 -30.55 41.77 -0.08
N PRO B 1246 -30.62 42.99 0.44
CA PRO B 1246 -29.58 43.48 1.35
C PRO B 1246 -29.48 42.61 2.60
N ASN B 1247 -28.26 42.48 3.12
CA ASN B 1247 -27.98 41.68 4.31
C ASN B 1247 -28.94 41.95 5.45
N ALA B 2861 -16.00 -36.67 73.31
CA ALA B 2861 -15.96 -38.05 72.85
C ALA B 2861 -15.39 -38.13 71.43
N SER B 2862 -14.59 -37.13 71.07
CA SER B 2862 -13.96 -37.06 69.75
C SER B 2862 -12.69 -37.88 69.65
N HIS B 2863 -12.38 -38.67 70.67
CA HIS B 2863 -11.15 -39.49 70.69
C HIS B 2863 -9.90 -38.64 70.48
N THR B 2864 -9.86 -37.50 71.19
CA THR B 2864 -8.68 -36.63 71.26
C THR B 2864 -8.39 -36.07 69.86
N CYS B 2865 -9.36 -36.17 68.97
CA CYS B 2865 -9.22 -35.63 67.62
C CYS B 2865 -9.92 -34.27 67.55
N ARG B 2866 -9.24 -33.23 68.02
CA ARG B 2866 -9.72 -31.86 67.81
C ARG B 2866 -8.63 -30.90 67.36
N SER B 2867 -7.37 -31.29 67.38
CA SER B 2867 -6.30 -30.40 66.91
C SER B 2867 -6.36 -30.26 65.39
N ASN B 2868 -6.94 -29.15 64.93
CA ASN B 2868 -7.07 -28.86 63.50
C ASN B 2868 -7.89 -29.92 62.76
N GLU B 2869 -8.80 -30.58 63.48
CA GLU B 2869 -9.61 -31.63 62.89
C GLU B 2869 -11.00 -31.61 63.51
N PHE B 2870 -11.97 -32.13 62.75
CA PHE B 2870 -13.35 -32.27 63.19
C PHE B 2870 -13.82 -33.69 62.92
N GLN B 2871 -15.01 -34.01 63.41
CA GLN B 2871 -15.50 -35.39 63.37
C GLN B 2871 -16.19 -35.70 62.05
N CYS B 2872 -16.07 -36.97 61.62
CA CYS B 2872 -16.78 -37.50 60.47
C CYS B 2872 -18.03 -38.28 60.86
N LEU B 2873 -18.45 -38.20 62.13
CA LEU B 2873 -19.57 -38.97 62.68
C LEU B 2873 -19.28 -40.46 62.68
N SER B 2874 -18.06 -40.85 62.31
CA SER B 2874 -17.67 -42.25 62.39
C SER B 2874 -16.63 -42.45 63.50
N PRO B 2875 -16.61 -43.62 64.14
CA PRO B 2875 -15.71 -43.82 65.28
C PRO B 2875 -14.25 -44.01 64.90
N GLN B 2876 -13.91 -43.81 63.64
CA GLN B 2876 -12.53 -43.96 63.21
C GLN B 2876 -12.09 -42.88 62.23
N ARG B 2877 -12.96 -41.95 61.84
CA ARG B 2877 -12.65 -40.97 60.81
C ARG B 2877 -12.84 -39.57 61.37
N CYS B 2878 -12.02 -38.63 60.87
CA CYS B 2878 -11.94 -37.28 61.42
C CYS B 2878 -11.73 -36.28 60.30
N ILE B 2879 -12.64 -35.32 60.18
CA ILE B 2879 -12.52 -34.26 59.16
C ILE B 2879 -11.41 -33.29 59.54
N PRO B 2880 -10.37 -33.13 58.72
CA PRO B 2880 -9.44 -32.01 58.94
C PRO B 2880 -10.13 -30.68 58.63
N SER B 2881 -9.67 -29.63 59.30
CA SER B 2881 -10.34 -28.33 59.18
C SER B 2881 -10.26 -27.80 57.76
N TYR B 2882 -11.23 -26.96 57.41
CA TYR B 2882 -11.38 -26.32 56.10
C TYR B 2882 -11.82 -27.32 55.03
N TRP B 2883 -11.90 -28.61 55.36
CA TRP B 2883 -12.26 -29.60 54.37
C TRP B 2883 -13.77 -29.83 54.29
N PHE B 2884 -14.52 -29.46 55.33
CA PHE B 2884 -15.97 -29.49 55.23
C PHE B 2884 -16.44 -28.41 54.26
N CYS B 2885 -17.42 -28.76 53.42
CA CYS B 2885 -17.91 -27.88 52.37
C CYS B 2885 -16.81 -27.48 51.38
N ASP B 2886 -15.85 -28.38 51.16
CA ASP B 2886 -14.85 -28.16 50.12
C ASP B 2886 -15.39 -28.51 48.74
N GLY B 2887 -16.48 -29.27 48.67
CA GLY B 2887 -17.05 -29.72 47.41
C GLY B 2887 -16.92 -31.20 47.17
N GLU B 2888 -16.07 -31.89 47.93
CA GLU B 2888 -15.88 -33.32 47.80
C GLU B 2888 -16.11 -34.00 49.14
N ALA B 2889 -16.57 -35.25 49.09
CA ALA B 2889 -16.70 -36.05 50.30
C ALA B 2889 -15.35 -36.66 50.65
N ASP B 2890 -14.40 -35.82 51.05
CA ASP B 2890 -13.05 -36.26 51.37
C ASP B 2890 -13.02 -37.23 52.54
N CYS B 2891 -13.97 -37.11 53.48
CA CYS B 2891 -14.16 -38.08 54.53
C CYS B 2891 -15.60 -38.56 54.52
N ALA B 2892 -15.82 -39.77 55.03
CA ALA B 2892 -17.16 -40.33 55.17
C ALA B 2892 -17.85 -39.61 56.32
N ASP B 2893 -18.34 -38.41 56.03
CA ASP B 2893 -18.88 -37.51 57.03
C ASP B 2893 -20.26 -37.05 56.62
N GLY B 2894 -21.21 -37.07 57.56
CA GLY B 2894 -22.55 -36.57 57.31
C GLY B 2894 -22.71 -35.08 57.48
N SER B 2895 -21.73 -34.40 58.08
CA SER B 2895 -21.76 -32.95 58.23
C SER B 2895 -20.93 -32.22 57.19
N ASP B 2896 -20.37 -32.94 56.22
CA ASP B 2896 -19.51 -32.31 55.21
C ASP B 2896 -20.29 -31.28 54.39
N GLU B 2897 -21.27 -31.75 53.61
CA GLU B 2897 -22.01 -30.84 52.75
C GLU B 2897 -23.51 -31.10 52.79
N PRO B 2898 -24.18 -30.94 53.95
CA PRO B 2898 -25.65 -31.09 53.97
C PRO B 2898 -26.36 -29.79 53.64
N ASP B 2899 -25.90 -29.11 52.58
CA ASP B 2899 -26.39 -27.77 52.23
C ASP B 2899 -26.25 -26.79 53.39
N THR B 2900 -25.21 -26.98 54.21
CA THR B 2900 -24.84 -26.00 55.23
C THR B 2900 -23.76 -25.05 54.75
N CYS B 2901 -23.39 -25.12 53.47
CA CYS B 2901 -22.24 -24.41 52.95
C CYS B 2901 -22.62 -22.96 52.62
N GLY B 2902 -21.89 -22.02 53.21
CA GLY B 2902 -21.95 -20.63 52.79
C GLY B 2902 -20.72 -20.29 51.98
N HIS B 2903 -20.92 -19.91 50.72
CA HIS B 2903 -19.79 -19.76 49.80
C HIS B 2903 -18.84 -18.66 50.24
N SER B 2904 -19.36 -17.47 50.52
CA SER B 2904 -18.52 -16.32 50.86
C SER B 2904 -19.01 -15.62 52.12
N VAL B 2905 -19.62 -16.37 53.04
CA VAL B 2905 -19.95 -15.79 54.34
C VAL B 2905 -18.69 -15.39 55.09
N ASN B 2906 -17.68 -16.26 55.08
CA ASN B 2906 -16.36 -15.96 55.62
C ASN B 2906 -15.34 -16.21 54.51
N THR B 2907 -14.56 -15.18 54.19
CA THR B 2907 -13.63 -15.24 53.08
C THR B 2907 -12.20 -15.21 53.57
N CYS B 2908 -11.29 -15.68 52.72
CA CYS B 2908 -9.88 -15.73 53.06
C CYS B 2908 -9.30 -14.31 53.14
N ARG B 2909 -8.18 -14.18 53.86
CA ARG B 2909 -7.55 -12.89 54.08
C ARG B 2909 -6.18 -12.84 53.41
N ALA B 2910 -5.50 -11.71 53.59
CA ALA B 2910 -4.23 -11.47 52.92
C ALA B 2910 -3.09 -12.35 53.43
N SER B 2911 -3.24 -12.97 54.59
CA SER B 2911 -2.21 -13.89 55.08
C SER B 2911 -2.04 -15.08 54.15
N GLN B 2912 -3.08 -15.46 53.42
CA GLN B 2912 -3.00 -16.45 52.35
C GLN B 2912 -3.74 -15.83 51.17
N PHE B 2913 -3.00 -15.29 50.21
CA PHE B 2913 -3.58 -14.38 49.22
C PHE B 2913 -4.71 -15.03 48.45
N GLN B 2914 -5.81 -14.29 48.31
CA GLN B 2914 -7.05 -14.83 47.77
C GLN B 2914 -7.08 -14.75 46.24
N CYS B 2915 -7.75 -15.73 45.64
CA CYS B 2915 -7.94 -15.77 44.20
C CYS B 2915 -9.37 -16.09 43.82
N ASP B 2916 -10.08 -16.81 44.69
CA ASP B 2916 -11.48 -17.17 44.46
C ASP B 2916 -12.10 -17.52 45.80
N ASN B 2917 -13.43 -17.60 45.81
CA ASN B 2917 -14.16 -17.89 47.02
C ASN B 2917 -13.77 -19.24 47.58
N GLY B 2918 -13.26 -19.26 48.82
CA GLY B 2918 -12.87 -20.50 49.44
C GLY B 2918 -11.57 -21.09 48.94
N ARG B 2919 -10.82 -20.35 48.13
CA ARG B 2919 -9.56 -20.83 47.58
C ARG B 2919 -8.56 -19.69 47.58
N CYS B 2920 -7.47 -19.84 48.33
CA CYS B 2920 -6.46 -18.80 48.45
C CYS B 2920 -5.09 -19.44 48.61
N ILE B 2921 -4.07 -18.80 48.04
CA ILE B 2921 -2.73 -19.37 48.00
C ILE B 2921 -1.67 -18.26 48.10
N SER B 2922 -0.40 -18.66 48.25
CA SER B 2922 0.71 -17.73 48.29
C SER B 2922 2.00 -18.48 47.93
N GLY B 2923 3.13 -17.77 48.02
CA GLY B 2923 4.40 -18.40 47.69
C GLY B 2923 4.62 -18.46 46.19
N ASN B 2924 5.12 -19.62 45.72
CA ASN B 2924 5.28 -19.81 44.29
C ASN B 2924 4.01 -20.34 43.64
N TRP B 2925 2.96 -20.56 44.44
CA TRP B 2925 1.63 -20.82 43.90
C TRP B 2925 1.22 -19.77 42.87
N VAL B 2926 1.46 -18.49 43.17
CA VAL B 2926 0.87 -17.40 42.40
C VAL B 2926 1.32 -17.35 40.94
N CYS B 2927 2.46 -17.94 40.60
CA CYS B 2927 2.80 -18.13 39.19
C CYS B 2927 3.67 -19.39 39.07
N ASP B 2928 3.03 -20.53 38.89
CA ASP B 2928 3.73 -21.77 38.59
C ASP B 2928 2.99 -22.60 37.55
N GLY B 2929 1.72 -22.28 37.31
CA GLY B 2929 0.89 -23.03 36.39
C GLY B 2929 0.11 -24.18 37.01
N ASP B 2930 0.35 -24.49 38.29
CA ASP B 2930 -0.41 -25.54 38.95
C ASP B 2930 -1.83 -25.09 39.23
N ASN B 2931 -2.76 -26.05 39.27
CA ASN B 2931 -4.16 -25.75 39.59
C ASN B 2931 -4.28 -25.56 41.10
N ASP B 2932 -4.20 -24.29 41.50
CA ASP B 2932 -4.18 -23.95 42.92
C ASP B 2932 -5.54 -23.53 43.44
N CYS B 2933 -6.26 -22.71 42.69
CA CYS B 2933 -7.50 -22.10 43.13
C CYS B 2933 -8.72 -22.91 42.71
N GLY B 2934 -8.52 -24.08 42.10
CA GLY B 2934 -9.60 -24.86 41.55
C GLY B 2934 -9.98 -24.48 40.13
N ASP B 2935 -9.54 -23.31 39.65
CA ASP B 2935 -9.87 -22.83 38.32
C ASP B 2935 -8.69 -22.12 37.65
N MET B 2936 -7.48 -22.27 38.21
CA MET B 2936 -6.27 -21.60 37.75
C MET B 2936 -6.38 -20.08 37.82
N SER B 2937 -7.38 -19.56 38.53
CA SER B 2937 -7.45 -18.12 38.80
C SER B 2937 -6.41 -17.68 39.81
N ASP B 2938 -5.74 -18.61 40.48
CA ASP B 2938 -4.67 -18.27 41.40
C ASP B 2938 -3.57 -17.49 40.72
N GLU B 2939 -3.34 -17.77 39.44
CA GLU B 2939 -2.41 -17.01 38.62
C GLU B 2939 -3.04 -16.34 37.41
N ASP B 2940 -4.02 -16.97 36.75
CA ASP B 2940 -4.56 -16.49 35.47
C ASP B 2940 -3.45 -16.25 34.44
N GLN B 2941 -2.26 -16.75 34.75
CA GLN B 2941 -1.00 -16.51 34.05
C GLN B 2941 -0.84 -15.04 33.67
N ARG B 2942 -1.46 -14.15 34.45
CA ARG B 2942 -1.39 -12.73 34.20
C ARG B 2942 -0.82 -11.94 35.38
N HIS B 2943 -1.41 -12.09 36.56
CA HIS B 2943 -1.06 -11.23 37.68
C HIS B 2943 0.10 -11.81 38.47
N HIS B 2944 1.07 -10.96 38.81
CA HIS B 2944 2.29 -11.30 39.52
C HIS B 2944 3.18 -12.26 38.74
N CYS B 2945 2.88 -12.47 37.45
CA CYS B 2945 3.73 -13.28 36.58
C CYS B 2945 4.71 -12.34 35.86
N GLU B 2946 5.37 -12.85 34.83
CA GLU B 2946 6.32 -12.07 34.02
C GLU B 2946 7.49 -11.54 34.86
N LEU B 2947 7.89 -12.31 35.87
CA LEU B 2947 9.07 -11.99 36.67
C LEU B 2947 9.49 -13.26 37.39
N GLN B 2948 10.67 -13.76 37.05
CA GLN B 2948 11.09 -15.08 37.50
C GLN B 2948 12.62 -15.15 37.55
N ASN B 2949 13.11 -16.18 38.23
CA ASN B 2949 14.52 -16.53 38.22
C ASN B 2949 14.63 -18.04 38.34
N CYS B 2950 15.76 -18.58 37.90
CA CYS B 2950 16.00 -20.02 37.90
C CYS B 2950 17.34 -20.31 38.54
N SER B 2951 17.41 -21.44 39.24
CA SER B 2951 18.57 -21.75 40.07
C SER B 2951 19.76 -22.20 39.21
N SER B 2952 20.94 -22.21 39.85
CA SER B 2952 22.16 -22.60 39.15
C SER B 2952 22.25 -24.10 38.93
N THR B 2953 21.59 -24.91 39.76
CA THR B 2953 21.52 -26.34 39.50
C THR B 2953 20.80 -26.66 38.20
N GLN B 2954 20.03 -25.71 37.68
CA GLN B 2954 19.43 -25.79 36.36
C GLN B 2954 20.13 -24.81 35.42
N PHE B 2955 19.67 -24.79 34.17
CA PHE B 2955 20.08 -23.77 33.21
C PHE B 2955 18.84 -23.02 32.74
N THR B 2956 18.89 -21.69 32.81
CA THR B 2956 17.73 -20.85 32.52
C THR B 2956 17.76 -20.45 31.05
N CYS B 2957 16.88 -21.05 30.26
CA CYS B 2957 16.65 -20.61 28.88
C CYS B 2957 15.62 -19.47 28.93
N VAL B 2958 16.12 -18.28 29.23
CA VAL B 2958 15.27 -17.14 29.53
C VAL B 2958 14.50 -16.66 28.29
N ASN B 2959 14.89 -17.14 27.12
CA ASN B 2959 14.33 -16.63 25.87
C ASN B 2959 13.01 -17.31 25.53
N SER B 2960 12.31 -17.84 26.53
CA SER B 2960 11.05 -18.54 26.33
C SER B 2960 9.96 -17.87 27.14
N ARG B 2961 8.83 -17.59 26.47
CA ARG B 2961 7.65 -17.02 27.11
C ARG B 2961 6.94 -18.08 27.96
N PRO B 2962 6.12 -17.66 28.92
CA PRO B 2962 5.60 -18.60 29.95
C PRO B 2962 4.98 -19.86 29.37
N PRO B 2963 4.32 -19.81 28.21
CA PRO B 2963 3.89 -21.08 27.58
C PRO B 2963 5.04 -22.03 27.26
N ASN B 2964 6.28 -21.56 27.22
CA ASN B 2964 7.45 -22.41 27.09
C ASN B 2964 8.34 -22.24 28.31
N ARG B 2965 8.77 -23.35 28.90
CA ARG B 2965 9.54 -23.30 30.14
C ARG B 2965 10.88 -22.63 29.93
N ARG B 2966 11.37 -21.96 30.97
CA ARG B 2966 12.59 -21.19 30.91
C ARG B 2966 13.63 -21.64 31.94
N CYS B 2967 13.57 -22.90 32.39
CA CYS B 2967 14.51 -23.39 33.39
C CYS B 2967 14.50 -24.91 33.34
N ILE B 2968 15.65 -25.51 32.98
CA ILE B 2968 15.76 -26.95 32.86
C ILE B 2968 17.00 -27.42 33.62
N PRO B 2969 16.96 -28.60 34.25
CA PRO B 2969 18.08 -29.04 35.07
C PRO B 2969 19.37 -29.22 34.26
N GLN B 2970 20.50 -29.06 34.94
CA GLN B 2970 21.80 -29.20 34.29
C GLN B 2970 21.99 -30.58 33.68
N TYR B 2971 21.37 -31.61 34.26
CA TYR B 2971 21.42 -32.93 33.65
C TYR B 2971 20.79 -32.91 32.26
N TRP B 2972 19.74 -32.10 32.09
CA TRP B 2972 19.09 -32.02 30.79
C TRP B 2972 19.96 -31.32 29.76
N VAL B 2973 20.89 -30.47 30.20
CA VAL B 2973 21.77 -29.75 29.29
C VAL B 2973 22.64 -30.74 28.54
N CYS B 2974 22.47 -30.79 27.22
CA CYS B 2974 23.20 -31.73 26.35
C CYS B 2974 22.98 -33.18 26.77
N ASP B 2975 21.79 -33.50 27.26
CA ASP B 2975 21.48 -34.90 27.56
C ASP B 2975 21.23 -35.71 26.30
N GLY B 2976 20.86 -35.06 25.20
CA GLY B 2976 20.54 -35.75 23.96
C GLY B 2976 19.37 -35.16 23.21
N ASP B 2977 18.50 -34.42 23.90
CA ASP B 2977 17.35 -33.79 23.27
C ASP B 2977 17.00 -32.51 24.00
N ALA B 2978 16.46 -31.56 23.25
CA ALA B 2978 16.20 -30.21 23.74
C ALA B 2978 14.83 -30.11 24.42
N ASP B 2979 14.70 -29.10 25.29
CA ASP B 2979 13.46 -28.89 26.03
C ASP B 2979 12.90 -27.47 25.94
N CYS B 2980 13.72 -26.47 25.58
CA CYS B 2980 13.24 -25.11 25.40
C CYS B 2980 13.04 -24.82 23.92
N SER B 2981 12.00 -24.04 23.62
CA SER B 2981 11.83 -23.55 22.25
C SER B 2981 12.99 -22.67 21.83
N ASP B 2982 13.64 -22.00 22.80
CA ASP B 2982 14.88 -21.31 22.53
C ASP B 2982 15.95 -22.29 22.04
N ALA B 2983 15.97 -23.50 22.61
CA ALA B 2983 16.78 -24.62 22.16
C ALA B 2983 18.28 -24.35 22.24
N LEU B 2984 18.73 -23.55 23.19
CA LEU B 2984 20.16 -23.46 23.44
C LEU B 2984 20.68 -24.71 24.14
N ASP B 2985 19.78 -25.58 24.59
CA ASP B 2985 20.09 -26.79 25.35
C ASP B 2985 21.23 -27.59 24.72
N GLU B 2986 21.02 -28.09 23.50
CA GLU B 2986 22.00 -28.97 22.87
C GLU B 2986 23.19 -28.22 22.29
N LEU B 2987 23.16 -26.88 22.27
CA LEU B 2987 24.24 -26.11 21.68
C LEU B 2987 25.05 -25.32 22.70
N GLN B 2988 24.82 -25.52 24.00
CA GLN B 2988 25.61 -24.85 25.03
C GLN B 2988 26.93 -25.59 25.20
N ASN B 2989 27.94 -25.18 24.41
CA ASN B 2989 29.31 -25.70 24.53
C ASN B 2989 29.33 -27.22 24.44
N CYS B 2990 28.68 -27.76 23.41
CA CYS B 2990 28.64 -29.20 23.18
C CYS B 2990 28.92 -29.49 21.71
N THR B 2991 29.47 -30.68 21.47
CA THR B 2991 30.02 -31.03 20.16
C THR B 2991 28.92 -31.56 19.24
N MET B 2992 29.33 -32.00 18.05
CA MET B 2992 28.44 -32.51 17.03
C MET B 2992 29.14 -33.64 16.28
N ARG B 2993 28.42 -34.23 15.33
CA ARG B 2993 28.97 -35.27 14.47
C ARG B 2993 28.60 -34.98 13.03
N THR B 2994 29.05 -35.88 12.14
CA THR B 2994 28.80 -35.71 10.71
C THR B 2994 27.48 -36.34 10.29
N CYS B 2995 26.40 -35.98 10.99
CA CYS B 2995 25.03 -36.35 10.63
C CYS B 2995 24.82 -37.86 10.55
N SER B 2996 23.76 -38.26 9.84
CA SER B 2996 23.39 -39.65 9.68
C SER B 2996 22.66 -39.81 8.35
N ALA B 2997 22.58 -41.07 7.90
CA ALA B 2997 21.95 -41.34 6.61
C ALA B 2997 20.47 -40.96 6.60
N GLY B 2998 19.75 -41.30 7.67
CA GLY B 2998 18.33 -41.01 7.75
C GLY B 2998 17.95 -39.75 8.48
N GLU B 2999 18.89 -38.83 8.69
CA GLU B 2999 18.64 -37.61 9.45
C GLU B 2999 18.71 -36.39 8.54
N PHE B 3000 18.16 -35.29 9.04
CA PHE B 3000 18.09 -34.03 8.31
C PHE B 3000 19.00 -33.02 8.97
N SER B 3001 19.74 -32.27 8.17
CA SER B 3001 20.68 -31.28 8.68
C SER B 3001 19.95 -29.97 8.95
N CYS B 3002 19.83 -29.61 10.23
CA CYS B 3002 19.26 -28.32 10.58
C CYS B 3002 20.30 -27.21 10.35
N ALA B 3003 19.79 -25.98 10.24
CA ALA B 3003 20.66 -24.84 9.98
C ALA B 3003 21.59 -24.53 11.15
N ASN B 3004 21.29 -25.03 12.34
CA ASN B 3004 22.12 -24.75 13.51
C ASN B 3004 23.21 -25.82 13.67
N GLY B 3005 23.57 -26.46 12.56
CA GLY B 3005 24.66 -27.42 12.60
C GLY B 3005 24.34 -28.72 13.32
N ARG B 3006 23.07 -29.07 13.43
CA ARG B 3006 22.67 -30.27 14.13
C ARG B 3006 21.76 -31.10 13.23
N CYS B 3007 21.77 -32.41 13.44
CA CYS B 3007 21.03 -33.33 12.60
C CYS B 3007 19.96 -34.06 13.40
N VAL B 3008 18.82 -34.30 12.74
CA VAL B 3008 17.67 -34.94 13.35
C VAL B 3008 16.95 -35.72 12.26
N ARG B 3009 16.28 -36.80 12.66
CA ARG B 3009 15.72 -37.73 11.68
C ARG B 3009 14.68 -37.02 10.81
N GLN B 3010 14.62 -37.41 9.54
CA GLN B 3010 13.79 -36.73 8.55
C GLN B 3010 12.30 -36.85 8.82
N SER B 3011 11.88 -37.73 9.74
CA SER B 3011 10.46 -37.87 10.03
C SER B 3011 9.89 -36.66 10.75
N PHE B 3012 10.74 -35.79 11.30
CA PHE B 3012 10.26 -34.59 11.98
C PHE B 3012 10.11 -33.38 11.07
N ARG B 3013 10.78 -33.36 9.92
CA ARG B 3013 10.70 -32.21 9.05
C ARG B 3013 9.32 -32.12 8.39
N CYS B 3014 8.90 -30.89 8.11
CA CYS B 3014 7.61 -30.60 7.46
C CYS B 3014 6.43 -31.16 8.25
N ASP B 3015 6.51 -31.14 9.58
CA ASP B 3015 5.43 -31.62 10.42
C ASP B 3015 4.76 -30.51 11.22
N ARG B 3016 5.09 -29.24 10.93
CA ARG B 3016 4.60 -28.08 11.66
C ARG B 3016 5.02 -28.12 13.13
N ARG B 3017 6.30 -28.41 13.41
CA ARG B 3017 6.82 -28.43 14.76
C ARG B 3017 8.28 -28.02 14.76
N ASN B 3018 8.69 -27.34 15.83
CA ASN B 3018 10.04 -26.82 15.96
C ASN B 3018 10.96 -27.87 16.57
N ASP B 3019 11.46 -28.75 15.70
CA ASP B 3019 12.24 -29.90 16.16
C ASP B 3019 13.72 -29.61 16.36
N CYS B 3020 14.22 -28.44 15.95
CA CYS B 3020 15.58 -28.06 16.32
C CYS B 3020 15.70 -26.58 16.68
N GLY B 3021 14.62 -25.96 17.15
CA GLY B 3021 14.68 -24.64 17.73
C GLY B 3021 14.50 -23.48 16.76
N ASP B 3022 15.15 -23.53 15.61
CA ASP B 3022 15.14 -22.41 14.67
C ASP B 3022 14.18 -22.63 13.50
N TYR B 3023 13.31 -23.64 13.57
CA TYR B 3023 12.38 -23.98 12.49
C TYR B 3023 13.10 -24.32 11.19
N SER B 3024 14.40 -24.66 11.27
CA SER B 3024 15.16 -24.95 10.06
C SER B 3024 14.57 -26.14 9.31
N ASP B 3025 14.02 -27.12 10.05
CA ASP B 3025 13.35 -28.24 9.42
C ASP B 3025 12.04 -27.86 8.78
N GLU B 3026 11.54 -26.65 9.02
CA GLU B 3026 10.25 -26.22 8.50
C GLU B 3026 10.36 -25.26 7.32
N ARG B 3027 11.56 -24.81 6.97
CA ARG B 3027 11.70 -23.92 5.83
C ARG B 3027 11.42 -24.67 4.53
N GLY B 3028 10.65 -24.04 3.65
CA GLY B 3028 10.35 -24.62 2.35
C GLY B 3028 9.57 -25.91 2.39
N CYS B 3029 8.63 -26.04 3.32
CA CYS B 3029 7.82 -27.25 3.44
C CYS B 3029 6.48 -27.04 2.77
N SER B 3030 6.17 -27.85 1.77
CA SER B 3030 4.86 -27.83 1.11
C SER B 3030 3.92 -28.78 1.86
N TYR B 3031 3.30 -28.24 2.91
CA TYR B 3031 2.50 -29.00 3.85
C TYR B 3031 1.31 -29.66 3.15
N PRO B 3032 0.92 -30.86 3.58
CA PRO B 3032 -0.24 -31.50 2.95
C PRO B 3032 -1.52 -30.80 3.35
N PRO B 3033 -2.56 -30.90 2.54
CA PRO B 3033 -3.85 -30.29 2.91
C PRO B 3033 -4.54 -31.10 4.00
N CYS B 3034 -5.46 -30.42 4.69
CA CYS B 3034 -6.17 -31.02 5.81
C CYS B 3034 -7.33 -31.88 5.31
N HIS B 3035 -7.72 -32.85 6.14
CA HIS B 3035 -8.76 -33.79 5.78
C HIS B 3035 -10.11 -33.37 6.35
N ALA B 3036 -11.13 -34.21 6.12
CA ALA B 3036 -12.48 -33.88 6.55
C ALA B 3036 -12.59 -33.77 8.07
N ASN B 3037 -11.95 -34.68 8.79
CA ASN B 3037 -12.00 -34.66 10.24
C ASN B 3037 -11.21 -33.50 10.84
N GLN B 3038 -10.49 -32.74 10.03
CA GLN B 3038 -9.66 -31.65 10.49
C GLN B 3038 -10.24 -30.31 10.05
N PHE B 3039 -10.45 -29.42 11.01
CA PHE B 3039 -10.75 -28.02 10.69
C PHE B 3039 -9.48 -27.32 10.22
N THR B 3040 -9.66 -26.37 9.29
CA THR B 3040 -8.55 -25.62 8.73
C THR B 3040 -8.59 -24.20 9.26
N CYS B 3041 -7.48 -23.75 9.85
CA CYS B 3041 -7.40 -22.39 10.38
C CYS B 3041 -6.99 -21.43 9.28
N GLN B 3042 -6.85 -20.15 9.64
CA GLN B 3042 -6.33 -19.17 8.68
C GLN B 3042 -4.93 -19.56 8.22
N ASN B 3043 -4.04 -19.84 9.16
CA ASN B 3043 -2.78 -20.50 8.85
C ASN B 3043 -3.00 -22.00 8.75
N GLY B 3044 -2.18 -22.65 7.92
CA GLY B 3044 -2.27 -24.08 7.77
C GLY B 3044 -1.97 -24.77 9.08
N ARG B 3045 -2.98 -25.37 9.70
CA ARG B 3045 -2.78 -26.05 10.97
C ARG B 3045 -3.39 -27.44 10.97
N CYS B 3046 -4.44 -27.63 10.17
CA CYS B 3046 -5.16 -28.90 10.09
C CYS B 3046 -5.52 -29.43 11.47
N ILE B 3047 -6.26 -28.61 12.21
CA ILE B 3047 -6.64 -28.94 13.58
C ILE B 3047 -7.91 -29.78 13.53
N PRO B 3048 -8.04 -30.79 14.38
CA PRO B 3048 -9.28 -31.60 14.39
C PRO B 3048 -10.48 -30.82 14.92
N ARG B 3049 -11.67 -31.40 14.75
CA ARG B 3049 -12.91 -30.66 14.91
C ARG B 3049 -13.28 -30.42 16.37
N PHE B 3050 -12.68 -31.15 17.30
CA PHE B 3050 -13.08 -31.04 18.70
C PHE B 3050 -12.87 -29.62 19.24
N PHE B 3051 -11.75 -29.00 18.88
CA PHE B 3051 -11.42 -27.70 19.44
C PHE B 3051 -12.19 -26.55 18.80
N VAL B 3052 -12.98 -26.82 17.76
CA VAL B 3052 -13.77 -25.76 17.15
C VAL B 3052 -14.82 -25.30 18.14
N CYS B 3053 -14.82 -24.00 18.44
CA CYS B 3053 -15.71 -23.40 19.43
C CYS B 3053 -15.56 -24.04 20.81
N ASP B 3054 -14.36 -24.52 21.12
CA ASP B 3054 -14.07 -25.02 22.46
C ASP B 3054 -13.64 -23.91 23.41
N GLU B 3055 -13.76 -22.66 22.98
CA GLU B 3055 -13.48 -21.44 23.75
C GLU B 3055 -12.01 -21.31 24.10
N ASP B 3056 -11.14 -22.07 23.47
CA ASP B 3056 -9.69 -21.97 23.67
C ASP B 3056 -9.02 -21.77 22.32
N ASN B 3057 -8.14 -20.77 22.24
CA ASN B 3057 -7.44 -20.49 21.00
C ASN B 3057 -6.40 -21.57 20.73
N ASP B 3058 -6.71 -22.49 19.82
CA ASP B 3058 -5.80 -23.58 19.50
C ASP B 3058 -5.13 -23.42 18.14
N CYS B 3059 -5.71 -22.66 17.21
CA CYS B 3059 -5.05 -22.40 15.94
C CYS B 3059 -3.91 -21.41 16.08
N GLY B 3060 -3.92 -20.58 17.12
CA GLY B 3060 -2.96 -19.50 17.25
C GLY B 3060 -3.48 -18.22 16.65
N ASP B 3061 -4.29 -18.36 15.59
CA ASP B 3061 -4.92 -17.21 14.94
C ASP B 3061 -6.32 -16.95 15.43
N GLY B 3062 -6.87 -17.78 16.31
CA GLY B 3062 -8.25 -17.64 16.69
C GLY B 3062 -9.24 -18.05 15.63
N SER B 3063 -8.78 -18.73 14.58
CA SER B 3063 -9.66 -19.11 13.48
C SER B 3063 -10.67 -20.18 13.91
N ASP B 3064 -10.32 -20.97 14.93
CA ASP B 3064 -11.23 -21.98 15.44
C ASP B 3064 -12.26 -21.42 16.41
N GLU B 3065 -12.15 -20.16 16.79
CA GLU B 3065 -13.09 -19.52 17.70
C GLU B 3065 -13.60 -18.21 17.12
N GLN B 3066 -13.83 -18.17 15.80
CA GLN B 3066 -14.40 -16.99 15.18
C GLN B 3066 -15.81 -16.75 15.68
N GLU B 3067 -16.18 -15.48 15.82
CA GLU B 3067 -17.48 -15.14 16.38
C GLU B 3067 -18.61 -15.63 15.48
N HIS B 3068 -18.41 -15.61 14.16
CA HIS B 3068 -19.44 -16.04 13.23
C HIS B 3068 -19.36 -17.53 12.91
N LEU B 3069 -18.28 -18.20 13.27
CA LEU B 3069 -18.24 -19.65 13.17
C LEU B 3069 -19.05 -20.29 14.30
N CYS B 3070 -18.93 -19.75 15.51
CA CYS B 3070 -19.75 -20.14 16.64
C CYS B 3070 -21.05 -19.36 16.72
N HIS B 3071 -21.52 -18.84 15.58
CA HIS B 3071 -22.69 -17.99 15.51
C HIS B 3071 -23.90 -18.73 16.07
N THR B 3072 -24.56 -18.12 17.05
CA THR B 3072 -25.80 -18.65 17.60
C THR B 3072 -26.94 -17.72 17.23
N PRO B 3073 -27.74 -18.06 16.21
CA PRO B 3073 -28.88 -17.20 15.85
C PRO B 3073 -29.90 -17.15 16.98
N GLU B 3074 -30.56 -16.00 17.09
CA GLU B 3074 -31.54 -15.79 18.14
C GLU B 3074 -32.85 -16.49 17.78
N PRO B 3075 -33.34 -17.43 18.58
CA PRO B 3075 -34.66 -17.99 18.33
C PRO B 3075 -35.76 -16.98 18.67
N THR B 3076 -36.61 -16.66 17.69
CA THR B 3076 -37.53 -15.54 17.83
C THR B 3076 -38.98 -15.95 18.03
N CYS B 3077 -39.39 -17.12 17.53
CA CYS B 3077 -40.79 -17.52 17.48
C CYS B 3077 -41.59 -16.44 16.74
N PRO B 3078 -41.42 -16.31 15.42
CA PRO B 3078 -41.99 -15.14 14.73
C PRO B 3078 -43.50 -15.08 14.72
N LEU B 3079 -44.17 -16.15 14.30
CA LEU B 3079 -45.63 -16.14 14.17
C LEU B 3079 -46.28 -16.33 15.54
N HIS B 3080 -47.57 -16.70 15.57
CA HIS B 3080 -48.34 -16.58 16.80
C HIS B 3080 -47.84 -17.55 17.86
N GLN B 3081 -46.62 -17.31 18.32
CA GLN B 3081 -45.90 -18.05 19.35
C GLN B 3081 -45.45 -17.05 20.41
N PHE B 3082 -44.57 -17.48 21.31
CA PHE B 3082 -43.94 -16.54 22.22
C PHE B 3082 -42.60 -17.12 22.61
N ARG B 3083 -41.59 -16.24 22.74
CA ARG B 3083 -40.20 -16.62 22.99
C ARG B 3083 -39.95 -16.57 24.50
N CYS B 3084 -39.79 -17.75 25.12
CA CYS B 3084 -39.56 -17.80 26.55
C CYS B 3084 -38.17 -17.26 26.89
N ASP B 3085 -37.94 -17.05 28.18
CA ASP B 3085 -36.61 -16.63 28.62
C ASP B 3085 -35.57 -17.70 28.34
N ASN B 3086 -35.96 -18.97 28.41
CA ASN B 3086 -35.02 -20.07 28.20
C ASN B 3086 -34.87 -20.45 26.73
N GLY B 3087 -35.65 -19.86 25.83
CA GLY B 3087 -35.52 -20.15 24.41
C GLY B 3087 -36.59 -21.04 23.83
N HIS B 3088 -37.68 -21.29 24.55
CA HIS B 3088 -38.74 -22.14 24.02
C HIS B 3088 -39.76 -21.32 23.24
N CYS B 3089 -40.36 -21.96 22.23
CA CYS B 3089 -41.52 -21.41 21.55
C CYS B 3089 -42.78 -22.15 21.99
N ILE B 3090 -43.79 -21.39 22.40
CA ILE B 3090 -45.09 -21.95 22.79
C ILE B 3090 -46.17 -21.21 22.02
N GLU B 3091 -47.24 -21.91 21.69
CA GLU B 3091 -48.32 -21.31 20.91
C GLU B 3091 -49.03 -20.23 21.72
N MET B 3092 -49.78 -19.38 21.01
CA MET B 3092 -50.36 -18.19 21.63
C MET B 3092 -51.31 -18.55 22.76
N GLY B 3093 -51.95 -19.72 22.69
CA GLY B 3093 -52.84 -20.14 23.76
C GLY B 3093 -52.13 -20.42 25.07
N ARG B 3094 -50.83 -20.65 25.03
CA ARG B 3094 -50.04 -20.95 26.22
C ARG B 3094 -49.45 -19.71 26.87
N VAL B 3095 -50.02 -18.53 26.61
CA VAL B 3095 -49.56 -17.28 27.20
C VAL B 3095 -50.69 -16.70 28.04
N CYS B 3096 -50.38 -16.35 29.29
CA CYS B 3096 -51.35 -15.79 30.23
C CYS B 3096 -52.54 -16.72 30.43
N ASN B 3097 -52.24 -17.98 30.76
CA ASN B 3097 -53.26 -18.98 31.07
C ASN B 3097 -53.06 -19.59 32.44
N HIS B 3098 -52.33 -18.90 33.32
CA HIS B 3098 -52.11 -19.31 34.71
C HIS B 3098 -51.40 -20.66 34.83
N VAL B 3099 -50.66 -21.06 33.79
CA VAL B 3099 -49.85 -22.26 33.82
C VAL B 3099 -48.47 -21.91 33.26
N ASP B 3100 -47.42 -22.29 33.98
CA ASP B 3100 -46.06 -22.00 33.54
C ASP B 3100 -45.65 -22.95 32.43
N ASP B 3101 -45.96 -22.59 31.18
CA ASP B 3101 -45.62 -23.45 30.05
C ASP B 3101 -44.16 -23.28 29.63
N CYS B 3102 -43.49 -22.21 30.06
CA CYS B 3102 -42.12 -21.94 29.66
C CYS B 3102 -41.09 -22.44 30.67
N SER B 3103 -41.53 -22.95 31.82
CA SER B 3103 -40.64 -23.43 32.89
C SER B 3103 -39.77 -22.31 33.46
N ASP B 3104 -40.09 -21.06 33.14
CA ASP B 3104 -39.37 -19.94 33.72
C ASP B 3104 -40.32 -18.78 34.01
N ASN B 3105 -41.62 -19.07 33.90
CA ASN B 3105 -42.72 -18.13 34.15
C ASN B 3105 -42.69 -16.91 33.22
N SER B 3106 -42.06 -17.03 32.06
CA SER B 3106 -42.03 -15.91 31.12
C SER B 3106 -43.38 -15.60 30.52
N ASP B 3107 -44.29 -16.59 30.48
CA ASP B 3107 -45.62 -16.39 29.94
C ASP B 3107 -46.65 -16.00 30.99
N GLU B 3108 -46.26 -15.89 32.26
CA GLU B 3108 -47.20 -15.59 33.33
C GLU B 3108 -46.74 -14.48 34.27
N LYS B 3109 -45.52 -13.95 34.12
CA LYS B 3109 -45.07 -12.87 34.99
C LYS B 3109 -45.67 -11.53 34.55
N GLY B 3110 -47.00 -11.43 34.63
CA GLY B 3110 -47.71 -10.28 34.11
C GLY B 3110 -49.20 -10.52 34.06
N CYS B 3111 -49.81 -10.28 32.90
CA CYS B 3111 -51.21 -10.63 32.64
C CYS B 3111 -52.17 -9.85 33.55
N GLY B 3112 -52.22 -8.54 33.37
CA GLY B 3112 -53.15 -7.72 34.13
C GLY B 3112 -52.60 -6.39 34.57
N ILE B 3113 -51.28 -6.31 34.81
CA ILE B 3113 -50.67 -5.03 35.12
C ILE B 3113 -50.19 -4.37 33.84
N ASN B 3114 -50.57 -3.11 33.64
CA ASN B 3114 -50.15 -2.35 32.42
C ASN B 3114 -49.12 -1.29 32.81
N GLU B 3115 -47.83 -1.61 32.69
CA GLU B 3115 -46.75 -0.68 33.10
C GLU B 3115 -46.83 0.59 32.25
N CYS B 3116 -47.31 0.49 31.01
CA CYS B 3116 -47.51 1.73 30.21
C CYS B 3116 -48.54 2.59 30.95
N LEU B 3117 -49.57 1.94 31.50
CA LEU B 3117 -50.59 2.66 32.30
C LEU B 3117 -50.06 2.88 33.71
N ASP B 3118 -48.96 2.22 34.08
CA ASP B 3118 -48.35 2.48 35.42
C ASP B 3118 -47.95 3.95 35.46
N SER B 3119 -47.67 4.52 34.29
CA SER B 3119 -47.31 5.97 34.21
C SER B 3119 -46.31 6.32 35.32
N SER B 3120 -45.42 5.38 35.67
CA SER B 3120 -44.36 5.69 36.67
C SER B 3120 -43.11 4.89 36.32
N ILE B 3121 -43.30 3.69 35.76
CA ILE B 3121 -42.13 2.89 35.29
C ILE B 3121 -42.06 3.06 33.78
N SER B 3122 -43.21 3.29 33.14
CA SER B 3122 -43.24 3.55 31.68
C SER B 3122 -42.21 4.64 31.37
N ARG B 3123 -42.23 5.72 32.16
CA ARG B 3123 -41.26 6.80 31.97
C ARG B 3123 -41.06 7.18 30.50
N CYS B 3124 -41.91 6.72 29.60
CA CYS B 3124 -41.77 7.06 28.19
C CYS B 3124 -42.25 8.48 27.95
N ASP B 3125 -41.32 9.38 27.60
CA ASP B 3125 -41.71 10.73 27.22
C ASP B 3125 -42.58 10.71 25.97
N HIS B 3126 -42.24 9.86 25.01
CA HIS B 3126 -43.10 9.61 23.86
C HIS B 3126 -44.12 8.54 24.25
N ASN B 3127 -44.84 8.01 23.27
CA ASN B 3127 -45.91 7.06 23.56
C ASN B 3127 -45.36 5.73 24.06
N CYS B 3128 -46.25 4.95 24.68
CA CYS B 3128 -45.94 3.65 25.26
C CYS B 3128 -46.91 2.62 24.70
N THR B 3129 -46.53 1.35 24.82
CA THR B 3129 -47.40 0.26 24.40
C THR B 3129 -47.12 -0.96 25.27
N ASP B 3130 -48.14 -1.39 26.00
CA ASP B 3130 -48.03 -2.55 26.89
C ASP B 3130 -48.57 -3.77 26.14
N THR B 3131 -47.67 -4.68 25.79
CA THR B 3131 -48.07 -5.90 25.12
C THR B 3131 -48.65 -6.89 26.14
N ILE B 3132 -48.77 -8.15 25.72
CA ILE B 3132 -49.44 -9.20 26.47
C ILE B 3132 -49.05 -9.18 27.95
N THR B 3133 -47.75 -9.04 28.24
CA THR B 3133 -47.27 -9.16 29.60
C THR B 3133 -46.37 -8.01 30.06
N SER B 3134 -45.92 -7.15 29.16
CA SER B 3134 -44.97 -6.10 29.57
C SER B 3134 -45.13 -4.89 28.67
N PHE B 3135 -44.36 -3.85 28.99
CA PHE B 3135 -44.43 -2.59 28.29
C PHE B 3135 -43.16 -2.33 27.48
N TYR B 3136 -43.23 -1.31 26.63
CA TYR B 3136 -42.05 -0.76 25.97
C TYR B 3136 -42.34 0.65 25.51
N CYS B 3137 -41.30 1.46 25.44
CA CYS B 3137 -41.42 2.81 24.92
C CYS B 3137 -41.23 2.80 23.41
N SER B 3138 -41.63 3.91 22.78
CA SER B 3138 -41.50 4.05 21.33
C SER B 3138 -41.39 5.52 20.98
N CYS B 3139 -40.28 5.90 20.36
CA CYS B 3139 -40.05 7.30 20.04
C CYS B 3139 -40.89 7.76 18.86
N LEU B 3140 -41.30 9.02 18.91
CA LEU B 3140 -41.90 9.69 17.77
C LEU B 3140 -40.84 9.88 16.68
N PRO B 3141 -41.24 10.01 15.42
CA PRO B 3141 -40.24 10.07 14.34
C PRO B 3141 -39.39 11.33 14.43
N GLY B 3142 -38.17 11.21 13.95
CA GLY B 3142 -37.15 12.21 14.18
C GLY B 3142 -36.35 11.99 15.44
N TYR B 3143 -36.75 11.06 16.30
CA TYR B 3143 -36.05 10.72 17.52
C TYR B 3143 -35.68 9.24 17.50
N LYS B 3144 -34.55 8.91 18.11
CA LYS B 3144 -34.02 7.57 18.12
C LYS B 3144 -34.04 7.01 19.54
N LEU B 3145 -34.19 5.69 19.65
CA LEU B 3145 -34.15 4.99 20.91
C LEU B 3145 -32.72 4.53 21.21
N MET B 3146 -32.39 4.40 22.50
CA MET B 3146 -31.03 4.04 22.90
C MET B 3146 -31.10 2.89 23.91
N SER B 3147 -29.98 2.71 24.62
CA SER B 3147 -29.82 1.54 25.50
C SER B 3147 -30.88 1.50 26.60
N ASP B 3148 -31.24 2.67 27.16
CA ASP B 3148 -32.13 2.67 28.32
C ASP B 3148 -33.55 2.23 28.00
N LYS B 3149 -33.91 2.12 26.72
CA LYS B 3149 -35.23 1.67 26.28
C LYS B 3149 -36.36 2.53 26.83
N ARG B 3150 -36.02 3.72 27.34
CA ARG B 3150 -37.04 4.61 27.89
C ARG B 3150 -36.94 6.00 27.27
N SER B 3151 -35.72 6.44 27.01
CA SER B 3151 -35.50 7.82 26.57
C SER B 3151 -35.49 7.90 25.05
N CYS B 3152 -35.45 9.12 24.54
CA CYS B 3152 -35.31 9.38 23.12
C CYS B 3152 -34.22 10.42 22.92
N VAL B 3153 -33.62 10.41 21.72
CA VAL B 3153 -32.60 11.38 21.34
C VAL B 3153 -32.91 11.87 19.93
N ASP B 3154 -32.66 13.16 19.70
CA ASP B 3154 -32.81 13.70 18.36
C ASP B 3154 -31.83 13.04 17.40
N ILE B 3155 -32.33 12.68 16.22
CA ILE B 3155 -31.46 12.15 15.18
C ILE B 3155 -30.74 13.30 14.51
N ASP B 3156 -29.44 13.12 14.26
CA ASP B 3156 -28.65 14.11 13.54
C ASP B 3156 -28.75 13.81 12.04
N GLU B 3157 -29.92 14.13 11.49
CA GLU B 3157 -30.27 13.68 10.14
C GLU B 3157 -29.27 14.12 9.10
N CYS B 3158 -28.67 15.30 9.28
CA CYS B 3158 -27.70 15.80 8.31
C CYS B 3158 -26.39 15.03 8.33
N LYS B 3159 -26.16 14.21 9.36
CA LYS B 3159 -24.98 13.35 9.41
C LYS B 3159 -25.32 11.87 9.32
N GLU B 3160 -26.40 11.43 9.98
CA GLU B 3160 -26.80 10.02 9.86
C GLU B 3160 -27.32 9.72 8.46
N SER B 3161 -28.18 10.59 7.93
CA SER B 3161 -28.78 10.36 6.62
C SER B 3161 -28.67 11.59 5.74
N PRO B 3162 -27.48 11.91 5.21
CA PRO B 3162 -27.35 13.08 4.34
C PRO B 3162 -28.09 12.95 3.02
N GLN B 3163 -28.59 11.76 2.68
CA GLN B 3163 -29.27 11.56 1.41
C GLN B 3163 -30.58 12.34 1.32
N LEU B 3164 -31.12 12.77 2.46
CA LEU B 3164 -32.42 13.43 2.46
C LEU B 3164 -32.38 14.74 1.69
N CYS B 3165 -31.43 15.61 2.03
CA CYS B 3165 -31.36 16.95 1.46
C CYS B 3165 -30.16 17.05 0.52
N SER B 3166 -30.43 17.43 -0.73
CA SER B 3166 -29.34 17.81 -1.61
C SER B 3166 -28.68 19.07 -1.09
N GLN B 3167 -27.36 19.14 -1.20
CA GLN B 3167 -26.57 20.26 -0.70
C GLN B 3167 -26.73 20.42 0.81
N LYS B 3168 -26.53 21.62 1.32
CA LYS B 3168 -26.38 21.83 2.76
C LYS B 3168 -27.63 21.38 3.52
N CYS B 3169 -27.39 20.81 4.70
CA CYS B 3169 -28.44 20.37 5.59
C CYS B 3169 -28.20 20.95 6.97
N GLU B 3170 -29.26 21.37 7.65
CA GLU B 3170 -29.16 21.94 8.99
C GLU B 3170 -30.03 21.13 9.94
N ASN B 3171 -29.42 20.58 10.98
CA ASN B 3171 -30.13 19.70 11.88
C ASN B 3171 -30.90 20.50 12.94
N VAL B 3172 -32.09 20.01 13.26
CA VAL B 3172 -32.94 20.59 14.29
C VAL B 3172 -33.37 19.48 15.23
N VAL B 3173 -33.76 19.85 16.44
CA VAL B 3173 -34.28 18.87 17.39
C VAL B 3173 -35.56 18.28 16.83
N GLY B 3174 -35.53 17.00 16.49
CA GLY B 3174 -36.71 16.32 15.98
C GLY B 3174 -36.99 16.52 14.51
N SER B 3175 -36.18 17.31 13.80
CA SER B 3175 -36.39 17.52 12.37
C SER B 3175 -35.13 18.06 11.71
N TYR B 3176 -35.25 18.47 10.45
CA TYR B 3176 -34.11 18.95 9.69
C TYR B 3176 -34.59 19.95 8.65
N ILE B 3177 -33.66 20.79 8.18
CA ILE B 3177 -33.93 21.78 7.16
C ILE B 3177 -32.90 21.59 6.04
N CYS B 3178 -33.38 21.60 4.80
CA CYS B 3178 -32.51 21.53 3.64
C CYS B 3178 -32.27 22.95 3.10
N LYS B 3179 -31.00 23.27 2.85
CA LYS B 3179 -30.64 24.57 2.31
C LYS B 3179 -29.70 24.39 1.13
N CYS B 3180 -29.96 25.12 0.05
CA CYS B 3180 -29.05 25.09 -1.08
C CYS B 3180 -27.90 26.05 -0.86
N ALA B 3181 -26.73 25.68 -1.39
CA ALA B 3181 -25.58 26.56 -1.30
C ALA B 3181 -25.81 27.81 -2.15
N PRO B 3182 -25.22 28.94 -1.77
CA PRO B 3182 -25.42 30.17 -2.55
C PRO B 3182 -25.03 29.96 -4.01
N GLY B 3183 -25.87 30.48 -4.90
CA GLY B 3183 -25.75 30.21 -6.32
C GLY B 3183 -26.71 29.17 -6.83
N TYR B 3184 -27.33 28.38 -5.94
CA TYR B 3184 -28.34 27.41 -6.31
C TYR B 3184 -29.68 27.83 -5.72
N ILE B 3185 -30.75 27.56 -6.45
CA ILE B 3185 -32.10 27.90 -6.01
C ILE B 3185 -32.78 26.64 -5.50
N ARG B 3186 -33.60 26.79 -4.45
CA ARG B 3186 -34.29 25.67 -3.84
C ARG B 3186 -35.64 25.48 -4.52
N GLU B 3187 -35.82 24.35 -5.19
CA GLU B 3187 -37.08 24.07 -5.85
C GLU B 3187 -38.17 23.84 -4.80
N PRO B 3188 -39.44 24.05 -5.17
CA PRO B 3188 -40.52 23.98 -4.17
C PRO B 3188 -40.64 22.63 -3.49
N ASP B 3189 -40.11 21.56 -4.08
CA ASP B 3189 -40.14 20.25 -3.44
C ASP B 3189 -39.32 20.20 -2.15
N GLY B 3190 -38.43 21.16 -1.93
CA GLY B 3190 -37.61 21.18 -0.75
C GLY B 3190 -36.41 20.26 -0.78
N LYS B 3191 -36.18 19.56 -1.89
CA LYS B 3191 -35.07 18.61 -1.98
C LYS B 3191 -34.24 18.75 -3.24
N SER B 3192 -34.64 19.57 -4.21
CA SER B 3192 -33.88 19.78 -5.43
C SER B 3192 -33.25 21.16 -5.41
N CYS B 3193 -31.94 21.21 -5.67
CA CYS B 3193 -31.22 22.47 -5.83
C CYS B 3193 -30.80 22.60 -7.28
N ARG B 3194 -31.21 23.70 -7.91
CA ARG B 3194 -30.91 23.96 -9.32
C ARG B 3194 -29.98 25.16 -9.41
N GLN B 3195 -29.01 25.06 -10.32
CA GLN B 3195 -28.06 26.15 -10.50
C GLN B 3195 -28.77 27.39 -11.02
N ASN B 3196 -28.43 28.53 -10.44
CA ASN B 3196 -29.02 29.81 -10.84
C ASN B 3196 -28.25 30.49 -11.94
N SER B 3197 -27.07 30.00 -12.30
CA SER B 3197 -26.27 30.64 -13.33
C SER B 3197 -26.85 30.37 -14.71
N ASN B 3198 -26.54 31.27 -15.64
CA ASN B 3198 -26.90 31.07 -17.04
C ASN B 3198 -25.86 30.27 -17.81
N ILE B 3199 -24.73 29.95 -17.19
CA ILE B 3199 -23.70 29.15 -17.84
C ILE B 3199 -24.01 27.69 -17.63
N GLU B 3200 -23.99 26.92 -18.72
CA GLU B 3200 -24.36 25.52 -18.70
C GLU B 3200 -23.11 24.65 -18.59
N PRO B 3201 -23.06 23.73 -17.62
CA PRO B 3201 -21.84 22.95 -17.41
C PRO B 3201 -21.59 21.96 -18.53
N TYR B 3202 -20.33 21.57 -18.66
CA TYR B 3202 -19.94 20.52 -19.58
C TYR B 3202 -18.74 19.78 -19.00
N LEU B 3203 -18.51 18.58 -19.51
CA LEU B 3203 -17.45 17.71 -18.99
C LEU B 3203 -16.24 17.80 -19.91
N ILE B 3204 -15.09 18.13 -19.34
CA ILE B 3204 -13.82 17.98 -20.03
C ILE B 3204 -13.14 16.73 -19.51
N PHE B 3205 -12.84 15.79 -20.40
CA PHE B 3205 -12.19 14.56 -19.99
C PHE B 3205 -11.13 14.19 -21.01
N SER B 3206 -10.17 13.39 -20.56
CA SER B 3206 -8.96 13.11 -21.32
C SER B 3206 -8.88 11.64 -21.73
N ASN B 3207 -8.44 11.43 -22.96
CA ASN B 3207 -8.10 10.11 -23.47
C ASN B 3207 -6.58 10.03 -23.64
N ARG B 3208 -6.12 8.94 -24.24
CA ARG B 3208 -4.68 8.78 -24.49
C ARG B 3208 -4.15 9.94 -25.30
N TYR B 3209 -4.79 10.23 -26.44
CA TYR B 3209 -4.32 11.30 -27.31
C TYR B 3209 -5.20 12.55 -27.26
N TYR B 3210 -6.37 12.48 -26.65
CA TYR B 3210 -7.38 13.52 -26.80
C TYR B 3210 -7.84 14.06 -25.47
N ILE B 3211 -8.10 15.35 -25.44
CA ILE B 3211 -8.92 16.00 -24.42
C ILE B 3211 -10.24 16.35 -25.07
N ARG B 3212 -11.34 16.01 -24.44
CA ARG B 3212 -12.63 16.03 -25.12
C ARG B 3212 -13.63 16.94 -24.40
N ASN B 3213 -14.66 17.32 -25.15
CA ASN B 3213 -15.61 18.36 -24.78
C ASN B 3213 -17.01 17.77 -24.85
N LEU B 3214 -17.53 17.33 -23.70
CA LEU B 3214 -18.77 16.58 -23.65
C LEU B 3214 -19.73 17.26 -22.68
N THR B 3215 -20.94 17.56 -23.15
CA THR B 3215 -21.94 18.14 -22.27
C THR B 3215 -22.46 17.10 -21.30
N THR B 3216 -23.07 17.59 -20.21
CA THR B 3216 -23.51 16.69 -19.14
C THR B 3216 -24.63 15.76 -19.59
N ASP B 3217 -25.42 16.16 -20.58
CA ASP B 3217 -26.49 15.30 -21.07
C ASP B 3217 -26.06 14.38 -22.19
N GLY B 3218 -24.81 14.51 -22.67
CA GLY B 3218 -24.29 13.67 -23.71
C GLY B 3218 -24.71 14.05 -25.11
N SER B 3219 -25.51 15.11 -25.28
CA SER B 3219 -26.00 15.47 -26.61
C SER B 3219 -24.87 15.90 -27.53
N SER B 3220 -23.95 16.75 -27.05
CA SER B 3220 -22.87 17.27 -27.87
C SER B 3220 -21.55 16.69 -27.41
N TYR B 3221 -20.71 16.33 -28.36
CA TYR B 3221 -19.49 15.58 -28.08
C TYR B 3221 -18.42 15.98 -29.07
N SER B 3222 -17.49 16.83 -28.64
CA SER B 3222 -16.51 17.39 -29.55
C SER B 3222 -15.12 17.28 -28.92
N LEU B 3223 -14.12 17.61 -29.72
CA LEU B 3223 -12.72 17.44 -29.35
C LEU B 3223 -12.10 18.79 -29.03
N ILE B 3224 -11.33 18.84 -27.95
CA ILE B 3224 -10.63 20.06 -27.57
C ILE B 3224 -9.21 20.07 -28.12
N LEU B 3225 -8.49 18.95 -27.99
CA LEU B 3225 -7.13 18.86 -28.48
C LEU B 3225 -6.87 17.43 -28.93
N GLN B 3226 -5.85 17.28 -29.78
CA GLN B 3226 -5.49 15.98 -30.31
C GLN B 3226 -3.99 15.94 -30.56
N GLY B 3227 -3.48 14.72 -30.71
CA GLY B 3227 -2.06 14.53 -30.93
C GLY B 3227 -1.21 14.50 -29.70
N LEU B 3228 -1.82 14.50 -28.52
CA LEU B 3228 -1.05 14.48 -27.27
C LEU B 3228 -0.58 13.05 -26.98
N GLY B 3229 0.51 12.96 -26.22
CA GLY B 3229 1.12 11.68 -25.95
C GLY B 3229 0.26 10.77 -25.07
N ASN B 3230 0.11 11.14 -23.80
CA ASN B 3230 -0.68 10.34 -22.86
C ASN B 3230 -1.18 11.30 -21.77
N VAL B 3231 -2.44 11.72 -21.90
CA VAL B 3231 -3.02 12.67 -20.96
C VAL B 3231 -3.59 11.89 -19.79
N VAL B 3232 -2.78 11.67 -18.76
CA VAL B 3232 -3.22 10.85 -17.65
C VAL B 3232 -4.07 11.65 -16.68
N ALA B 3233 -3.91 12.97 -16.65
CA ALA B 3233 -4.70 13.80 -15.74
C ALA B 3233 -4.74 15.23 -16.27
N LEU B 3234 -5.75 15.97 -15.85
CA LEU B 3234 -5.89 17.37 -16.22
C LEU B 3234 -6.69 18.10 -15.15
N ASP B 3235 -6.59 19.43 -15.18
CA ASP B 3235 -7.44 20.28 -14.34
C ASP B 3235 -7.55 21.64 -14.99
N PHE B 3236 -8.55 22.41 -14.54
CA PHE B 3236 -8.86 23.70 -15.14
C PHE B 3236 -8.76 24.79 -14.09
N ASP B 3237 -8.52 26.01 -14.56
CA ASP B 3237 -8.49 27.20 -13.72
C ASP B 3237 -9.64 28.11 -14.12
N ARG B 3238 -10.52 28.41 -13.16
CA ARG B 3238 -11.65 29.28 -13.44
C ARG B 3238 -11.22 30.73 -13.62
N VAL B 3239 -10.20 31.16 -12.87
CA VAL B 3239 -9.90 32.58 -12.75
C VAL B 3239 -9.49 33.19 -14.09
N GLU B 3240 -8.64 32.51 -14.86
CA GLU B 3240 -8.20 33.05 -16.14
C GLU B 3240 -8.40 32.04 -17.26
N LYS B 3241 -9.26 31.05 -17.04
CA LYS B 3241 -9.73 30.13 -18.08
C LYS B 3241 -8.57 29.41 -18.76
N ARG B 3242 -7.76 28.74 -17.95
CA ARG B 3242 -6.66 27.94 -18.43
C ARG B 3242 -6.93 26.46 -18.16
N LEU B 3243 -6.36 25.61 -19.00
CA LEU B 3243 -6.46 24.17 -18.85
C LEU B 3243 -5.07 23.58 -18.66
N TYR B 3244 -4.89 22.85 -17.56
CA TYR B 3244 -3.62 22.23 -17.23
C TYR B 3244 -3.76 20.72 -17.37
N TRP B 3245 -2.71 20.07 -17.86
CA TRP B 3245 -2.76 18.63 -18.05
C TRP B 3245 -1.35 18.05 -17.95
N ILE B 3246 -1.28 16.76 -17.65
CA ILE B 3246 -0.03 16.04 -17.56
C ILE B 3246 0.08 15.10 -18.76
N ASP B 3247 1.14 15.23 -19.54
CA ASP B 3247 1.42 14.30 -20.63
C ASP B 3247 2.40 13.26 -20.08
N ALA B 3248 1.86 12.10 -19.69
CA ALA B 3248 2.66 11.09 -19.01
C ALA B 3248 3.71 10.46 -19.91
N GLU B 3249 3.62 10.63 -21.22
CA GLU B 3249 4.64 10.09 -22.11
C GLU B 3249 5.87 10.98 -22.15
N LYS B 3250 5.68 12.28 -22.35
CA LYS B 3250 6.79 13.23 -22.35
C LYS B 3250 7.20 13.64 -20.94
N GLN B 3251 6.38 13.30 -19.94
CA GLN B 3251 6.62 13.66 -18.54
C GLN B 3251 6.79 15.17 -18.39
N ILE B 3252 5.84 15.89 -18.99
CA ILE B 3252 5.78 17.35 -18.89
C ILE B 3252 4.38 17.76 -18.48
N ILE B 3253 4.27 18.96 -17.94
CA ILE B 3253 2.99 19.56 -17.57
C ILE B 3253 2.80 20.79 -18.43
N GLU B 3254 1.69 20.84 -19.16
CA GLU B 3254 1.39 21.93 -20.08
C GLU B 3254 0.18 22.70 -19.60
N ARG B 3255 -0.02 23.87 -20.20
CA ARG B 3255 -1.20 24.68 -19.94
C ARG B 3255 -1.58 25.43 -21.19
N MET B 3256 -2.85 25.84 -21.27
CA MET B 3256 -3.38 26.45 -22.48
C MET B 3256 -4.71 27.10 -22.16
N PHE B 3257 -4.96 28.24 -22.80
CA PHE B 3257 -6.24 28.93 -22.65
C PHE B 3257 -7.37 28.11 -23.27
N LEU B 3258 -8.58 28.29 -22.75
CA LEU B 3258 -9.70 27.52 -23.27
C LEU B 3258 -10.16 27.96 -24.65
N ASN B 3259 -9.65 29.07 -25.20
CA ASN B 3259 -9.89 29.33 -26.61
C ASN B 3259 -8.86 28.64 -27.49
N LYS B 3260 -8.08 27.72 -26.93
CA LYS B 3260 -7.05 26.98 -27.66
C LYS B 3260 -5.95 27.91 -28.18
N THR B 3261 -5.40 28.72 -27.28
CA THR B 3261 -4.28 29.60 -27.60
C THR B 3261 -3.24 29.53 -26.49
N ASN B 3262 -2.02 29.96 -26.81
CA ASN B 3262 -0.93 30.06 -25.84
C ASN B 3262 -0.66 28.73 -25.15
N ARG B 3263 -0.61 27.67 -25.94
CA ARG B 3263 -0.19 26.37 -25.40
C ARG B 3263 1.28 26.42 -25.06
N GLU B 3264 1.62 26.04 -23.83
CA GLU B 3264 2.99 26.16 -23.36
C GLU B 3264 3.26 25.09 -22.31
N THR B 3265 4.54 24.80 -22.10
CA THR B 3265 4.98 23.84 -21.09
C THR B 3265 5.55 24.59 -19.90
N ILE B 3266 5.14 24.20 -18.70
CA ILE B 3266 5.58 24.90 -17.50
C ILE B 3266 6.54 24.04 -16.69
N ILE B 3267 6.32 22.73 -16.65
CA ILE B 3267 7.22 21.81 -15.98
C ILE B 3267 7.75 20.84 -17.03
N ASN B 3268 9.09 20.78 -17.16
CA ASN B 3268 9.68 19.79 -18.05
C ASN B 3268 10.96 19.20 -17.45
N HIS B 3269 11.13 19.29 -16.14
CA HIS B 3269 12.34 18.80 -15.49
C HIS B 3269 11.96 17.85 -14.37
N ARG B 3270 12.89 16.96 -14.03
CA ARG B 3270 12.64 15.85 -13.12
C ARG B 3270 11.34 15.14 -13.51
N LEU B 3271 10.37 15.12 -12.61
CA LEU B 3271 9.04 14.60 -12.90
C LEU B 3271 9.11 13.15 -13.41
N ARG B 3272 9.59 12.26 -12.55
CA ARG B 3272 9.78 10.87 -12.94
C ARG B 3272 8.47 10.23 -13.39
N ARG B 3273 7.45 10.31 -12.54
CA ARG B 3273 6.14 9.78 -12.91
C ARG B 3273 5.03 10.51 -12.19
N ALA B 3274 4.43 11.51 -12.83
CA ALA B 3274 3.31 12.22 -12.23
C ALA B 3274 2.00 11.56 -12.63
N GLU B 3275 1.11 11.41 -11.66
CA GLU B 3275 -0.14 10.70 -11.88
C GLU B 3275 -1.38 11.57 -11.82
N SER B 3276 -1.46 12.49 -10.86
CA SER B 3276 -2.65 13.32 -10.71
C SER B 3276 -2.23 14.71 -10.29
N LEU B 3277 -2.97 15.71 -10.75
CA LEU B 3277 -2.66 17.09 -10.43
C LEU B 3277 -3.96 17.84 -10.16
N ALA B 3278 -3.84 18.94 -9.41
CA ALA B 3278 -4.97 19.80 -9.11
C ALA B 3278 -4.50 21.23 -9.06
N VAL B 3279 -5.30 22.14 -9.62
CA VAL B 3279 -4.96 23.55 -9.71
C VAL B 3279 -5.62 24.27 -8.54
N ASP B 3280 -4.84 25.04 -7.80
CA ASP B 3280 -5.35 25.82 -6.68
C ASP B 3280 -5.77 27.19 -7.21
N TRP B 3281 -7.08 27.38 -7.40
CA TRP B 3281 -7.57 28.62 -7.98
C TRP B 3281 -7.52 29.78 -6.99
N VAL B 3282 -7.42 29.50 -5.69
CA VAL B 3282 -7.46 30.55 -4.68
C VAL B 3282 -6.10 31.19 -4.51
N SER B 3283 -5.11 30.40 -4.09
CA SER B 3283 -3.77 30.91 -3.84
C SER B 3283 -2.87 30.84 -5.07
N ARG B 3284 -3.43 30.47 -6.23
CA ARG B 3284 -2.72 30.45 -7.50
C ARG B 3284 -1.49 29.54 -7.43
N LYS B 3285 -1.75 28.27 -7.07
CA LYS B 3285 -0.71 27.27 -6.96
C LYS B 3285 -1.14 26.02 -7.71
N LEU B 3286 -0.17 25.14 -7.93
CA LEU B 3286 -0.39 23.86 -8.61
C LEU B 3286 0.13 22.75 -7.72
N TYR B 3287 -0.68 21.72 -7.53
CA TYR B 3287 -0.31 20.55 -6.73
C TYR B 3287 -0.37 19.32 -7.61
N TRP B 3288 0.58 18.40 -7.41
CA TRP B 3288 0.53 17.14 -8.14
C TRP B 3288 1.27 16.06 -7.36
N LEU B 3289 0.94 14.81 -7.68
CA LEU B 3289 1.50 13.65 -7.01
C LEU B 3289 2.48 12.96 -7.95
N ASP B 3290 3.63 12.57 -7.41
CA ASP B 3290 4.62 11.79 -8.15
C ASP B 3290 4.65 10.38 -7.59
N ALA B 3291 4.59 9.40 -8.49
CA ALA B 3291 4.47 8.00 -8.09
C ALA B 3291 5.82 7.31 -7.86
N ILE B 3292 6.85 7.70 -8.60
CA ILE B 3292 8.17 7.11 -8.42
C ILE B 3292 8.92 7.73 -7.26
N LEU B 3293 8.96 9.07 -7.19
CA LEU B 3293 9.53 9.72 -6.02
C LEU B 3293 8.66 9.53 -4.79
N ASP B 3294 7.37 9.23 -4.98
CA ASP B 3294 6.42 9.04 -3.88
C ASP B 3294 6.30 10.31 -3.05
N CYS B 3295 5.95 11.42 -3.72
CA CYS B 3295 5.96 12.73 -3.09
C CYS B 3295 4.73 13.51 -3.53
N LEU B 3296 4.39 14.51 -2.73
CA LEU B 3296 3.39 15.51 -3.08
C LEU B 3296 4.09 16.84 -3.33
N PHE B 3297 3.89 17.42 -4.50
CA PHE B 3297 4.61 18.60 -4.92
C PHE B 3297 3.68 19.82 -4.93
N VAL B 3298 4.31 21.00 -4.94
CA VAL B 3298 3.61 22.27 -5.07
C VAL B 3298 4.45 23.20 -5.92
N SER B 3299 3.78 24.04 -6.70
CA SER B 3299 4.47 24.91 -7.63
C SER B 3299 3.59 26.11 -7.96
N ASP B 3300 4.23 27.16 -8.48
CA ASP B 3300 3.47 28.30 -8.97
C ASP B 3300 2.83 27.97 -10.31
N LEU B 3301 1.79 28.72 -10.66
CA LEU B 3301 1.03 28.44 -11.86
C LEU B 3301 1.84 28.61 -13.13
N GLU B 3302 2.91 29.41 -13.10
CA GLU B 3302 3.84 29.46 -14.21
C GLU B 3302 4.89 28.36 -14.14
N GLY B 3303 4.90 27.59 -13.06
CA GLY B 3303 5.83 26.49 -12.91
C GLY B 3303 7.03 26.75 -12.03
N ARG B 3304 7.22 27.98 -11.58
CA ARG B 3304 8.39 28.33 -10.76
C ARG B 3304 8.16 27.92 -9.31
N HIS B 3305 9.27 27.85 -8.57
CA HIS B 3305 9.25 27.56 -7.12
C HIS B 3305 8.65 26.18 -6.83
N ARG B 3306 9.24 25.13 -7.40
CA ARG B 3306 8.81 23.78 -7.08
C ARG B 3306 9.26 23.40 -5.68
N LYS B 3307 8.35 22.84 -4.88
CA LYS B 3307 8.66 22.39 -3.54
C LYS B 3307 8.03 21.03 -3.28
N MET B 3308 8.75 20.20 -2.53
CA MET B 3308 8.28 18.87 -2.12
C MET B 3308 7.61 18.98 -0.76
N ILE B 3309 6.32 18.69 -0.70
CA ILE B 3309 5.53 18.98 0.49
C ILE B 3309 5.42 17.79 1.41
N ALA B 3310 5.03 16.62 0.89
CA ALA B 3310 4.83 15.44 1.71
C ALA B 3310 5.67 14.30 1.17
N GLN B 3311 5.99 13.35 2.05
CA GLN B 3311 6.84 12.23 1.68
C GLN B 3311 6.69 11.14 2.73
N HIS B 3312 7.32 10.00 2.45
CA HIS B 3312 7.38 8.87 3.36
C HIS B 3312 6.00 8.37 3.76
N CYS B 3313 5.64 8.54 5.03
CA CYS B 3313 4.43 7.95 5.57
C CYS B 3313 3.55 9.04 6.17
N VAL B 3314 2.34 8.65 6.53
CA VAL B 3314 1.30 9.60 6.92
C VAL B 3314 0.73 9.34 8.31
N ASP B 3315 0.90 8.15 8.86
CA ASP B 3315 0.43 7.84 10.20
C ASP B 3315 1.59 7.57 11.14
N ALA B 3316 1.32 7.64 12.44
CA ALA B 3316 2.36 7.45 13.45
C ALA B 3316 2.87 6.01 13.48
N ASN B 3317 2.01 5.03 13.22
CA ASN B 3317 2.44 3.63 13.14
C ASN B 3317 3.33 3.36 11.94
N ASN B 3318 3.43 4.30 10.99
CA ASN B 3318 4.17 4.12 9.75
C ASN B 3318 3.64 2.93 8.96
N THR B 3319 2.33 2.69 9.04
CA THR B 3319 1.73 1.60 8.28
C THR B 3319 1.37 2.04 6.87
N PHE B 3320 0.82 3.24 6.73
CA PHE B 3320 0.39 3.78 5.44
C PHE B 3320 1.44 4.76 4.96
N CYS B 3321 1.99 4.50 3.77
CA CYS B 3321 3.05 5.32 3.23
C CYS B 3321 2.84 5.47 1.73
N PHE B 3322 3.52 6.47 1.15
CA PHE B 3322 3.40 6.73 -0.28
C PHE B 3322 3.91 5.56 -1.09
N GLU B 3323 3.00 4.80 -1.69
CA GLU B 3323 3.36 3.68 -2.56
C GLU B 3323 2.96 3.95 -4.01
N HIS B 3324 1.68 4.17 -4.26
CA HIS B 3324 1.17 4.50 -5.59
C HIS B 3324 0.17 5.63 -5.46
N PRO B 3325 0.65 6.87 -5.27
CA PRO B 3325 -0.26 8.00 -5.13
C PRO B 3325 -0.99 8.27 -6.43
N ARG B 3326 -2.32 8.31 -6.35
CA ARG B 3326 -3.14 8.56 -7.52
C ARG B 3326 -4.44 9.23 -7.08
N GLY B 3327 -4.80 10.30 -7.78
CA GLY B 3327 -5.99 11.04 -7.44
C GLY B 3327 -5.70 12.09 -6.40
N ILE B 3328 -6.02 13.35 -6.70
CA ILE B 3328 -5.78 14.46 -5.78
C ILE B 3328 -6.90 15.48 -5.94
N VAL B 3329 -7.35 16.03 -4.82
CA VAL B 3329 -8.37 17.08 -4.82
C VAL B 3329 -8.03 18.06 -3.71
N LEU B 3330 -8.45 19.31 -3.90
CA LEU B 3330 -8.17 20.38 -2.95
C LEU B 3330 -9.45 20.90 -2.34
N HIS B 3331 -9.36 21.33 -1.08
CA HIS B 3331 -10.45 21.95 -0.35
C HIS B 3331 -9.93 23.25 0.24
N PRO B 3332 -9.83 24.31 -0.56
CA PRO B 3332 -9.24 25.57 -0.07
C PRO B 3332 -9.99 26.18 1.10
N GLN B 3333 -11.29 25.93 1.24
CA GLN B 3333 -12.02 26.48 2.39
C GLN B 3333 -11.42 25.99 3.70
N ARG B 3334 -11.10 24.71 3.78
CA ARG B 3334 -10.45 24.13 4.94
C ARG B 3334 -8.94 24.10 4.81
N GLY B 3335 -8.39 24.50 3.67
CA GLY B 3335 -6.96 24.46 3.47
C GLY B 3335 -6.34 23.07 3.53
N HIS B 3336 -7.01 22.07 2.97
CA HIS B 3336 -6.54 20.70 3.00
C HIS B 3336 -6.33 20.18 1.58
N VAL B 3337 -5.46 19.18 1.46
CA VAL B 3337 -5.24 18.45 0.21
C VAL B 3337 -5.52 16.99 0.45
N TYR B 3338 -6.41 16.42 -0.36
CA TYR B 3338 -6.81 15.02 -0.24
C TYR B 3338 -6.22 14.22 -1.39
N TRP B 3339 -5.73 13.01 -1.07
CA TRP B 3339 -5.20 12.14 -2.10
C TRP B 3339 -5.40 10.69 -1.67
N ALA B 3340 -5.44 9.81 -2.66
CA ALA B 3340 -5.63 8.39 -2.44
C ALA B 3340 -4.40 7.62 -2.91
N ASP B 3341 -4.28 6.39 -2.43
CA ASP B 3341 -3.16 5.53 -2.77
C ASP B 3341 -3.64 4.09 -2.88
N TRP B 3342 -3.32 3.44 -3.98
CA TRP B 3342 -3.73 2.06 -4.21
C TRP B 3342 -2.60 1.06 -3.96
N GLY B 3343 -1.66 1.39 -3.08
CA GLY B 3343 -0.65 0.44 -2.68
C GLY B 3343 -1.23 -0.72 -1.91
N VAL B 3344 -0.34 -1.57 -1.40
CA VAL B 3344 -0.78 -2.74 -0.65
C VAL B 3344 -1.60 -2.31 0.56
N HIS B 3345 -1.15 -1.27 1.26
CA HIS B 3345 -1.94 -0.66 2.33
C HIS B 3345 -2.61 0.57 1.75
N ALA B 3346 -3.74 0.35 1.08
CA ALA B 3346 -4.47 1.43 0.43
C ALA B 3346 -5.14 2.31 1.48
N TYR B 3347 -5.16 3.62 1.21
CA TYR B 3347 -5.71 4.58 2.15
C TYR B 3347 -6.10 5.84 1.38
N ILE B 3348 -6.80 6.73 2.08
CA ILE B 3348 -7.04 8.10 1.62
C ILE B 3348 -6.49 9.03 2.68
N GLY B 3349 -5.55 9.88 2.28
CA GLY B 3349 -4.91 10.76 3.24
C GLY B 3349 -5.33 12.22 3.12
N ARG B 3350 -5.08 12.99 4.17
CA ARG B 3350 -5.36 14.45 4.12
C ARG B 3350 -4.13 15.17 4.64
N ILE B 3351 -3.87 16.36 4.14
CA ILE B 3351 -2.66 17.12 4.57
C ILE B 3351 -3.00 18.60 4.48
N GLY B 3352 -2.23 19.43 5.16
CA GLY B 3352 -2.43 20.87 5.07
C GLY B 3352 -1.67 21.38 3.88
N MET B 3353 -2.16 22.44 3.25
CA MET B 3353 -1.52 22.89 2.02
C MET B 3353 -0.09 23.37 2.25
N ASP B 3354 0.36 23.47 3.50
CA ASP B 3354 1.76 23.69 3.81
C ASP B 3354 2.46 22.44 4.34
N GLY B 3355 1.70 21.36 4.53
CA GLY B 3355 2.34 20.09 4.89
C GLY B 3355 2.20 19.79 6.35
N THR B 3356 1.49 20.65 7.06
CA THR B 3356 1.42 20.50 8.53
C THR B 3356 0.08 19.88 8.94
N ASN B 3357 0.04 18.58 9.22
CA ASN B 3357 -1.17 17.89 9.73
C ASN B 3357 -1.44 16.63 8.90
N LYS B 3358 -0.42 16.06 8.27
CA LYS B 3358 -0.68 14.88 7.41
C LYS B 3358 -1.43 13.86 8.26
N SER B 3359 -2.49 13.27 7.72
CA SER B 3359 -3.19 12.21 8.49
C SER B 3359 -3.90 11.21 7.58
N VAL B 3360 -4.53 10.21 8.16
CA VAL B 3360 -5.25 9.17 7.43
C VAL B 3360 -6.74 9.41 7.60
N ILE B 3361 -7.47 9.41 6.49
CA ILE B 3361 -8.91 9.61 6.54
C ILE B 3361 -9.66 8.29 6.45
N ILE B 3362 -9.48 7.57 5.36
CA ILE B 3362 -10.09 6.26 5.17
C ILE B 3362 -8.98 5.22 5.09
N SER B 3363 -9.11 4.14 5.85
CA SER B 3363 -8.11 3.08 5.82
C SER B 3363 -8.70 1.68 5.84
N THR B 3364 -10.02 1.53 5.93
CA THR B 3364 -10.65 0.22 6.01
C THR B 3364 -11.61 0.03 4.83
N LYS B 3365 -11.69 -1.22 4.37
CA LYS B 3365 -12.53 -1.60 3.24
C LYS B 3365 -12.19 -0.76 2.01
N ILE B 3366 -10.94 -0.87 1.58
CA ILE B 3366 -10.45 -0.11 0.45
C ILE B 3366 -9.26 -0.86 -0.15
N GLU B 3367 -9.31 -1.07 -1.46
CA GLU B 3367 -8.23 -1.80 -2.11
C GLU B 3367 -7.56 -0.97 -3.21
N TRP B 3368 -8.35 -0.41 -4.10
CA TRP B 3368 -7.85 0.30 -5.28
C TRP B 3368 -8.56 1.63 -5.43
N PRO B 3369 -8.26 2.60 -4.56
CA PRO B 3369 -8.91 3.92 -4.67
C PRO B 3369 -8.30 4.81 -5.76
N ASN B 3370 -8.76 4.59 -6.99
CA ASN B 3370 -8.22 5.36 -8.11
C ASN B 3370 -8.83 6.75 -8.23
N ALA B 3371 -9.96 7.01 -7.57
CA ALA B 3371 -10.71 8.25 -7.79
C ALA B 3371 -10.97 8.95 -6.47
N ILE B 3372 -11.00 10.27 -6.50
CA ILE B 3372 -11.28 11.09 -5.33
C ILE B 3372 -11.82 12.44 -5.80
N THR B 3373 -12.81 12.97 -5.09
CA THR B 3373 -13.35 14.29 -5.37
C THR B 3373 -14.21 14.74 -4.19
N ILE B 3374 -14.56 16.02 -4.19
CA ILE B 3374 -15.34 16.63 -3.11
C ILE B 3374 -16.53 17.34 -3.72
N ASP B 3375 -17.68 17.23 -3.05
CA ASP B 3375 -18.85 18.05 -3.34
C ASP B 3375 -18.74 19.30 -2.45
N TYR B 3376 -18.46 20.44 -3.08
CA TYR B 3376 -18.17 21.64 -2.31
C TYR B 3376 -19.40 22.22 -1.63
N THR B 3377 -20.60 21.96 -2.16
CA THR B 3377 -21.82 22.46 -1.54
C THR B 3377 -22.28 21.58 -0.38
N ASN B 3378 -21.60 20.47 -0.13
CA ASN B 3378 -22.02 19.53 0.91
C ASN B 3378 -20.91 19.12 1.86
N ASP B 3379 -19.65 19.46 1.58
CA ASP B 3379 -18.51 19.04 2.40
C ASP B 3379 -18.47 17.51 2.52
N LEU B 3380 -18.79 16.84 1.41
CA LEU B 3380 -18.76 15.39 1.33
C LEU B 3380 -17.58 14.96 0.45
N LEU B 3381 -16.85 13.96 0.92
CA LEU B 3381 -15.68 13.45 0.21
C LEU B 3381 -16.07 12.21 -0.56
N TYR B 3382 -15.98 12.27 -1.88
CA TYR B 3382 -16.37 11.17 -2.76
C TYR B 3382 -15.13 10.47 -3.29
N TRP B 3383 -15.16 9.13 -3.27
CA TRP B 3383 -14.08 8.34 -3.84
C TRP B 3383 -14.64 7.03 -4.37
N ALA B 3384 -13.89 6.42 -5.27
CA ALA B 3384 -14.25 5.16 -5.89
C ALA B 3384 -13.19 4.11 -5.59
N ASP B 3385 -13.46 2.88 -6.01
CA ASP B 3385 -12.53 1.77 -5.85
C ASP B 3385 -12.63 0.87 -7.06
N ALA B 3386 -11.49 0.61 -7.71
CA ALA B 3386 -11.48 -0.20 -8.91
C ALA B 3386 -11.60 -1.70 -8.63
N HIS B 3387 -11.24 -2.14 -7.44
CA HIS B 3387 -11.31 -3.57 -7.11
C HIS B 3387 -12.64 -3.92 -6.47
N LEU B 3388 -12.95 -3.30 -5.34
CA LEU B 3388 -14.24 -3.53 -4.70
C LEU B 3388 -15.39 -3.00 -5.53
N GLY B 3389 -15.12 -2.11 -6.48
CA GLY B 3389 -16.11 -1.70 -7.46
C GLY B 3389 -17.17 -0.75 -6.96
N TYR B 3390 -16.92 -0.04 -5.86
CA TYR B 3390 -17.93 0.82 -5.28
C TYR B 3390 -17.59 2.30 -5.49
N ILE B 3391 -18.61 3.13 -5.30
CA ILE B 3391 -18.45 4.57 -5.11
C ILE B 3391 -19.05 4.91 -3.75
N GLU B 3392 -18.28 5.62 -2.94
CA GLU B 3392 -18.67 5.84 -1.55
C GLU B 3392 -18.36 7.28 -1.18
N PHE B 3393 -19.11 7.81 -0.22
CA PHE B 3393 -18.90 9.17 0.24
C PHE B 3393 -19.02 9.21 1.76
N SER B 3394 -18.28 10.15 2.36
CA SER B 3394 -18.32 10.36 3.80
C SER B 3394 -18.05 11.84 4.07
N ASP B 3395 -18.07 12.20 5.35
CA ASP B 3395 -17.76 13.57 5.73
C ASP B 3395 -16.28 13.84 5.54
N LEU B 3396 -15.91 15.11 5.72
CA LEU B 3396 -14.53 15.52 5.49
C LEU B 3396 -13.56 14.86 6.47
N GLU B 3397 -14.03 14.47 7.66
CA GLU B 3397 -13.17 13.79 8.62
C GLU B 3397 -13.12 12.29 8.41
N GLY B 3398 -13.96 11.74 7.54
CA GLY B 3398 -13.95 10.33 7.24
C GLY B 3398 -15.01 9.49 7.93
N HIS B 3399 -15.90 10.12 8.70
CA HIS B 3399 -16.94 9.37 9.38
C HIS B 3399 -18.18 9.22 8.50
N HIS B 3400 -19.00 8.25 8.85
CA HIS B 3400 -20.28 8.00 8.16
C HIS B 3400 -20.06 7.74 6.68
N ARG B 3401 -19.39 6.62 6.38
CA ARG B 3401 -19.19 6.19 5.00
C ARG B 3401 -20.48 5.60 4.44
N HIS B 3402 -21.11 6.30 3.50
CA HIS B 3402 -22.34 5.83 2.86
C HIS B 3402 -22.03 5.34 1.46
N THR B 3403 -22.46 4.12 1.16
CA THR B 3403 -22.20 3.53 -0.15
C THR B 3403 -23.25 4.01 -1.15
N VAL B 3404 -22.78 4.46 -2.31
CA VAL B 3404 -23.64 4.84 -3.41
C VAL B 3404 -23.89 3.67 -4.35
N TYR B 3405 -22.82 3.05 -4.84
CA TYR B 3405 -22.91 1.86 -5.68
C TYR B 3405 -22.30 0.70 -4.91
N ASP B 3406 -23.08 -0.37 -4.73
CA ASP B 3406 -22.69 -1.49 -3.88
C ASP B 3406 -21.83 -2.48 -4.68
N GLY B 3407 -20.66 -1.99 -5.10
CA GLY B 3407 -19.67 -2.85 -5.71
C GLY B 3407 -19.99 -3.32 -7.12
N SER B 3408 -20.88 -2.64 -7.83
CA SER B 3408 -21.30 -3.07 -9.17
C SER B 3408 -20.54 -2.39 -10.30
N LEU B 3409 -19.55 -1.57 -9.99
CA LEU B 3409 -18.82 -0.87 -11.05
C LEU B 3409 -17.58 -1.66 -11.46
N PRO B 3410 -17.35 -1.87 -12.74
CA PRO B 3410 -16.21 -2.69 -13.17
C PRO B 3410 -14.86 -2.13 -12.73
N HIS B 3411 -14.57 -0.90 -13.14
CA HIS B 3411 -13.27 -0.29 -12.85
C HIS B 3411 -13.34 1.22 -13.01
N PRO B 3412 -13.95 1.94 -12.08
CA PRO B 3412 -13.91 3.40 -12.14
C PRO B 3412 -12.49 3.91 -11.95
N PHE B 3413 -12.18 5.04 -12.58
CA PHE B 3413 -10.87 5.64 -12.41
C PHE B 3413 -10.91 7.05 -11.87
N ALA B 3414 -11.81 7.90 -12.37
CA ALA B 3414 -11.95 9.26 -11.86
C ALA B 3414 -13.43 9.60 -11.82
N LEU B 3415 -13.77 10.58 -11.00
CA LEU B 3415 -15.16 10.96 -10.85
C LEU B 3415 -15.26 12.43 -10.45
N THR B 3416 -16.45 13.00 -10.67
CA THR B 3416 -16.71 14.40 -10.36
C THR B 3416 -18.17 14.54 -9.99
N ILE B 3417 -18.50 15.65 -9.31
CA ILE B 3417 -19.85 15.89 -8.80
C ILE B 3417 -20.35 17.22 -9.35
N PHE B 3418 -21.65 17.27 -9.66
CA PHE B 3418 -22.31 18.54 -9.93
C PHE B 3418 -23.80 18.39 -9.62
N GLU B 3419 -24.35 19.39 -8.95
CA GLU B 3419 -25.73 19.39 -8.48
C GLU B 3419 -26.04 18.12 -7.69
N ASP B 3420 -26.69 17.16 -8.34
CA ASP B 3420 -27.09 15.92 -7.70
C ASP B 3420 -26.56 14.69 -8.42
N THR B 3421 -25.56 14.87 -9.29
CA THR B 3421 -25.16 13.84 -10.24
C THR B 3421 -23.68 13.51 -10.06
N VAL B 3422 -23.35 12.21 -10.17
CA VAL B 3422 -21.96 11.75 -10.24
C VAL B 3422 -21.63 11.42 -11.68
N PHE B 3423 -20.53 11.96 -12.16
CA PHE B 3423 -19.93 11.57 -13.44
C PHE B 3423 -18.66 10.81 -13.15
N TRP B 3424 -18.44 9.71 -13.86
CA TRP B 3424 -17.23 8.93 -13.64
C TRP B 3424 -16.89 8.18 -14.92
N THR B 3425 -15.64 7.72 -14.98
CA THR B 3425 -15.10 7.05 -16.16
C THR B 3425 -14.72 5.63 -15.78
N ASP B 3426 -15.04 4.67 -16.65
CA ASP B 3426 -14.71 3.27 -16.44
C ASP B 3426 -13.65 2.83 -17.43
N TRP B 3427 -12.71 2.03 -16.96
CA TRP B 3427 -11.66 1.53 -17.85
C TRP B 3427 -12.09 0.26 -18.57
N ASN B 3428 -12.77 -0.65 -17.86
CA ASN B 3428 -13.14 -1.93 -18.46
C ASN B 3428 -14.08 -1.73 -19.64
N THR B 3429 -15.07 -0.86 -19.49
CA THR B 3429 -16.00 -0.59 -20.58
C THR B 3429 -15.56 0.57 -21.47
N ARG B 3430 -14.59 1.38 -21.03
CA ARG B 3430 -14.12 2.55 -21.77
C ARG B 3430 -15.25 3.55 -22.00
N THR B 3431 -16.14 3.70 -21.03
CA THR B 3431 -17.27 4.60 -21.14
C THR B 3431 -17.28 5.61 -20.01
N VAL B 3432 -18.03 6.70 -20.23
CA VAL B 3432 -18.28 7.71 -19.21
C VAL B 3432 -19.73 7.58 -18.77
N GLU B 3433 -19.94 7.41 -17.48
CA GLU B 3433 -21.26 7.15 -16.94
C GLU B 3433 -21.78 8.37 -16.20
N LYS B 3434 -23.04 8.27 -15.79
CA LYS B 3434 -23.73 9.34 -15.11
C LYS B 3434 -24.82 8.74 -14.24
N GLY B 3435 -24.99 9.29 -13.05
CA GLY B 3435 -26.02 8.81 -12.15
C GLY B 3435 -26.22 9.75 -10.99
N ASN B 3436 -27.27 9.49 -10.22
CA ASN B 3436 -27.53 10.28 -9.03
C ASN B 3436 -26.41 10.06 -8.02
N LYS B 3437 -26.05 11.14 -7.32
CA LYS B 3437 -24.89 11.09 -6.43
C LYS B 3437 -25.20 10.47 -5.08
N TYR B 3438 -26.47 10.26 -4.74
CA TYR B 3438 -26.83 9.77 -3.41
C TYR B 3438 -27.30 8.32 -3.39
N ASP B 3439 -27.91 7.84 -4.47
CA ASP B 3439 -28.35 6.46 -4.52
C ASP B 3439 -28.03 5.76 -5.84
N GLY B 3440 -27.37 6.44 -6.77
CA GLY B 3440 -26.97 5.80 -8.01
C GLY B 3440 -28.08 5.55 -9.01
N SER B 3441 -29.29 6.06 -8.74
CA SER B 3441 -30.40 5.85 -9.65
C SER B 3441 -30.21 6.65 -10.93
N GLY B 3442 -30.93 6.25 -11.97
CA GLY B 3442 -30.81 6.94 -13.24
C GLY B 3442 -29.47 6.78 -13.93
N ARG B 3443 -28.81 5.65 -13.72
CA ARG B 3443 -27.51 5.42 -14.34
C ARG B 3443 -27.66 5.29 -15.84
N VAL B 3444 -26.96 6.15 -16.58
CA VAL B 3444 -26.98 6.13 -18.03
C VAL B 3444 -25.56 6.30 -18.56
N VAL B 3445 -25.30 5.73 -19.73
CA VAL B 3445 -23.98 5.81 -20.34
C VAL B 3445 -23.94 7.00 -21.28
N LEU B 3446 -22.93 7.85 -21.12
CA LEU B 3446 -22.87 9.07 -21.91
C LEU B 3446 -22.26 8.84 -23.29
N VAL B 3447 -21.14 8.12 -23.36
CA VAL B 3447 -20.46 7.94 -24.64
C VAL B 3447 -19.49 6.76 -24.52
N ASN B 3448 -19.21 6.13 -25.67
CA ASN B 3448 -18.14 5.17 -25.82
C ASN B 3448 -16.79 5.90 -25.85
N THR B 3449 -15.72 5.11 -25.91
CA THR B 3449 -14.39 5.65 -26.18
C THR B 3449 -13.50 4.52 -26.65
N THR B 3450 -12.70 4.81 -27.69
CA THR B 3450 -11.76 3.81 -28.19
C THR B 3450 -10.53 3.67 -27.29
N HIS B 3451 -10.28 4.65 -26.43
CA HIS B 3451 -9.17 4.60 -25.49
C HIS B 3451 -9.71 4.86 -24.09
N LYS B 3452 -8.94 4.44 -23.09
CA LYS B 3452 -9.39 4.58 -21.71
C LYS B 3452 -9.52 6.05 -21.34
N PRO B 3453 -10.63 6.47 -20.75
CA PRO B 3453 -10.75 7.84 -20.26
C PRO B 3453 -10.17 7.94 -18.85
N PHE B 3454 -9.25 8.87 -18.65
CA PHE B 3454 -8.57 8.97 -17.36
C PHE B 3454 -9.19 10.00 -16.44
N ASP B 3455 -9.12 11.27 -16.79
CA ASP B 3455 -9.50 12.33 -15.86
C ASP B 3455 -10.70 13.10 -16.39
N ILE B 3456 -11.61 13.45 -15.48
CA ILE B 3456 -12.86 14.11 -15.84
C ILE B 3456 -13.14 15.22 -14.84
N HIS B 3457 -13.56 16.38 -15.36
CA HIS B 3457 -13.92 17.53 -14.54
C HIS B 3457 -15.16 18.20 -15.12
N VAL B 3458 -16.01 18.70 -14.24
CA VAL B 3458 -17.16 19.50 -14.65
C VAL B 3458 -16.71 20.97 -14.69
N TYR B 3459 -16.55 21.53 -15.87
CA TYR B 3459 -16.10 22.91 -15.99
C TYR B 3459 -17.30 23.83 -15.74
N HIS B 3460 -17.27 24.55 -14.62
CA HIS B 3460 -18.34 25.49 -14.28
C HIS B 3460 -17.82 26.40 -13.19
N PRO B 3461 -18.26 27.66 -13.17
CA PRO B 3461 -17.80 28.59 -12.12
C PRO B 3461 -18.13 28.09 -10.71
N TYR B 3462 -19.18 27.29 -10.59
CA TYR B 3462 -19.58 26.78 -9.28
C TYR B 3462 -18.66 25.68 -8.75
N ARG B 3463 -17.90 25.02 -9.61
CA ARG B 3463 -17.02 23.95 -9.18
C ARG B 3463 -15.72 24.44 -8.59
N GLN B 3464 -15.45 25.75 -8.66
CA GLN B 3464 -14.30 26.37 -8.01
C GLN B 3464 -14.84 27.57 -7.24
N PRO B 3465 -15.37 27.35 -6.04
CA PRO B 3465 -16.10 28.42 -5.34
C PRO B 3465 -15.22 29.61 -5.03
N ILE B 3466 -15.84 30.79 -5.00
CA ILE B 3466 -15.10 32.03 -4.80
C ILE B 3466 -14.84 32.25 -3.32
N MET B 3467 -13.57 32.45 -2.96
CA MET B 3467 -13.23 32.90 -1.62
C MET B 3467 -12.05 33.86 -1.72
N SER B 3468 -11.82 34.59 -0.64
CA SER B 3468 -10.74 35.57 -0.60
C SER B 3468 -9.39 34.88 -0.42
N ASN B 3469 -8.40 35.34 -1.17
CA ASN B 3469 -7.06 34.75 -1.09
C ASN B 3469 -6.38 35.18 0.21
N PRO B 3470 -5.97 34.24 1.07
CA PRO B 3470 -5.24 34.63 2.29
C PRO B 3470 -3.96 35.39 2.00
N CYS B 3471 -3.23 35.02 0.94
CA CYS B 3471 -2.06 35.77 0.53
C CYS B 3471 -2.52 36.94 -0.34
N GLY B 3472 -3.14 37.94 0.26
CA GLY B 3472 -3.78 39.02 -0.47
C GLY B 3472 -2.93 39.64 -1.57
N THR B 3473 -1.85 40.33 -1.19
CA THR B 3473 -0.96 40.96 -2.15
C THR B 3473 0.47 40.70 -1.74
N ASN B 3474 1.37 40.77 -2.73
CA ASN B 3474 2.80 40.54 -2.53
C ASN B 3474 3.10 39.17 -1.95
N ASN B 3475 2.23 38.19 -2.25
CA ASN B 3475 2.38 36.82 -1.74
C ASN B 3475 2.45 36.81 -0.21
N GLY B 3476 1.72 37.72 0.41
CA GLY B 3476 1.74 37.84 1.86
C GLY B 3476 3.08 38.32 2.39
N GLY B 3477 3.90 38.88 1.52
CA GLY B 3477 5.22 39.35 1.87
C GLY B 3477 6.33 38.36 1.61
N CYS B 3478 6.02 37.10 1.39
CA CYS B 3478 7.04 36.10 1.11
C CYS B 3478 7.67 36.35 -0.26
N SER B 3479 8.99 36.24 -0.33
CA SER B 3479 9.67 36.31 -1.62
C SER B 3479 9.49 35.03 -2.42
N HIS B 3480 9.02 33.96 -1.78
CA HIS B 3480 8.78 32.69 -2.43
C HIS B 3480 7.38 32.20 -2.10
N LEU B 3481 7.11 30.92 -2.36
CA LEU B 3481 5.78 30.35 -2.21
C LEU B 3481 5.06 30.83 -0.96
N CYS B 3482 3.83 31.31 -1.14
CA CYS B 3482 2.91 31.61 -0.05
C CYS B 3482 1.84 30.54 -0.04
N LEU B 3483 1.80 29.73 1.01
CA LEU B 3483 0.92 28.57 1.07
C LEU B 3483 -0.11 28.75 2.17
N ILE B 3484 -1.31 28.22 1.95
CA ILE B 3484 -2.40 28.40 2.90
C ILE B 3484 -2.18 27.50 4.10
N LYS B 3485 -2.42 28.05 5.29
CA LYS B 3485 -2.32 27.28 6.51
C LYS B 3485 -3.45 26.26 6.60
N ALA B 3486 -3.20 25.18 7.32
CA ALA B 3486 -4.25 24.21 7.60
C ALA B 3486 -5.38 24.89 8.38
N GLY B 3487 -6.61 24.62 7.97
CA GLY B 3487 -7.76 25.33 8.47
C GLY B 3487 -8.19 26.51 7.63
N GLY B 3488 -7.37 26.95 6.68
CA GLY B 3488 -7.75 28.00 5.76
C GLY B 3488 -7.86 29.38 6.35
N ARG B 3489 -7.13 29.67 7.43
CA ARG B 3489 -7.19 30.98 8.07
C ARG B 3489 -5.92 31.80 7.86
N GLY B 3490 -4.75 31.18 8.06
CA GLY B 3490 -3.49 31.85 7.91
C GLY B 3490 -2.76 31.46 6.64
N PHE B 3491 -1.47 31.82 6.60
CA PHE B 3491 -0.61 31.50 5.48
C PHE B 3491 0.81 31.28 6.00
N THR B 3492 1.62 30.58 5.20
CA THR B 3492 2.96 30.21 5.59
C THR B 3492 3.90 30.40 4.41
N CYS B 3493 4.99 31.14 4.62
CA CYS B 3493 6.03 31.26 3.61
C CYS B 3493 6.79 29.95 3.53
N ALA B 3494 7.27 29.63 2.33
CA ALA B 3494 8.07 28.43 2.13
C ALA B 3494 9.05 28.67 0.99
N CYS B 3495 10.11 27.89 0.99
CA CYS B 3495 11.17 27.99 0.00
C CYS B 3495 11.20 26.77 -0.90
N PRO B 3496 11.77 26.88 -2.09
CA PRO B 3496 11.88 25.71 -2.98
C PRO B 3496 12.78 24.63 -2.42
N ASP B 3497 12.96 23.55 -3.17
CA ASP B 3497 13.67 22.38 -2.65
C ASP B 3497 15.12 22.71 -2.31
N ASP B 3498 15.85 23.28 -3.26
CA ASP B 3498 17.27 23.56 -3.03
C ASP B 3498 17.49 24.89 -2.30
N PHE B 3499 16.80 25.09 -1.18
CA PHE B 3499 16.94 26.30 -0.38
C PHE B 3499 16.87 25.91 1.09
N GLN B 3500 17.40 26.79 1.94
CA GLN B 3500 17.33 26.62 3.38
C GLN B 3500 16.29 27.57 3.94
N THR B 3501 15.33 27.03 4.69
CA THR B 3501 14.26 27.83 5.28
C THR B 3501 14.73 28.38 6.63
N VAL B 3502 15.74 29.24 6.56
CA VAL B 3502 16.30 29.86 7.76
C VAL B 3502 15.24 30.78 8.36
N GLN B 3503 14.84 30.51 9.59
CA GLN B 3503 13.70 31.18 10.19
C GLN B 3503 14.15 32.37 11.03
N LEU B 3504 13.52 33.52 10.79
CA LEU B 3504 13.57 34.67 11.67
C LEU B 3504 12.16 34.95 12.18
N ARG B 3505 12.04 35.94 13.05
CA ARG B 3505 10.72 36.34 13.53
C ARG B 3505 9.95 37.12 12.48
N ASP B 3506 10.65 37.86 11.61
CA ASP B 3506 9.96 38.68 10.62
C ASP B 3506 9.93 38.03 9.24
N ARG B 3507 10.92 37.20 8.93
CA ARG B 3507 11.12 36.72 7.57
C ARG B 3507 11.65 35.31 7.58
N THR B 3508 11.24 34.52 6.59
CA THR B 3508 11.83 33.21 6.33
C THR B 3508 12.86 33.39 5.23
N LEU B 3509 14.14 33.37 5.59
CA LEU B 3509 15.23 33.67 4.67
C LEU B 3509 15.51 32.43 3.83
N CYS B 3510 15.14 32.48 2.56
CA CYS B 3510 15.37 31.36 1.66
C CYS B 3510 16.77 31.44 1.07
N MET B 3511 17.73 30.82 1.74
CA MET B 3511 19.13 30.91 1.33
C MET B 3511 19.41 29.77 0.35
N PRO B 3512 19.75 30.05 -0.90
CA PRO B 3512 19.98 28.98 -1.87
C PRO B 3512 21.10 28.04 -1.43
N MET B 3513 20.85 26.74 -1.59
CA MET B 3513 21.78 25.72 -1.11
C MET B 3513 21.92 24.61 -2.15
N CYS B 3514 21.96 24.98 -3.43
CA CYS B 3514 22.03 23.98 -4.48
C CYS B 3514 23.41 23.35 -4.55
N SER B 3515 23.44 22.13 -5.07
CA SER B 3515 24.67 21.34 -5.11
C SER B 3515 25.63 21.86 -6.17
N SER B 3516 26.87 21.37 -6.11
CA SER B 3516 27.92 21.77 -7.03
C SER B 3516 27.68 21.32 -8.46
N THR B 3517 26.73 20.42 -8.69
CA THR B 3517 26.34 20.02 -10.03
C THR B 3517 25.17 20.84 -10.57
N GLN B 3518 24.86 21.96 -9.91
CA GLN B 3518 23.80 22.86 -10.32
C GLN B 3518 24.37 24.25 -10.51
N PHE B 3519 23.69 25.06 -11.33
CA PHE B 3519 24.07 26.44 -11.55
C PHE B 3519 22.99 27.36 -10.97
N LEU B 3520 23.43 28.35 -10.19
CA LEU B 3520 22.52 29.27 -9.54
C LEU B 3520 22.32 30.52 -10.39
N CYS B 3521 21.07 30.89 -10.63
CA CYS B 3521 20.79 32.12 -11.37
C CYS B 3521 21.27 33.33 -10.57
N GLY B 3522 21.56 34.42 -11.29
CA GLY B 3522 22.08 35.60 -10.63
C GLY B 3522 21.13 36.19 -9.61
N ASN B 3523 19.84 36.20 -9.92
CA ASN B 3523 18.84 36.78 -9.03
C ASN B 3523 18.33 35.80 -7.99
N ASN B 3524 18.92 34.60 -7.90
CA ASN B 3524 18.52 33.57 -6.95
C ASN B 3524 17.08 33.11 -7.18
N GLU B 3525 16.62 33.18 -8.43
CA GLU B 3525 15.29 32.67 -8.74
C GLU B 3525 15.21 31.16 -8.54
N LYS B 3526 16.21 30.43 -9.02
CA LYS B 3526 16.23 28.98 -8.92
C LYS B 3526 17.64 28.49 -9.25
N CYS B 3527 17.92 27.25 -8.86
CA CYS B 3527 19.16 26.58 -9.24
C CYS B 3527 18.85 25.51 -10.27
N ILE B 3528 19.42 25.65 -11.46
CA ILE B 3528 19.15 24.75 -12.57
C ILE B 3528 20.29 23.74 -12.66
N PRO B 3529 20.10 22.60 -13.32
CA PRO B 3529 21.22 21.66 -13.50
C PRO B 3529 22.34 22.30 -14.31
N ILE B 3530 23.57 21.87 -14.02
CA ILE B 3530 24.74 22.53 -14.58
C ILE B 3530 24.83 22.31 -16.10
N TRP B 3531 24.32 21.19 -16.61
CA TRP B 3531 24.39 20.99 -18.04
C TRP B 3531 23.44 21.90 -18.81
N TRP B 3532 22.56 22.63 -18.11
CA TRP B 3532 21.75 23.64 -18.76
C TRP B 3532 22.54 24.93 -18.99
N LYS B 3533 23.69 25.08 -18.35
CA LYS B 3533 24.44 26.33 -18.45
C LYS B 3533 25.06 26.47 -19.84
N CYS B 3534 24.79 27.61 -20.47
CA CYS B 3534 25.30 27.92 -21.82
C CYS B 3534 24.96 26.84 -22.83
N ASP B 3535 23.72 26.35 -22.80
CA ASP B 3535 23.26 25.37 -23.77
C ASP B 3535 22.58 25.99 -24.97
N GLY B 3536 22.38 27.31 -24.98
CA GLY B 3536 21.78 27.98 -26.11
C GLY B 3536 20.38 28.51 -25.90
N GLN B 3537 19.72 28.18 -24.80
CA GLN B 3537 18.41 28.70 -24.49
C GLN B 3537 18.40 29.23 -23.07
N LYS B 3538 17.66 30.31 -22.85
CA LYS B 3538 17.68 31.02 -21.57
C LYS B 3538 16.86 30.25 -20.55
N ASP B 3539 17.55 29.44 -19.74
CA ASP B 3539 16.89 28.74 -18.65
C ASP B 3539 16.68 29.62 -17.43
N CYS B 3540 17.63 30.51 -17.14
CA CYS B 3540 17.51 31.40 -15.99
C CYS B 3540 16.63 32.59 -16.36
N SER B 3541 15.76 32.99 -15.43
CA SER B 3541 14.82 34.07 -15.69
C SER B 3541 15.50 35.41 -15.91
N ASP B 3542 16.61 35.67 -15.22
CA ASP B 3542 17.34 36.92 -15.36
C ASP B 3542 18.32 36.92 -16.53
N GLY B 3543 18.52 35.78 -17.20
CA GLY B 3543 19.45 35.71 -18.31
C GLY B 3543 20.89 35.44 -17.95
N SER B 3544 21.21 35.20 -16.67
CA SER B 3544 22.57 34.85 -16.29
C SER B 3544 22.96 33.45 -16.74
N ASP B 3545 22.01 32.65 -17.21
CA ASP B 3545 22.31 31.30 -17.68
C ASP B 3545 23.25 31.30 -18.87
N GLU B 3546 23.25 32.35 -19.68
CA GLU B 3546 24.04 32.41 -20.90
C GLU B 3546 24.95 33.64 -20.90
N PRO B 3547 26.04 33.59 -20.13
CA PRO B 3547 27.01 34.70 -20.18
C PRO B 3547 27.75 34.72 -21.51
N ASP B 3548 28.43 35.83 -21.77
CA ASP B 3548 29.07 36.04 -23.06
C ASP B 3548 30.15 35.01 -23.33
N LEU B 3549 31.05 34.79 -22.37
CA LEU B 3549 32.25 33.99 -22.59
C LEU B 3549 32.05 32.59 -22.04
N CYS B 3550 31.40 31.74 -22.83
CA CYS B 3550 31.36 30.32 -22.61
C CYS B 3550 31.42 29.64 -23.97
N PRO B 3551 31.95 28.42 -24.06
CA PRO B 3551 32.35 27.88 -25.36
C PRO B 3551 31.16 27.48 -26.21
N HIS B 3552 31.46 27.27 -27.49
CA HIS B 3552 30.46 26.83 -28.46
C HIS B 3552 29.82 25.53 -28.01
N ARG B 3553 28.48 25.48 -28.08
CA ARG B 3553 27.73 24.32 -27.58
C ARG B 3553 27.73 23.25 -28.66
N PHE B 3554 28.37 22.12 -28.37
CA PHE B 3554 28.41 21.02 -29.34
C PHE B 3554 27.24 20.06 -29.14
N CYS B 3555 26.84 19.81 -27.90
CA CYS B 3555 25.86 18.78 -27.61
C CYS B 3555 24.45 19.31 -27.78
N ARG B 3556 23.49 18.39 -27.71
CA ARG B 3556 22.09 18.76 -27.76
C ARG B 3556 21.64 19.35 -26.42
N LEU B 3557 20.40 19.82 -26.39
CA LEU B 3557 19.79 20.20 -25.13
C LEU B 3557 19.58 18.96 -24.27
N GLY B 3558 19.89 19.08 -22.98
CA GLY B 3558 19.78 17.96 -22.08
C GLY B 3558 20.96 17.02 -22.05
N GLN B 3559 22.07 17.38 -22.69
CA GLN B 3559 23.29 16.59 -22.65
C GLN B 3559 24.41 17.41 -22.01
N PHE B 3560 25.26 16.73 -21.26
CA PHE B 3560 26.42 17.37 -20.66
C PHE B 3560 27.56 17.44 -21.66
N GLN B 3561 28.30 18.55 -21.61
CA GLN B 3561 29.41 18.79 -22.52
C GLN B 3561 30.71 18.74 -21.73
N CYS B 3562 31.62 17.87 -22.15
CA CYS B 3562 32.95 17.83 -21.54
C CYS B 3562 33.74 19.06 -21.96
N ARG B 3563 34.84 19.30 -21.25
CA ARG B 3563 35.65 20.49 -21.51
C ARG B 3563 36.27 20.46 -22.90
N ASP B 3564 36.41 19.29 -23.51
CA ASP B 3564 36.96 19.18 -24.85
C ASP B 3564 35.89 19.13 -25.94
N GLY B 3565 34.61 19.19 -25.57
CA GLY B 3565 33.53 19.23 -26.54
C GLY B 3565 32.78 17.92 -26.73
N ASN B 3566 33.32 16.80 -26.26
CA ASN B 3566 32.61 15.54 -26.38
C ASN B 3566 31.45 15.50 -25.38
N CYS B 3567 30.48 14.63 -25.66
CA CYS B 3567 29.17 14.69 -25.01
C CYS B 3567 28.86 13.42 -24.24
N THR B 3568 28.27 13.59 -23.06
CA THR B 3568 27.82 12.49 -22.23
C THR B 3568 26.43 12.79 -21.69
N SER B 3569 25.71 11.73 -21.34
CA SER B 3569 24.39 11.82 -20.74
C SER B 3569 24.50 12.41 -19.33
N PRO B 3570 23.46 13.09 -18.83
CA PRO B 3570 23.53 13.62 -17.47
C PRO B 3570 23.73 12.55 -16.40
N GLN B 3571 23.24 11.33 -16.62
CA GLN B 3571 23.45 10.26 -15.65
C GLN B 3571 24.92 9.88 -15.52
N ALA B 3572 25.75 10.27 -16.49
CA ALA B 3572 27.18 9.98 -16.39
C ALA B 3572 27.87 10.88 -15.39
N LEU B 3573 27.16 11.88 -14.86
CA LEU B 3573 27.78 12.88 -14.02
C LEU B 3573 28.05 12.32 -12.63
N CYS B 3574 29.33 12.28 -12.26
CA CYS B 3574 29.77 11.82 -10.94
C CYS B 3574 29.25 10.41 -10.63
N ASN B 3575 29.35 9.53 -11.60
CA ASN B 3575 28.98 8.14 -11.42
C ASN B 3575 30.16 7.25 -11.09
N ALA B 3576 31.32 7.83 -10.78
CA ALA B 3576 32.55 7.13 -10.46
C ALA B 3576 33.09 6.31 -11.62
N ARG B 3577 32.68 6.62 -12.84
CA ARG B 3577 33.21 5.99 -14.04
C ARG B 3577 33.55 7.07 -15.07
N GLN B 3578 34.73 6.94 -15.67
CA GLN B 3578 35.25 7.95 -16.57
C GLN B 3578 34.51 7.93 -17.91
N ASP B 3579 33.53 8.81 -18.08
CA ASP B 3579 32.79 8.88 -19.34
C ASP B 3579 33.43 9.85 -20.32
N CYS B 3580 33.73 11.06 -19.87
CA CYS B 3580 34.44 12.02 -20.73
C CYS B 3580 35.84 11.50 -21.02
N ALA B 3581 36.31 11.75 -22.24
CA ALA B 3581 37.64 11.30 -22.64
C ALA B 3581 38.74 11.93 -21.80
N ASP B 3582 38.52 13.13 -21.27
CA ASP B 3582 39.49 13.80 -20.41
C ASP B 3582 39.07 13.76 -18.95
N GLY B 3583 38.07 12.97 -18.60
CA GLY B 3583 37.61 12.92 -17.23
C GLY B 3583 36.88 14.16 -16.76
N SER B 3584 36.29 14.93 -17.67
CA SER B 3584 35.58 16.14 -17.28
C SER B 3584 34.36 15.85 -16.42
N ASP B 3585 33.79 14.66 -16.55
CA ASP B 3585 32.56 14.32 -15.82
C ASP B 3585 32.80 13.95 -14.36
N GLU B 3586 34.06 13.77 -13.95
CA GLU B 3586 34.34 13.29 -12.60
C GLU B 3586 35.27 14.22 -11.81
N ASP B 3587 35.40 15.49 -12.19
CA ASP B 3587 36.29 16.39 -11.48
C ASP B 3587 35.81 16.60 -10.05
N ARG B 3588 36.76 16.70 -9.12
CA ARG B 3588 36.42 16.95 -7.72
C ARG B 3588 35.74 18.30 -7.56
N VAL B 3589 36.15 19.29 -8.36
CA VAL B 3589 35.52 20.61 -8.30
C VAL B 3589 34.07 20.57 -8.76
N LEU B 3590 33.65 19.48 -9.40
CA LEU B 3590 32.26 19.31 -9.81
C LEU B 3590 31.51 18.35 -8.90
N CYS B 3591 32.17 17.31 -8.40
CA CYS B 3591 31.50 16.26 -7.67
C CYS B 3591 31.67 16.34 -6.16
N GLU B 3592 32.39 17.35 -5.65
CA GLU B 3592 32.64 17.42 -4.22
C GLU B 3592 31.36 17.62 -3.43
N HIS B 3593 30.46 18.48 -3.91
CA HIS B 3593 29.20 18.74 -3.23
C HIS B 3593 28.02 18.19 -4.01
N HIS B 3594 28.23 17.13 -4.79
CA HIS B 3594 27.15 16.55 -5.57
C HIS B 3594 26.11 15.92 -4.66
N ARG B 3595 24.84 16.12 -5.00
CA ARG B 3595 23.72 15.64 -4.21
C ARG B 3595 22.82 14.77 -5.08
N CYS B 3596 22.31 13.69 -4.49
CA CYS B 3596 21.52 12.72 -5.24
C CYS B 3596 20.04 13.01 -5.11
N GLU B 3597 19.24 12.19 -5.79
CA GLU B 3597 17.79 12.36 -5.78
C GLU B 3597 17.22 11.92 -4.44
N SER B 3598 15.96 12.29 -4.21
CA SER B 3598 15.27 11.94 -2.97
C SER B 3598 15.02 10.44 -2.84
N ASN B 3599 15.02 9.70 -3.95
CA ASN B 3599 14.80 8.26 -3.92
C ASN B 3599 16.10 7.47 -4.07
N GLU B 3600 17.24 8.12 -3.94
CA GLU B 3600 18.53 7.47 -4.07
C GLU B 3600 19.42 7.85 -2.90
N TRP B 3601 20.44 7.01 -2.66
CA TRP B 3601 21.36 7.20 -1.55
C TRP B 3601 22.78 7.29 -2.11
N GLN B 3602 23.58 8.16 -1.50
CA GLN B 3602 24.90 8.48 -2.01
C GLN B 3602 25.95 7.60 -1.34
N CYS B 3603 26.85 7.03 -2.15
CA CYS B 3603 27.86 6.13 -1.66
C CYS B 3603 29.03 6.91 -1.04
N ALA B 3604 30.08 6.19 -0.66
CA ALA B 3604 31.28 6.84 -0.17
C ALA B 3604 31.89 7.72 -1.26
N ASN B 3605 32.12 7.15 -2.44
CA ASN B 3605 32.29 7.98 -3.62
C ASN B 3605 30.92 8.46 -4.09
N LYS B 3606 30.90 9.60 -4.75
CA LYS B 3606 29.66 10.34 -4.94
C LYS B 3606 28.64 9.64 -5.86
N ARG B 3607 28.88 8.42 -6.30
CA ARG B 3607 27.91 7.69 -7.11
C ARG B 3607 26.59 7.52 -6.37
N CYS B 3608 25.49 7.73 -7.08
CA CYS B 3608 24.16 7.58 -6.53
C CYS B 3608 23.54 6.27 -6.97
N ILE B 3609 22.92 5.57 -6.02
CA ILE B 3609 22.24 4.30 -6.31
C ILE B 3609 20.86 4.33 -5.65
N PRO B 3610 19.92 3.57 -6.20
CA PRO B 3610 18.60 3.49 -5.56
C PRO B 3610 18.70 2.91 -4.16
N GLN B 3611 17.81 3.40 -3.28
CA GLN B 3611 17.92 3.06 -1.87
C GLN B 3611 17.62 1.60 -1.59
N SER B 3612 16.86 0.94 -2.46
CA SER B 3612 16.57 -0.48 -2.28
C SER B 3612 17.77 -1.37 -2.53
N TRP B 3613 18.85 -0.83 -3.08
CA TRP B 3613 20.04 -1.62 -3.39
C TRP B 3613 21.04 -1.65 -2.24
N GLN B 3614 20.80 -0.92 -1.16
CA GLN B 3614 21.72 -0.93 -0.03
C GLN B 3614 21.57 -2.21 0.78
N CYS B 3615 22.72 -2.74 1.23
CA CYS B 3615 22.77 -3.95 2.04
C CYS B 3615 22.04 -5.11 1.37
N ASP B 3616 22.19 -5.23 0.06
CA ASP B 3616 21.58 -6.28 -0.72
C ASP B 3616 22.55 -7.40 -1.12
N SER B 3617 23.73 -7.44 -0.50
CA SER B 3617 24.76 -8.44 -0.77
C SER B 3617 25.32 -8.35 -2.17
N VAL B 3618 25.21 -7.20 -2.82
CA VAL B 3618 25.84 -6.95 -4.11
C VAL B 3618 26.52 -5.59 -4.07
N ASN B 3619 27.77 -5.54 -4.52
CA ASN B 3619 28.52 -4.29 -4.59
C ASN B 3619 27.94 -3.43 -5.70
N ASP B 3620 27.28 -2.33 -5.32
CA ASP B 3620 26.69 -1.41 -6.27
C ASP B 3620 27.40 -0.06 -6.31
N CYS B 3621 28.23 0.25 -5.32
CA CYS B 3621 28.97 1.50 -5.28
C CYS B 3621 30.36 1.39 -5.87
N LEU B 3622 30.75 0.20 -6.34
CA LEU B 3622 32.06 -0.07 -6.93
C LEU B 3622 33.18 0.02 -5.90
N ASP B 3623 32.85 0.37 -4.66
CA ASP B 3623 33.77 0.28 -3.55
C ASP B 3623 33.16 -0.44 -2.35
N ASN B 3624 32.01 -1.09 -2.54
CA ASN B 3624 31.29 -1.85 -1.53
C ASN B 3624 30.91 -1.01 -0.32
N SER B 3625 30.70 0.30 -0.50
CA SER B 3625 30.22 1.13 0.59
C SER B 3625 28.74 0.94 0.86
N ASP B 3626 27.98 0.38 -0.09
CA ASP B 3626 26.59 0.02 0.17
C ASP B 3626 26.47 -1.25 0.98
N GLU B 3627 27.47 -2.12 0.94
CA GLU B 3627 27.43 -3.38 1.66
C GLU B 3627 28.31 -3.42 2.90
N ASP B 3628 28.80 -2.27 3.35
CA ASP B 3628 29.64 -2.19 4.54
C ASP B 3628 28.92 -2.78 5.74
N THR B 3629 29.60 -3.69 6.44
CA THR B 3629 28.99 -4.37 7.58
C THR B 3629 28.63 -3.39 8.70
N SER B 3630 29.53 -2.47 9.02
CA SER B 3630 29.22 -1.47 10.03
C SER B 3630 28.06 -0.59 9.60
N HIS B 3631 28.07 -0.17 8.33
CA HIS B 3631 26.99 0.66 7.81
C HIS B 3631 25.65 -0.07 7.85
N CYS B 3632 25.63 -1.33 7.43
CA CYS B 3632 24.41 -2.12 7.51
C CYS B 3632 23.97 -2.37 8.94
N ALA B 3633 24.90 -2.38 9.89
CA ALA B 3633 24.52 -2.57 11.29
C ALA B 3633 23.95 -1.30 11.89
N SER B 3634 24.39 -0.14 11.36
CA SER B 3634 23.97 1.15 11.96
C SER B 3634 22.82 1.82 11.21
N ARG B 3635 22.52 1.41 9.98
CA ARG B 3635 21.50 2.15 9.16
C ARG B 3635 20.08 1.93 9.70
N THR B 3636 19.17 2.84 9.37
CA THR B 3636 17.75 2.72 9.78
C THR B 3636 16.88 2.64 8.53
N CYS B 3637 16.01 1.64 8.44
CA CYS B 3637 15.19 1.43 7.21
C CYS B 3637 14.21 2.59 7.02
N ARG B 3638 13.92 2.94 5.76
CA ARG B 3638 12.94 4.01 5.45
C ARG B 3638 11.60 3.72 6.15
N PRO B 3639 10.87 4.76 6.60
CA PRO B 3639 9.60 4.61 7.31
C PRO B 3639 8.64 3.77 6.48
N GLY B 3640 7.93 2.88 7.15
CA GLY B 3640 7.07 1.93 6.48
C GLY B 3640 7.77 0.70 5.94
N GLN B 3641 9.09 0.62 6.09
CA GLN B 3641 9.83 -0.57 5.69
C GLN B 3641 10.26 -1.36 6.92
N PHE B 3642 10.71 -2.58 6.68
CA PHE B 3642 11.16 -3.47 7.74
C PHE B 3642 12.60 -3.88 7.47
N LYS B 3643 13.42 -3.86 8.51
CA LYS B 3643 14.85 -4.13 8.39
C LYS B 3643 15.13 -5.58 8.73
N CYS B 3644 15.89 -6.25 7.87
CA CYS B 3644 16.32 -7.62 8.14
C CYS B 3644 17.47 -7.63 9.13
N ASN B 3645 17.84 -8.84 9.58
CA ASN B 3645 18.97 -8.96 10.48
C ASN B 3645 20.29 -8.66 9.77
N ASN B 3646 20.37 -8.98 8.48
CA ASN B 3646 21.59 -8.70 7.71
C ASN B 3646 21.62 -7.28 7.14
N GLY B 3647 20.81 -6.37 7.69
CA GLY B 3647 20.84 -4.99 7.26
C GLY B 3647 19.98 -4.66 6.06
N ARG B 3648 19.37 -5.66 5.44
CA ARG B 3648 18.52 -5.41 4.28
C ARG B 3648 17.20 -4.80 4.72
N CYS B 3649 16.74 -3.79 3.96
CA CYS B 3649 15.45 -3.13 4.26
C CYS B 3649 14.44 -3.57 3.21
N ILE B 3650 13.27 -4.04 3.64
CA ILE B 3650 12.23 -4.55 2.75
C ILE B 3650 10.89 -3.95 3.14
N PRO B 3651 9.94 -3.91 2.20
CA PRO B 3651 8.62 -3.37 2.52
C PRO B 3651 7.94 -4.15 3.63
N GLN B 3652 7.13 -3.44 4.41
CA GLN B 3652 6.50 -4.04 5.58
C GLN B 3652 5.63 -5.23 5.21
N SER B 3653 4.94 -5.15 4.07
CA SER B 3653 4.05 -6.23 3.65
C SER B 3653 4.82 -7.52 3.37
N TRP B 3654 6.11 -7.43 3.02
CA TRP B 3654 6.89 -8.63 2.74
C TRP B 3654 7.20 -9.44 3.99
N LYS B 3655 6.97 -8.89 5.17
CA LYS B 3655 7.22 -9.63 6.40
C LYS B 3655 6.08 -10.59 6.68
N CYS B 3656 6.44 -11.83 7.01
CA CYS B 3656 5.47 -12.89 7.31
C CYS B 3656 4.57 -13.17 6.12
N ASP B 3657 5.20 -13.47 4.97
CA ASP B 3657 4.48 -13.82 3.76
C ASP B 3657 4.93 -15.16 3.19
N VAL B 3658 5.51 -16.02 4.04
CA VAL B 3658 5.95 -17.36 3.65
C VAL B 3658 6.96 -17.26 2.52
N ASP B 3659 7.82 -16.24 2.55
CA ASP B 3659 8.84 -16.10 1.54
C ASP B 3659 10.09 -15.49 2.16
N ASN B 3660 11.24 -16.02 1.78
CA ASN B 3660 12.54 -15.57 2.32
C ASN B 3660 13.00 -14.38 1.52
N ASP B 3661 12.43 -13.21 1.85
CA ASP B 3661 12.84 -11.97 1.19
C ASP B 3661 14.15 -11.43 1.73
N CYS B 3662 14.50 -11.77 2.97
CA CYS B 3662 15.75 -11.28 3.56
C CYS B 3662 16.94 -12.16 3.26
N GLY B 3663 16.73 -13.37 2.74
CA GLY B 3663 17.83 -14.27 2.46
C GLY B 3663 18.22 -15.13 3.65
N ASP B 3664 18.15 -14.55 4.84
CA ASP B 3664 18.50 -15.24 6.09
C ASP B 3664 17.26 -15.63 6.90
N TYR B 3665 16.07 -15.48 6.33
CA TYR B 3665 14.80 -15.80 6.97
C TYR B 3665 14.56 -15.02 8.26
N SER B 3666 15.10 -13.80 8.38
CA SER B 3666 14.82 -12.98 9.55
C SER B 3666 13.43 -12.37 9.49
N ASP B 3667 12.81 -12.31 8.32
CA ASP B 3667 11.48 -11.73 8.14
C ASP B 3667 10.37 -12.76 8.32
N GLU B 3668 10.69 -14.01 8.64
CA GLU B 3668 9.68 -15.06 8.76
C GLU B 3668 9.80 -15.81 10.09
N PRO B 3669 9.48 -15.15 11.21
CA PRO B 3669 9.42 -15.88 12.48
C PRO B 3669 8.10 -16.64 12.61
N ILE B 3670 8.18 -17.97 12.58
CA ILE B 3670 6.96 -18.78 12.52
C ILE B 3670 6.09 -18.56 13.75
N ASP B 3671 6.72 -18.39 14.92
CA ASP B 3671 5.95 -18.19 16.14
C ASP B 3671 5.16 -16.88 16.10
N GLU B 3672 5.65 -15.88 15.36
CA GLU B 3672 4.98 -14.58 15.27
C GLU B 3672 4.06 -14.48 14.07
N CYS B 3673 4.45 -15.05 12.92
CA CYS B 3673 3.59 -15.01 11.74
C CYS B 3673 2.28 -15.77 11.98
N THR B 3674 2.34 -16.88 12.68
CA THR B 3674 1.13 -17.66 12.95
C THR B 3674 0.37 -17.09 14.13
N THR B 3675 0.04 -15.80 14.07
CA THR B 3675 -0.72 -15.15 15.14
C THR B 3675 -1.83 -14.33 14.51
N ALA B 3676 -2.85 -14.03 15.33
CA ALA B 3676 -4.01 -13.29 14.84
C ALA B 3676 -3.65 -11.89 14.39
N ALA B 3677 -2.51 -11.35 14.86
CA ALA B 3677 -2.10 -10.01 14.47
C ALA B 3677 -1.70 -9.92 13.00
N TYR B 3678 -1.49 -11.05 12.33
CA TYR B 3678 -1.13 -11.06 10.91
C TYR B 3678 -2.19 -11.74 10.05
N ASN B 3679 -3.46 -11.58 10.40
CA ASN B 3679 -4.52 -12.16 9.59
C ASN B 3679 -4.68 -11.40 8.29
N CYS B 3680 -5.38 -12.03 7.35
CA CYS B 3680 -5.67 -11.45 6.05
C CYS B 3680 -6.96 -10.67 6.13
N ASP B 3681 -7.02 -9.53 5.45
CA ASP B 3681 -8.22 -8.70 5.50
C ASP B 3681 -9.36 -9.38 4.77
N ASN B 3682 -10.24 -9.98 5.58
CA ASN B 3682 -11.52 -10.55 5.17
C ASN B 3682 -12.15 -9.76 4.03
N HIS B 3683 -12.22 -8.43 4.13
CA HIS B 3683 -12.81 -7.64 3.06
C HIS B 3683 -12.08 -7.78 1.72
N THR B 3684 -10.75 -7.83 1.70
CA THR B 3684 -10.05 -7.71 0.42
C THR B 3684 -8.98 -8.76 0.13
N GLU B 3685 -8.37 -9.41 1.13
CA GLU B 3685 -7.33 -10.37 0.83
C GLU B 3685 -7.84 -11.79 0.96
N PHE B 3686 -7.15 -12.70 0.27
CA PHE B 3686 -7.46 -14.11 0.25
C PHE B 3686 -6.36 -14.88 0.97
N SER B 3687 -6.75 -15.86 1.77
CA SER B 3687 -5.81 -16.63 2.58
C SER B 3687 -5.52 -17.96 1.91
N CYS B 3688 -4.23 -18.31 1.82
CA CYS B 3688 -3.85 -19.59 1.25
C CYS B 3688 -4.22 -20.72 2.20
N LYS B 3689 -4.30 -21.93 1.65
CA LYS B 3689 -4.84 -23.06 2.41
C LYS B 3689 -3.81 -23.61 3.39
N THR B 3690 -2.63 -23.98 2.91
CA THR B 3690 -1.67 -24.73 3.72
C THR B 3690 -0.63 -23.86 4.39
N ASN B 3691 -0.75 -22.53 4.33
CA ASN B 3691 0.20 -21.67 5.01
C ASN B 3691 -0.49 -20.36 5.36
N TYR B 3692 0.29 -19.44 5.93
CA TYR B 3692 -0.22 -18.20 6.48
C TYR B 3692 -0.08 -17.00 5.52
N ARG B 3693 0.26 -17.24 4.26
CA ARG B 3693 0.37 -16.14 3.30
C ARG B 3693 -1.00 -15.56 2.97
N CYS B 3694 -1.06 -14.24 2.89
CA CYS B 3694 -2.26 -13.54 2.43
C CYS B 3694 -1.98 -12.89 1.09
N ILE B 3695 -2.92 -13.02 0.16
CA ILE B 3695 -2.80 -12.40 -1.16
C ILE B 3695 -4.07 -11.61 -1.44
N PRO B 3696 -3.97 -10.55 -2.24
CA PRO B 3696 -5.17 -9.80 -2.61
C PRO B 3696 -6.11 -10.67 -3.45
N GLN B 3697 -7.41 -10.40 -3.32
CA GLN B 3697 -8.40 -11.23 -4.01
C GLN B 3697 -8.29 -11.11 -5.52
N TRP B 3698 -7.78 -9.99 -6.03
CA TRP B 3698 -7.66 -9.86 -7.48
C TRP B 3698 -6.55 -10.72 -8.05
N ALA B 3699 -5.77 -11.38 -7.21
CA ALA B 3699 -4.77 -12.34 -7.67
C ALA B 3699 -5.37 -13.72 -7.91
N VAL B 3700 -6.60 -13.95 -7.49
CA VAL B 3700 -7.24 -15.25 -7.72
C VAL B 3700 -7.62 -15.37 -9.18
N CYS B 3701 -7.46 -16.56 -9.74
CA CYS B 3701 -7.81 -16.92 -11.11
C CYS B 3701 -6.90 -16.26 -12.15
N ASN B 3702 -5.84 -15.57 -11.71
CA ASN B 3702 -5.06 -14.77 -12.64
C ASN B 3702 -4.13 -15.59 -13.52
N GLY B 3703 -3.98 -16.89 -13.26
CA GLY B 3703 -3.05 -17.71 -14.00
C GLY B 3703 -1.65 -17.74 -13.46
N PHE B 3704 -1.45 -17.37 -12.20
CA PHE B 3704 -0.11 -17.31 -11.62
C PHE B 3704 -0.15 -17.94 -10.24
N ASP B 3705 1.03 -18.36 -9.78
CA ASP B 3705 1.19 -18.99 -8.46
C ASP B 3705 1.36 -17.92 -7.38
N ASP B 3706 0.27 -17.21 -7.09
CA ASP B 3706 0.32 -16.16 -6.08
C ASP B 3706 0.55 -16.74 -4.69
N CYS B 3707 -0.23 -17.74 -4.30
CA CYS B 3707 0.13 -18.56 -3.16
C CYS B 3707 1.18 -19.57 -3.59
N ARG B 3708 2.23 -19.71 -2.79
CA ARG B 3708 3.22 -20.75 -3.07
C ARG B 3708 2.61 -22.14 -2.95
N ASP B 3709 1.45 -22.26 -2.31
CA ASP B 3709 0.67 -23.48 -2.25
C ASP B 3709 0.06 -23.85 -3.59
N ASN B 3710 -0.06 -22.90 -4.53
CA ASN B 3710 -0.86 -23.03 -5.74
C ASN B 3710 -2.34 -23.24 -5.43
N SER B 3711 -2.79 -22.79 -4.26
CA SER B 3711 -4.16 -23.02 -3.80
C SER B 3711 -5.10 -21.88 -4.15
N ASP B 3712 -4.61 -20.84 -4.81
CA ASP B 3712 -5.46 -19.77 -5.31
C ASP B 3712 -5.89 -20.00 -6.75
N GLU B 3713 -5.47 -21.11 -7.36
CA GLU B 3713 -5.81 -21.44 -8.74
C GLU B 3713 -6.67 -22.67 -8.86
N GLN B 3714 -6.92 -23.39 -7.76
CA GLN B 3714 -7.59 -24.68 -7.81
C GLN B 3714 -9.09 -24.51 -7.90
N GLY B 3715 -9.69 -25.14 -8.89
CA GLY B 3715 -11.13 -25.08 -9.07
C GLY B 3715 -11.68 -23.68 -9.19
N CYS B 3716 -11.02 -22.82 -9.95
CA CYS B 3716 -11.35 -21.40 -9.90
C CYS B 3716 -12.48 -21.06 -10.86
N GLU B 3717 -12.99 -22.05 -11.60
CA GLU B 3717 -14.17 -21.84 -12.43
C GLU B 3717 -15.42 -21.55 -11.62
N SER B 3718 -15.39 -21.80 -10.31
CA SER B 3718 -16.57 -21.54 -9.48
C SER B 3718 -16.89 -20.05 -9.38
N VAL B 3719 -15.87 -19.20 -9.35
CA VAL B 3719 -16.10 -17.76 -9.18
C VAL B 3719 -16.73 -17.21 -10.46
N PRO B 3720 -17.69 -16.29 -10.35
CA PRO B 3720 -18.24 -15.66 -11.56
C PRO B 3720 -17.52 -14.36 -11.87
N CYS B 3721 -17.29 -14.11 -13.15
CA CYS B 3721 -16.71 -12.84 -13.57
C CYS B 3721 -17.73 -11.72 -13.38
N HIS B 3722 -17.26 -10.49 -13.52
CA HIS B 3722 -18.16 -9.35 -13.40
C HIS B 3722 -19.20 -9.40 -14.51
N PRO B 3723 -20.47 -9.11 -14.21
CA PRO B 3723 -21.53 -9.28 -15.21
C PRO B 3723 -21.36 -8.45 -16.47
N SER B 3724 -20.68 -7.30 -16.39
CA SER B 3724 -20.65 -6.39 -17.55
C SER B 3724 -19.25 -6.04 -18.04
N GLY B 3725 -18.27 -5.86 -17.15
CA GLY B 3725 -16.97 -5.37 -17.60
C GLY B 3725 -15.94 -6.44 -17.86
N ASP B 3726 -16.21 -7.69 -17.49
CA ASP B 3726 -15.24 -8.77 -17.58
C ASP B 3726 -15.59 -9.71 -18.72
N PHE B 3727 -14.60 -9.98 -19.57
CA PHE B 3727 -14.72 -11.02 -20.57
C PHE B 3727 -14.02 -12.28 -20.07
N ARG B 3728 -14.72 -13.41 -20.16
CA ARG B 3728 -14.23 -14.68 -19.65
C ARG B 3728 -13.54 -15.45 -20.75
N CYS B 3729 -12.29 -15.85 -20.51
CA CYS B 3729 -11.55 -16.62 -21.49
C CYS B 3729 -12.06 -18.06 -21.54
N ALA B 3730 -11.59 -18.81 -22.54
CA ALA B 3730 -12.00 -20.19 -22.70
C ALA B 3730 -11.52 -21.07 -21.54
N ASN B 3731 -10.49 -20.66 -20.83
CA ASN B 3731 -9.97 -21.42 -19.70
C ASN B 3731 -10.49 -20.92 -18.36
N HIS B 3732 -11.63 -20.22 -18.36
CA HIS B 3732 -12.34 -19.72 -17.18
C HIS B 3732 -11.59 -18.62 -16.43
N HIS B 3733 -10.63 -17.96 -17.07
CA HIS B 3733 -10.00 -16.79 -16.46
C HIS B 3733 -10.72 -15.52 -16.92
N CYS B 3734 -11.05 -14.66 -15.96
CA CYS B 3734 -11.68 -13.39 -16.28
C CYS B 3734 -10.62 -12.34 -16.57
N ILE B 3735 -10.86 -11.55 -17.61
CA ILE B 3735 -10.00 -10.41 -17.94
C ILE B 3735 -10.89 -9.21 -18.23
N PRO B 3736 -10.37 -8.01 -17.97
CA PRO B 3736 -11.12 -6.79 -18.31
C PRO B 3736 -11.41 -6.73 -19.81
N LEU B 3737 -12.59 -6.23 -20.15
CA LEU B 3737 -13.00 -6.19 -21.56
C LEU B 3737 -12.07 -5.33 -22.39
N ARG B 3738 -11.46 -4.32 -21.79
CA ARG B 3738 -10.57 -3.42 -22.53
C ARG B 3738 -9.36 -4.16 -23.09
N TRP B 3739 -8.98 -5.30 -22.50
CA TRP B 3739 -7.89 -6.09 -23.03
C TRP B 3739 -8.33 -7.03 -24.14
N LYS B 3740 -9.64 -7.20 -24.34
CA LYS B 3740 -10.11 -8.00 -25.45
C LYS B 3740 -9.82 -7.30 -26.76
N CYS B 3741 -9.23 -8.03 -27.71
CA CYS B 3741 -8.85 -7.51 -29.02
C CYS B 3741 -7.85 -6.38 -28.93
N ASP B 3742 -7.09 -6.28 -27.83
CA ASP B 3742 -6.07 -5.26 -27.74
C ASP B 3742 -4.84 -5.57 -28.59
N GLY B 3743 -4.75 -6.78 -29.15
CA GLY B 3743 -3.63 -7.18 -29.96
C GLY B 3743 -2.62 -8.05 -29.24
N THR B 3744 -2.86 -8.41 -27.99
CA THR B 3744 -1.93 -9.21 -27.22
C THR B 3744 -2.70 -10.29 -26.46
N ASP B 3745 -2.04 -11.43 -26.27
CA ASP B 3745 -2.63 -12.51 -25.49
C ASP B 3745 -2.64 -12.11 -24.02
N ASP B 3746 -3.79 -12.27 -23.36
CA ASP B 3746 -3.92 -12.01 -21.94
C ASP B 3746 -4.53 -13.17 -21.18
N CYS B 3747 -4.99 -14.21 -21.87
CA CYS B 3747 -5.55 -15.39 -21.24
C CYS B 3747 -4.54 -16.52 -21.12
N GLY B 3748 -3.73 -16.72 -22.16
CA GLY B 3748 -2.82 -17.85 -22.20
C GLY B 3748 -3.20 -18.80 -23.31
N ASP B 3749 -4.50 -19.03 -23.47
CA ASP B 3749 -5.03 -19.83 -24.57
C ASP B 3749 -5.45 -18.97 -25.76
N ASN B 3750 -5.17 -17.67 -25.72
CA ASN B 3750 -5.39 -16.76 -26.85
C ASN B 3750 -6.86 -16.64 -27.20
N SER B 3751 -7.76 -17.02 -26.29
CA SER B 3751 -9.18 -16.94 -26.58
C SER B 3751 -9.70 -15.53 -26.64
N ASP B 3752 -8.97 -14.55 -26.09
CA ASP B 3752 -9.42 -13.16 -26.15
C ASP B 3752 -9.19 -12.56 -27.53
N GLU B 3753 -8.08 -12.93 -28.18
CA GLU B 3753 -7.72 -12.39 -29.48
C GLU B 3753 -8.27 -13.20 -30.64
N GLU B 3754 -9.32 -13.97 -30.41
CA GLU B 3754 -9.92 -14.81 -31.44
C GLU B 3754 -11.33 -14.31 -31.75
N ASN B 3755 -11.79 -14.60 -32.97
CA ASN B 3755 -13.03 -14.03 -33.50
C ASN B 3755 -13.01 -12.52 -33.41
N CYS B 3756 -11.88 -11.91 -33.76
CA CYS B 3756 -11.61 -10.51 -33.48
C CYS B 3756 -11.68 -9.70 -34.76
N VAL B 3757 -12.42 -8.60 -34.72
CA VAL B 3757 -12.52 -7.65 -35.83
C VAL B 3757 -11.70 -6.42 -35.46
N PRO B 3758 -10.82 -5.94 -36.35
CA PRO B 3758 -9.98 -4.79 -35.99
C PRO B 3758 -10.82 -3.57 -35.62
N ARG B 3759 -10.36 -2.83 -34.61
CA ARG B 3759 -11.12 -1.72 -34.10
C ARG B 3759 -11.02 -0.52 -35.04
N GLU B 3760 -11.82 0.50 -34.76
CA GLU B 3760 -11.81 1.72 -35.54
C GLU B 3760 -10.73 2.66 -35.03
N CYS B 3761 -9.83 3.07 -35.92
CA CYS B 3761 -8.83 4.06 -35.56
C CYS B 3761 -9.50 5.39 -35.27
N SER B 3762 -9.02 6.07 -34.22
CA SER B 3762 -9.67 7.28 -33.77
C SER B 3762 -9.29 8.47 -34.65
N GLU B 3763 -9.63 9.67 -34.18
CA GLU B 3763 -9.50 10.87 -35.01
C GLU B 3763 -8.05 11.17 -35.38
N SER B 3764 -7.12 11.01 -34.44
CA SER B 3764 -5.72 11.35 -34.69
C SER B 3764 -4.86 10.13 -34.97
N GLU B 3765 -5.45 8.98 -35.26
CA GLU B 3765 -4.68 7.80 -35.61
C GLU B 3765 -4.72 7.55 -37.10
N PHE B 3766 -3.72 6.81 -37.59
CA PHE B 3766 -3.62 6.43 -38.99
C PHE B 3766 -3.66 4.92 -39.10
N ARG B 3767 -4.37 4.43 -40.11
CA ARG B 3767 -4.66 3.01 -40.25
C ARG B 3767 -3.71 2.38 -41.25
N CYS B 3768 -3.06 1.29 -40.84
CA CYS B 3768 -2.11 0.61 -41.71
C CYS B 3768 -2.85 -0.27 -42.72
N ALA B 3769 -2.07 -0.88 -43.62
CA ALA B 3769 -2.66 -1.79 -44.60
C ALA B 3769 -3.23 -3.03 -43.93
N ASP B 3770 -2.58 -3.50 -42.86
CA ASP B 3770 -3.05 -4.67 -42.14
C ASP B 3770 -3.98 -4.28 -41.00
N GLN B 3771 -4.69 -3.16 -41.18
CA GLN B 3771 -5.78 -2.74 -40.31
C GLN B 3771 -5.34 -2.42 -38.89
N GLN B 3772 -4.05 -2.12 -38.71
CA GLN B 3772 -3.56 -1.69 -37.41
C GLN B 3772 -3.59 -0.16 -37.32
N CYS B 3773 -3.81 0.33 -36.11
CA CYS B 3773 -3.91 1.76 -35.85
C CYS B 3773 -2.64 2.27 -35.17
N ILE B 3774 -2.06 3.32 -35.73
CA ILE B 3774 -0.87 3.95 -35.18
C ILE B 3774 -1.10 5.46 -35.10
N PRO B 3775 -0.40 6.13 -34.20
CA PRO B 3775 -0.53 7.59 -34.13
C PRO B 3775 -0.12 8.24 -35.44
N SER B 3776 -0.85 9.28 -35.82
CA SER B 3776 -0.58 9.96 -37.08
C SER B 3776 0.77 10.67 -37.06
N ARG B 3777 1.33 10.93 -35.88
CA ARG B 3777 2.66 11.52 -35.81
C ARG B 3777 3.74 10.58 -36.31
N TRP B 3778 3.46 9.28 -36.34
CA TRP B 3778 4.44 8.29 -36.76
C TRP B 3778 4.53 8.13 -38.27
N VAL B 3779 3.66 8.78 -39.03
CA VAL B 3779 3.74 8.65 -40.49
C VAL B 3779 4.87 9.51 -41.02
N CYS B 3780 5.62 8.96 -41.98
CA CYS B 3780 6.71 9.68 -42.64
C CYS B 3780 7.75 10.19 -41.66
N ASP B 3781 7.99 9.41 -40.59
CA ASP B 3781 9.02 9.75 -39.61
C ASP B 3781 10.29 8.93 -39.79
N GLN B 3782 10.43 8.25 -40.92
CA GLN B 3782 11.58 7.40 -41.28
C GLN B 3782 11.63 6.12 -40.45
N GLU B 3783 10.50 5.68 -39.89
CA GLU B 3783 10.44 4.44 -39.12
C GLU B 3783 9.32 3.55 -39.63
N ASN B 3784 9.62 2.26 -39.76
CA ASN B 3784 8.63 1.28 -40.19
C ASN B 3784 7.81 0.86 -38.98
N ASP B 3785 6.79 1.65 -38.66
CA ASP B 3785 5.98 1.43 -37.47
C ASP B 3785 4.92 0.36 -37.67
N CYS B 3786 4.23 0.36 -38.81
CA CYS B 3786 3.20 -0.65 -39.05
C CYS B 3786 3.80 -2.05 -39.12
N GLY B 3787 4.96 -2.18 -39.75
CA GLY B 3787 5.61 -3.46 -39.88
C GLY B 3787 5.98 -3.79 -41.32
N ASP B 3788 5.41 -3.02 -42.26
CA ASP B 3788 5.70 -3.25 -43.67
C ASP B 3788 5.88 -1.95 -44.43
N ASN B 3789 6.24 -0.86 -43.74
CA ASN B 3789 6.37 0.48 -44.32
C ASN B 3789 5.08 0.94 -44.97
N SER B 3790 3.94 0.41 -44.51
CA SER B 3790 2.65 0.87 -45.03
C SER B 3790 2.39 2.32 -44.65
N ASP B 3791 3.01 2.80 -43.58
CA ASP B 3791 2.87 4.18 -43.15
C ASP B 3791 3.92 5.09 -43.74
N GLU B 3792 4.79 4.58 -44.62
CA GLU B 3792 5.88 5.35 -45.20
C GLU B 3792 5.66 5.64 -46.68
N ARG B 3793 4.42 5.57 -47.14
CA ARG B 3793 4.13 5.70 -48.57
C ARG B 3793 3.70 7.12 -48.91
N ASP B 3794 4.10 7.57 -50.09
CA ASP B 3794 3.66 8.85 -50.65
C ASP B 3794 3.90 10.02 -49.71
N CYS B 3795 5.10 10.07 -49.11
CA CYS B 3795 5.37 11.12 -48.14
C CYS B 3795 5.45 12.49 -48.77
N GLU B 3796 6.02 12.59 -49.98
CA GLU B 3796 6.18 13.89 -50.62
C GLU B 3796 4.88 14.45 -51.19
N MET B 3797 3.80 13.67 -51.18
CA MET B 3797 2.50 14.16 -51.61
C MET B 3797 1.75 14.92 -50.52
N LYS B 3798 2.30 15.00 -49.32
CA LYS B 3798 1.59 15.60 -48.20
C LYS B 3798 2.54 16.45 -47.37
N THR B 3799 1.96 17.38 -46.62
CA THR B 3799 2.69 18.19 -45.66
C THR B 3799 2.63 17.51 -44.29
N CYS B 3800 3.02 18.23 -43.25
CA CYS B 3800 2.92 17.71 -41.89
C CYS B 3800 2.78 18.88 -40.93
N HIS B 3801 2.73 18.55 -39.65
CA HIS B 3801 2.48 19.51 -38.58
C HIS B 3801 3.49 20.66 -38.64
N PRO B 3802 3.06 21.89 -38.34
CA PRO B 3802 3.94 23.05 -38.55
C PRO B 3802 5.23 23.01 -37.74
N GLU B 3803 5.28 22.23 -36.66
CA GLU B 3803 6.49 22.16 -35.86
C GLU B 3803 7.57 21.29 -36.48
N HIS B 3804 7.31 20.69 -37.64
CA HIS B 3804 8.24 19.78 -38.27
C HIS B 3804 8.94 20.45 -39.45
N PHE B 3805 10.06 19.86 -39.85
CA PHE B 3805 10.76 20.24 -41.06
C PHE B 3805 10.67 19.10 -42.08
N GLN B 3806 10.25 19.44 -43.30
CA GLN B 3806 10.02 18.46 -44.34
C GLN B 3806 11.27 18.32 -45.19
N CYS B 3807 11.78 17.09 -45.29
CA CYS B 3807 12.99 16.85 -46.06
C CYS B 3807 12.67 16.82 -47.55
N THR B 3808 13.73 16.69 -48.36
CA THR B 3808 13.56 16.60 -49.81
C THR B 3808 12.77 15.35 -50.18
N SER B 3809 13.05 14.23 -49.52
CA SER B 3809 12.33 13.00 -49.78
C SER B 3809 10.90 13.03 -49.29
N GLY B 3810 10.49 14.07 -48.56
CA GLY B 3810 9.14 14.21 -48.07
C GLY B 3810 8.95 13.82 -46.62
N HIS B 3811 9.93 13.21 -45.98
CA HIS B 3811 9.81 12.84 -44.58
C HIS B 3811 9.86 14.09 -43.71
N CYS B 3812 9.33 13.96 -42.50
CA CYS B 3812 9.22 15.07 -41.56
C CYS B 3812 10.01 14.79 -40.30
N VAL B 3813 10.77 15.79 -39.86
CA VAL B 3813 11.55 15.72 -38.63
C VAL B 3813 11.30 17.00 -37.84
N PRO B 3814 11.45 16.99 -36.52
CA PRO B 3814 11.19 18.20 -35.73
C PRO B 3814 12.07 19.36 -36.17
N LYS B 3815 11.52 20.57 -36.07
CA LYS B 3815 12.20 21.76 -36.56
C LYS B 3815 13.51 22.03 -35.84
N ALA B 3816 13.58 21.71 -34.55
CA ALA B 3816 14.79 21.97 -33.78
C ALA B 3816 15.99 21.21 -34.30
N LEU B 3817 15.78 20.07 -34.95
CA LEU B 3817 16.91 19.32 -35.50
C LEU B 3817 17.38 19.87 -36.83
N ALA B 3818 16.60 20.73 -37.46
CA ALA B 3818 17.00 21.32 -38.73
C ALA B 3818 17.95 22.50 -38.50
N CYS B 3819 18.95 22.60 -39.37
CA CYS B 3819 19.99 23.63 -39.26
C CYS B 3819 20.66 23.58 -37.89
N ASP B 3820 21.12 22.38 -37.50
CA ASP B 3820 21.82 22.18 -36.25
C ASP B 3820 23.22 21.61 -36.44
N GLY B 3821 23.60 21.25 -37.66
CA GLY B 3821 24.94 20.77 -37.93
C GLY B 3821 25.08 19.26 -38.06
N ARG B 3822 23.99 18.51 -37.99
CA ARG B 3822 24.03 17.06 -38.17
C ARG B 3822 22.86 16.61 -39.03
N ALA B 3823 23.11 15.57 -39.82
CA ALA B 3823 22.09 15.05 -40.71
C ALA B 3823 21.06 14.22 -39.94
N ASP B 3824 19.83 14.72 -39.89
CA ASP B 3824 18.74 13.99 -39.26
C ASP B 3824 17.76 13.40 -40.25
N CYS B 3825 17.51 14.05 -41.39
CA CYS B 3825 16.86 13.38 -42.50
C CYS B 3825 17.80 12.33 -43.07
N LEU B 3826 17.25 11.18 -43.46
CA LEU B 3826 18.08 10.13 -44.04
C LEU B 3826 18.75 10.57 -45.33
N ASP B 3827 18.16 11.50 -46.07
CA ASP B 3827 18.77 12.08 -47.26
C ASP B 3827 19.62 13.29 -46.92
N ALA B 3828 19.75 13.63 -45.65
CA ALA B 3828 20.48 14.81 -45.20
C ALA B 3828 19.97 16.07 -45.87
N SER B 3829 18.65 16.14 -46.10
CA SER B 3829 18.06 17.36 -46.64
C SER B 3829 18.18 18.51 -45.68
N ASP B 3830 18.03 18.27 -44.39
CA ASP B 3830 18.41 19.27 -43.41
C ASP B 3830 19.92 19.45 -43.45
N GLU B 3831 20.37 20.65 -43.06
CA GLU B 3831 21.78 21.04 -43.11
C GLU B 3831 22.27 21.17 -44.55
N SER B 3832 21.43 20.86 -45.53
CA SER B 3832 21.89 20.96 -46.90
C SER B 3832 21.60 22.31 -47.52
N ALA B 3833 20.91 23.20 -46.82
CA ALA B 3833 20.61 24.52 -47.34
C ALA B 3833 20.76 25.62 -46.28
N CYS B 3834 21.24 25.27 -45.09
CA CYS B 3834 21.42 26.26 -44.04
C CYS B 3834 22.60 27.17 -44.34
N PRO B 3835 22.52 28.44 -43.94
CA PRO B 3835 23.61 29.38 -44.27
C PRO B 3835 24.86 29.10 -43.45
N THR B 3836 25.88 29.94 -43.65
CA THR B 3836 27.15 29.76 -42.88
C THR B 3836 26.88 30.04 -41.40
N ARG B 3837 27.41 29.20 -40.52
CA ARG B 3837 27.22 29.39 -39.06
C ARG B 3837 28.32 30.33 -38.54
N PHE B 3838 29.35 30.57 -39.35
CA PHE B 3838 30.46 31.47 -38.96
C PHE B 3838 30.68 32.50 -40.06
N PRO B 3839 31.48 33.57 -39.84
CA PRO B 3839 31.64 34.62 -40.83
C PRO B 3839 32.72 34.27 -41.87
N ASN B 3840 33.82 33.70 -41.42
CA ASN B 3840 34.88 33.29 -42.32
C ASN B 3840 34.44 32.16 -43.26
N GLY B 3841 33.12 31.97 -43.38
CA GLY B 3841 32.56 30.98 -44.33
C GLY B 3841 32.36 29.60 -43.74
N THR B 3842 33.11 29.25 -42.71
CA THR B 3842 33.08 27.88 -42.20
C THR B 3842 31.71 27.57 -41.61
N TYR B 3843 31.20 26.38 -41.93
CA TYR B 3843 29.88 25.99 -41.43
C TYR B 3843 29.94 25.27 -40.10
N CYS B 3844 31.11 24.73 -39.73
CA CYS B 3844 31.27 23.94 -38.52
C CYS B 3844 32.46 24.46 -37.73
N PRO B 3845 32.49 24.24 -36.42
CA PRO B 3845 33.66 24.64 -35.63
C PRO B 3845 34.91 23.93 -36.12
N ALA B 3846 36.05 24.60 -35.98
CA ALA B 3846 37.30 24.12 -36.56
C ALA B 3846 37.72 22.76 -35.99
N ALA B 3847 37.20 22.38 -34.83
CA ALA B 3847 37.56 21.09 -34.25
C ALA B 3847 37.00 19.92 -35.04
N MET B 3848 35.93 20.12 -35.80
CA MET B 3848 35.23 19.04 -36.49
C MET B 3848 35.36 19.19 -38.00
N PHE B 3849 35.62 18.07 -38.66
CA PHE B 3849 35.58 18.04 -40.12
C PHE B 3849 34.16 18.35 -40.58
N GLU B 3850 34.04 19.27 -41.54
CA GLU B 3850 32.77 19.61 -42.14
C GLU B 3850 32.67 18.95 -43.50
N CYS B 3851 31.61 18.19 -43.72
CA CYS B 3851 31.35 17.60 -45.02
C CYS B 3851 30.83 18.66 -45.97
N LYS B 3852 31.07 18.45 -47.27
CA LYS B 3852 30.71 19.47 -48.26
C LYS B 3852 29.22 19.75 -48.30
N ASN B 3853 28.38 18.81 -47.87
CA ASN B 3853 26.94 19.03 -47.79
C ASN B 3853 26.54 19.79 -46.54
N HIS B 3854 27.49 20.48 -45.91
CA HIS B 3854 27.28 21.39 -44.79
C HIS B 3854 26.86 20.68 -43.51
N VAL B 3855 27.24 19.43 -43.32
CA VAL B 3855 26.99 18.76 -42.05
C VAL B 3855 28.32 18.59 -41.32
N CYS B 3856 28.24 18.54 -40.00
CA CYS B 3856 29.42 18.38 -39.15
C CYS B 3856 29.46 16.98 -38.57
N ILE B 3857 30.61 16.34 -38.68
CA ILE B 3857 30.85 15.06 -38.04
C ILE B 3857 32.12 15.15 -37.20
N GLN B 3858 32.22 14.27 -36.20
CA GLN B 3858 33.39 14.27 -35.35
C GLN B 3858 34.58 13.66 -36.10
N SER B 3859 35.75 14.28 -35.94
CA SER B 3859 36.85 14.04 -36.87
C SER B 3859 37.41 12.63 -36.78
N PHE B 3860 37.14 11.88 -35.70
CA PHE B 3860 37.67 10.53 -35.66
C PHE B 3860 36.77 9.52 -36.36
N TRP B 3861 35.64 9.96 -36.91
CA TRP B 3861 34.81 9.10 -37.74
C TRP B 3861 35.28 9.05 -39.19
N ILE B 3862 36.26 9.87 -39.56
CA ILE B 3862 36.69 9.93 -40.94
C ILE B 3862 37.49 8.67 -41.30
N CYS B 3863 37.40 8.27 -42.56
CA CYS B 3863 38.16 7.16 -43.13
C CYS B 3863 37.92 5.83 -42.42
N ASP B 3864 36.86 5.72 -41.61
CA ASP B 3864 36.58 4.49 -40.89
C ASP B 3864 35.83 3.47 -41.74
N GLY B 3865 35.54 3.79 -43.00
CA GLY B 3865 34.81 2.91 -43.88
C GLY B 3865 33.31 3.10 -43.88
N GLU B 3866 32.79 3.97 -43.01
CA GLU B 3866 31.36 4.23 -42.93
C GLU B 3866 31.05 5.61 -43.48
N ASN B 3867 29.99 5.70 -44.30
CA ASN B 3867 29.55 6.97 -44.86
C ASN B 3867 28.81 7.78 -43.79
N ASP B 3868 29.59 8.29 -42.84
CA ASP B 3868 29.02 9.02 -41.71
C ASP B 3868 28.31 10.30 -42.14
N CYS B 3869 28.66 10.85 -43.30
CA CYS B 3869 27.86 11.90 -43.93
C CYS B 3869 27.61 11.49 -45.38
N VAL B 3870 26.42 11.85 -45.87
CA VAL B 3870 25.93 11.28 -47.12
C VAL B 3870 26.73 11.76 -48.34
N ASP B 3871 27.48 12.87 -48.22
CA ASP B 3871 28.24 13.32 -49.37
C ASP B 3871 29.48 12.48 -49.64
N GLY B 3872 29.86 11.61 -48.71
CA GLY B 3872 30.99 10.73 -48.92
C GLY B 3872 32.33 11.41 -48.70
N SER B 3873 32.30 12.67 -48.28
CA SER B 3873 33.55 13.40 -48.07
C SER B 3873 34.34 12.83 -46.90
N ASP B 3874 33.66 12.17 -45.96
CA ASP B 3874 34.37 11.56 -44.84
C ASP B 3874 35.02 10.24 -45.21
N GLU B 3875 34.93 9.81 -46.47
CA GLU B 3875 35.59 8.59 -46.90
C GLU B 3875 36.40 8.78 -48.17
N GLU B 3876 36.52 10.01 -48.68
CA GLU B 3876 37.26 10.26 -49.91
C GLU B 3876 38.72 9.88 -49.72
N ILE B 3877 39.30 9.23 -50.73
CA ILE B 3877 40.61 8.61 -50.57
C ILE B 3877 41.70 9.68 -50.42
N HIS B 3878 41.68 10.70 -51.28
CA HIS B 3878 42.77 11.67 -51.31
C HIS B 3878 42.88 12.43 -49.99
N LEU B 3879 41.75 12.90 -49.47
CA LEU B 3879 41.79 13.61 -48.20
C LEU B 3879 41.98 12.67 -47.02
N CYS B 3880 41.91 11.36 -47.24
CA CYS B 3880 42.19 10.39 -46.20
C CYS B 3880 43.66 9.99 -46.14
N PHE B 3881 44.51 10.60 -46.94
CA PHE B 3881 45.94 10.29 -46.88
C PHE B 3881 46.53 10.67 -45.53
N ASN B 3882 46.01 11.71 -44.90
CA ASN B 3882 46.54 12.20 -43.63
C ASN B 3882 45.90 11.44 -42.45
N ILE B 3883 46.29 10.17 -42.33
CA ILE B 3883 45.81 9.32 -41.25
C ILE B 3883 46.82 8.20 -41.00
N PRO B 3884 47.03 7.79 -39.77
CA PRO B 3884 47.83 6.59 -39.51
C PRO B 3884 46.96 5.35 -39.54
N CYS B 3885 47.60 4.20 -39.30
CA CYS B 3885 46.90 2.92 -39.22
C CYS B 3885 47.05 2.36 -37.82
N GLU B 3886 45.93 1.96 -37.23
CA GLU B 3886 45.92 1.34 -35.90
C GLU B 3886 45.85 -0.17 -36.10
N SER B 3887 47.02 -0.82 -35.98
CA SER B 3887 47.11 -2.26 -36.23
C SER B 3887 46.19 -3.11 -35.37
N PRO B 3888 46.04 -2.88 -34.06
CA PRO B 3888 45.08 -3.68 -33.28
C PRO B 3888 43.62 -3.42 -33.62
N GLN B 3889 43.33 -2.47 -34.50
CA GLN B 3889 41.95 -2.20 -34.90
C GLN B 3889 41.75 -2.19 -36.41
N ARG B 3890 42.72 -1.67 -37.17
CA ARG B 3890 42.56 -1.48 -38.60
C ARG B 3890 43.83 -1.91 -39.33
N PHE B 3891 43.68 -2.24 -40.61
CA PHE B 3891 44.79 -2.75 -41.40
C PHE B 3891 44.75 -2.13 -42.79
N ARG B 3892 45.91 -1.68 -43.26
CA ARG B 3892 45.99 -0.93 -44.51
C ARG B 3892 46.02 -1.87 -45.72
N CYS B 3893 45.21 -1.53 -46.73
CA CYS B 3893 45.14 -2.29 -47.96
C CYS B 3893 46.15 -1.71 -48.97
N ASP B 3894 46.05 -2.15 -50.22
CA ASP B 3894 46.82 -1.50 -51.28
C ASP B 3894 46.42 -0.04 -51.41
N ASN B 3895 45.12 0.24 -51.37
CA ASN B 3895 44.66 1.59 -51.12
C ASN B 3895 45.03 2.00 -49.69
N SER B 3896 45.26 3.29 -49.48
CA SER B 3896 45.64 3.75 -48.15
C SER B 3896 44.54 3.61 -47.12
N ARG B 3897 43.36 3.11 -47.51
CA ARG B 3897 42.29 2.90 -46.56
C ARG B 3897 42.66 1.81 -45.57
N CYS B 3898 42.30 2.02 -44.30
CA CYS B 3898 42.67 1.12 -43.21
C CYS B 3898 41.37 0.55 -42.66
N VAL B 3899 40.90 -0.55 -43.25
CA VAL B 3899 39.61 -1.12 -42.86
C VAL B 3899 39.74 -1.81 -41.52
N TYR B 3900 38.60 -1.98 -40.84
CA TYR B 3900 38.59 -2.60 -39.53
C TYR B 3900 38.98 -4.08 -39.62
N GLY B 3901 39.39 -4.64 -38.49
CA GLY B 3901 39.98 -5.97 -38.49
C GLY B 3901 39.06 -7.07 -38.98
N HIS B 3902 37.80 -7.05 -38.56
CA HIS B 3902 36.89 -8.15 -38.88
C HIS B 3902 36.64 -8.29 -40.37
N GLN B 3903 36.94 -7.26 -41.16
CA GLN B 3903 36.80 -7.38 -42.61
C GLN B 3903 37.98 -8.11 -43.24
N LEU B 3904 39.08 -8.25 -42.51
CA LEU B 3904 40.22 -9.01 -43.02
C LEU B 3904 39.86 -10.49 -43.06
N CYS B 3905 40.14 -11.12 -44.21
CA CYS B 3905 39.83 -12.53 -44.47
C CYS B 3905 38.34 -12.84 -44.33
N ASN B 3906 37.47 -11.86 -44.54
CA ASN B 3906 36.03 -12.11 -44.41
C ASN B 3906 35.41 -12.69 -45.67
N GLY B 3907 36.17 -12.79 -46.76
CA GLY B 3907 35.62 -13.28 -48.01
C GLY B 3907 34.93 -12.23 -48.85
N VAL B 3908 34.99 -10.96 -48.44
CA VAL B 3908 34.39 -9.86 -49.18
C VAL B 3908 35.47 -8.81 -49.44
N ASP B 3909 35.64 -8.44 -50.69
CA ASP B 3909 36.61 -7.40 -51.06
C ASP B 3909 36.07 -6.06 -50.58
N ASP B 3910 36.61 -5.58 -49.47
CA ASP B 3910 36.11 -4.35 -48.85
C ASP B 3910 36.87 -3.12 -49.28
N CYS B 3911 38.19 -3.22 -49.47
CA CYS B 3911 38.99 -2.08 -49.89
C CYS B 3911 38.92 -1.84 -51.39
N GLY B 3912 38.42 -2.81 -52.15
CA GLY B 3912 38.45 -2.70 -53.60
C GLY B 3912 39.76 -3.10 -54.24
N ASP B 3913 40.68 -3.66 -53.46
CA ASP B 3913 41.97 -4.08 -54.02
C ASP B 3913 42.36 -5.49 -53.62
N GLY B 3914 41.56 -6.21 -52.85
CA GLY B 3914 41.84 -7.59 -52.52
C GLY B 3914 42.90 -7.77 -51.45
N SER B 3915 43.40 -6.65 -50.93
CA SER B 3915 44.43 -6.73 -49.89
C SER B 3915 43.86 -7.26 -48.58
N ASP B 3916 42.61 -6.91 -48.26
CA ASP B 3916 41.97 -7.50 -47.10
C ASP B 3916 41.80 -9.01 -47.25
N GLU B 3917 41.71 -9.49 -48.48
CA GLU B 3917 41.54 -10.91 -48.76
C GLU B 3917 42.85 -11.57 -49.21
N LYS B 3918 43.99 -10.95 -48.93
CA LYS B 3918 45.27 -11.59 -49.15
C LYS B 3918 45.42 -12.72 -48.12
N GLU B 3919 45.48 -13.96 -48.61
CA GLU B 3919 45.26 -15.13 -47.76
C GLU B 3919 46.34 -15.34 -46.71
N GLU B 3920 47.48 -14.63 -46.81
CA GLU B 3920 48.53 -14.79 -45.80
C GLU B 3920 48.11 -14.31 -44.42
N HIS B 3921 47.00 -13.58 -44.32
CA HIS B 3921 46.50 -13.13 -43.03
C HIS B 3921 45.48 -14.10 -42.43
N CYS B 3922 45.04 -15.09 -43.20
CA CYS B 3922 44.04 -16.06 -42.75
C CYS B 3922 44.68 -17.35 -42.22
N ARG B 3923 45.90 -17.24 -41.69
CA ARG B 3923 46.61 -18.37 -41.12
C ARG B 3923 47.06 -17.99 -39.72
N LYS B 3924 47.91 -18.84 -39.13
CA LYS B 3924 48.34 -18.63 -37.75
C LYS B 3924 49.30 -17.44 -37.67
N PRO B 3925 49.00 -16.42 -36.87
CA PRO B 3925 49.89 -15.26 -36.69
C PRO B 3925 51.11 -15.59 -35.83
N UNK C 1 0.16 -4.57 -14.51
CA UNK C 1 -1.04 -5.11 -13.90
C UNK C 1 -2.29 -4.59 -14.63
N UNK C 2 -3.42 -4.59 -13.92
CA UNK C 2 -4.67 -4.11 -14.46
C UNK C 2 -5.03 -2.71 -14.00
N ASN C 3 -4.19 -2.08 -13.18
CA ASN C 3 -4.48 -0.75 -12.65
C ASN C 3 -3.40 0.26 -12.97
N UNK C 4 -2.33 -0.13 -13.66
CA UNK C 4 -1.25 0.79 -13.98
C UNK C 4 -1.61 1.61 -15.22
N UNK C 5 -1.46 2.93 -15.11
CA UNK C 5 -1.76 3.83 -16.21
C UNK C 5 -0.69 3.77 -17.30
C1 NAG D . -48.65 9.73 20.78
C2 NAG D . -48.30 11.15 21.27
C3 NAG D . -49.39 12.16 20.91
C4 NAG D . -49.97 11.93 19.50
C5 NAG D . -50.15 10.46 19.16
C6 NAG D . -50.60 10.26 17.73
C7 NAG D . -46.96 11.47 23.27
C8 NAG D . -47.05 12.18 24.58
N2 NAG D . -48.12 11.15 22.71
O3 NAG D . -48.80 13.48 21.06
O4 NAG D . -51.28 12.49 19.36
O5 NAG D . -48.93 9.77 19.39
O6 NAG D . -50.87 8.88 17.51
O7 NAG D . -45.89 11.18 22.76
C1 NAG D . -49.79 14.53 20.85
C2 NAG D . -49.66 15.72 21.79
C3 NAG D . -50.90 16.61 21.64
C4 NAG D . -51.17 16.96 20.17
C5 NAG D . -50.96 15.77 19.23
C6 NAG D . -50.91 16.19 17.77
C7 NAG D . -50.26 14.66 23.95
C8 NAG D . -49.88 14.60 25.40
N2 NAG D . -49.43 15.35 23.17
O3 NAG D . -50.71 17.81 22.40
O4 NAG D . -52.53 17.37 20.02
O5 NAG D . -49.77 15.05 19.53
O6 NAG D . -49.68 16.86 17.51
O7 NAG D . -51.27 14.11 23.53
C1 BMA D . -52.69 18.80 20.06
C2 BMA D . -52.02 19.44 18.84
C3 BMA D . -52.23 20.95 18.81
C4 BMA D . -53.72 21.23 18.85
C5 BMA D . -54.36 20.55 20.07
C6 BMA D . -55.88 20.74 20.04
O2 BMA D . -52.60 18.87 17.65
O3 BMA D . -51.67 21.49 17.62
O4 BMA D . -53.94 22.64 18.91
O5 BMA D . -54.08 19.16 20.08
O6 BMA D . -56.49 19.89 21.00
C1 NAG E . -17.57 22.52 -24.63
C2 NAG E . -16.98 23.86 -25.07
C3 NAG E . -17.97 24.99 -24.91
C4 NAG E . -19.20 24.70 -25.73
C5 NAG E . -19.76 23.37 -25.28
C6 NAG E . -20.96 22.97 -26.14
C7 NAG E . -14.61 24.26 -24.92
C8 NAG E . -13.41 24.35 -24.03
N2 NAG E . -15.77 24.16 -24.31
O3 NAG E . -17.37 26.22 -25.32
O4 NAG E . -20.17 25.73 -25.52
O5 NAG E . -18.80 22.31 -25.34
O6 NAG E . -20.50 22.58 -27.44
O7 NAG E . -14.51 24.27 -26.13
C1 NAG E . -20.27 26.63 -26.65
C2 NAG E . -20.60 28.02 -26.11
C3 NAG E . -20.36 29.19 -27.07
C4 NAG E . -19.06 29.00 -27.82
C5 NAG E . -19.07 27.61 -28.46
C6 NAG E . -17.89 27.41 -29.41
C7 NAG E . -22.29 27.83 -24.39
C8 NAG E . -23.70 28.14 -23.99
N2 NAG E . -21.97 28.06 -25.65
O3 NAG E . -20.35 30.36 -26.23
O4 NAG E . -18.88 29.96 -28.88
O5 NAG E . -19.06 26.63 -27.43
O6 NAG E . -16.66 27.48 -28.67
O7 NAG E . -21.47 27.40 -23.59
C1 BMA E . -20.46 31.64 -26.89
C2 BMA E . -21.49 31.65 -28.04
C3 BMA E . -21.44 33.00 -28.74
C4 BMA E . -21.70 34.11 -27.73
C5 BMA E . -20.73 34.00 -26.56
C6 BMA E . -21.08 35.02 -25.48
O2 BMA E . -22.80 31.44 -27.52
O3 BMA E . -22.44 33.04 -29.76
O4 BMA E . -21.53 35.38 -28.36
O5 BMA E . -20.76 32.69 -25.98
O6 BMA E . -22.41 34.77 -25.00
C1 NAG F . -8.59 33.40 -24.53
C2 NAG F . -8.40 34.72 -25.28
C3 NAG F . -7.36 35.60 -24.58
C4 NAG F . -7.78 35.82 -23.14
C5 NAG F . -8.04 34.47 -22.47
C6 NAG F . -8.54 34.67 -21.05
C7 NAG F . -8.77 34.91 -27.66
C8 NAG F . -8.19 34.79 -29.02
N2 NAG F . -7.99 34.52 -26.65
O3 NAG F . -7.28 36.85 -25.26
O4 NAG F . -6.70 36.49 -22.49
O5 NAG F . -9.00 33.69 -23.20
O6 NAG F . -9.86 35.20 -21.09
O7 NAG F . -9.89 35.35 -27.47
C1 NAG F . -7.08 37.83 -22.10
C2 NAG F . -6.00 38.37 -21.16
C3 NAG F . -6.32 39.78 -20.70
C4 NAG F . -6.61 40.69 -21.88
C5 NAG F . -7.60 40.05 -22.84
C6 NAG F . -7.75 40.91 -24.08
C7 NAG F . -4.86 36.65 -19.90
C8 NAG F . -4.93 35.71 -18.73
N2 NAG F . -5.87 37.50 -20.01
O3 NAG F . -5.20 40.28 -19.98
O4 NAG F . -7.21 41.89 -21.36
O5 NAG F . -7.21 38.72 -23.22
O6 NAG F . -6.47 41.09 -24.69
O7 NAG F . -3.92 36.64 -20.69
C1 BMA F . -6.33 43.03 -21.45
C2 BMA F . -7.17 44.25 -21.11
C3 BMA F . -6.36 45.53 -20.94
C4 BMA F . -5.23 45.27 -19.96
C5 BMA F . -4.40 44.09 -20.46
C6 BMA F . -3.23 43.80 -19.53
O2 BMA F . -7.88 44.00 -19.90
O3 BMA F . -7.25 46.53 -20.44
O4 BMA F . -4.38 46.41 -19.85
O5 BMA F . -5.21 42.91 -20.56
O6 BMA F . -3.68 42.96 -18.46
C1 MAN F . -6.94 47.86 -20.92
C2 MAN F . -7.94 48.82 -20.29
C3 MAN F . -9.35 48.55 -20.83
C4 MAN F . -9.33 48.65 -22.34
C5 MAN F . -8.27 47.72 -22.93
C6 MAN F . -8.16 47.90 -24.43
O2 MAN F . -7.57 50.17 -20.59
O3 MAN F . -10.28 49.49 -20.29
O4 MAN F . -10.61 48.29 -22.86
O5 MAN F . -6.99 47.99 -22.34
O6 MAN F . -7.13 47.07 -24.94
C1 MAN F . -2.65 42.84 -17.47
C2 MAN F . -1.46 42.09 -18.06
C3 MAN F . -1.85 40.66 -18.44
C4 MAN F . -2.53 39.97 -17.26
C5 MAN F . -3.66 40.83 -16.70
C6 MAN F . -4.27 40.17 -15.48
O2 MAN F . -0.41 42.05 -17.09
O3 MAN F . -0.66 39.93 -18.80
O4 MAN F . -3.08 38.72 -17.70
O5 MAN F . -3.12 42.11 -16.33
O6 MAN F . -3.23 39.90 -14.53
C1 NAG G . -0.10 0.58 15.98
C2 NAG G . 0.13 1.30 17.32
C3 NAG G . -0.38 0.47 18.49
C4 NAG G . -1.74 -0.18 18.24
C5 NAG G . -1.92 -0.65 16.80
C6 NAG G . -3.38 -1.01 16.52
C7 NAG G . 2.46 0.79 17.88
C8 NAG G . 3.47 1.33 18.85
N2 NAG G . 1.52 1.65 17.49
O3 NAG G . -0.49 1.32 19.64
O4 NAG G . -1.84 -1.35 19.06
O5 NAG G . -1.50 0.33 15.85
O6 NAG G . -4.15 0.18 16.40
O7 NAG G . 2.51 -0.36 17.48
C1 NAG G . -2.62 -1.11 20.25
C2 NAG G . -3.35 -2.43 20.55
C3 NAG G . -3.71 -2.64 22.02
C4 NAG G . -2.51 -2.30 22.88
C5 NAG G . -2.23 -0.82 22.64
C6 NAG G . -1.16 -0.30 23.60
C7 NAG G . -5.53 -1.68 19.66
C8 NAG G . -6.39 -1.78 18.43
N2 NAG G . -4.55 -2.57 19.74
O3 NAG G . -4.08 -4.02 22.22
O4 NAG G . -2.78 -2.57 24.26
O5 NAG G . -1.76 -0.66 21.30
O6 NAG G . 0.09 -0.93 23.30
O7 NAG G . -5.74 -0.82 20.50
C1 BMA G . -2.00 -3.73 24.64
C2 BMA G . -1.91 -3.80 26.16
C3 BMA G . -1.10 -5.02 26.58
C4 BMA G . -1.68 -6.28 25.96
C5 BMA G . -1.84 -6.11 24.45
C6 BMA G . -2.54 -7.32 23.84
O2 BMA G . -3.22 -3.90 26.71
O3 BMA G . -1.13 -5.14 28.00
O4 BMA G . -0.80 -7.39 26.20
O5 BMA G . -2.60 -4.93 24.14
O6 BMA G . -3.89 -7.36 24.31
C1 NAG H . -5.48 18.27 11.92
C2 NAG H . -6.80 19.00 12.03
C3 NAG H . -7.60 18.42 13.18
C4 NAG H . -7.75 16.91 13.00
C5 NAG H . -6.39 16.28 12.85
C6 NAG H . -6.51 14.79 12.54
C7 NAG H . -6.55 21.27 11.24
C8 NAG H . -5.75 22.51 11.46
N2 NAG H . -6.59 20.41 12.26
O3 NAG H . -8.88 19.03 13.22
O4 NAG H . -8.34 16.35 14.17
O5 NAG H . -5.67 16.87 11.78
O6 NAG H . -6.90 14.61 11.18
O7 NAG H . -7.14 21.05 10.20
C1 NAG H . -9.73 16.05 13.97
C2 NAG H . -10.21 15.39 15.26
C3 NAG H . -11.69 15.12 15.20
C4 NAG H . -12.41 16.44 14.93
C5 NAG H . -11.87 17.05 13.64
C6 NAG H . -12.52 18.40 13.36
C7 NAG H . -8.35 14.10 16.15
C8 NAG H . -7.98 12.77 16.73
N2 NAG H . -9.50 14.14 15.49
O3 NAG H . -12.12 14.56 16.45
O4 NAG H . -13.82 16.21 14.82
O5 NAG H . -10.46 17.24 13.75
O6 NAG H . -12.05 19.36 14.30
O7 NAG H . -7.65 15.09 16.29
C1 BMA H . -14.40 16.67 16.05
C2 BMA H . -15.90 16.93 15.88
C3 BMA H . -16.45 17.51 17.17
C4 BMA H . -16.13 16.56 18.32
C5 BMA H . -14.63 16.31 18.39
C6 BMA H . -14.29 15.34 19.52
O2 BMA H . -16.56 15.70 15.56
O3 BMA H . -17.86 17.72 17.07
O4 BMA H . -16.58 17.12 19.54
O5 BMA H . -14.17 15.79 17.15
O6 BMA H . -12.87 15.24 19.64
C1 NAG I . 37.16 14.50 -27.49
C2 NAG I . 37.42 13.24 -28.32
C3 NAG I . 38.65 13.43 -29.20
C4 NAG I . 38.54 14.70 -30.03
C5 NAG I . 38.28 15.90 -29.12
C6 NAG I . 38.00 17.16 -29.95
C7 NAG I . 37.76 10.85 -27.98
C8 NAG I . 38.82 10.02 -27.32
N2 NAG I . 37.57 12.08 -27.48
O3 NAG I . 38.80 12.34 -30.13
O4 NAG I . 39.67 14.82 -30.91
O5 NAG I . 37.13 15.67 -28.32
O6 NAG I . 36.68 17.09 -30.49
O7 NAG I . 37.11 10.44 -28.91
C1 NAG I . 40.91 15.26 -30.30
C2 NAG I . 41.98 14.18 -30.50
C3 NAG I . 43.41 14.67 -30.37
C4 NAG I . 43.61 15.91 -31.22
C5 NAG I . 42.63 16.96 -30.72
C6 NAG I . 42.86 18.26 -31.47
C7 NAG I . 41.98 13.09 -28.27
C8 NAG I . 42.19 11.75 -27.64
N2 NAG I . 41.79 13.06 -29.59
O3 NAG I . 44.31 13.63 -30.77
O4 NAG I . 44.94 16.41 -31.12
O5 NAG I . 41.29 16.51 -30.90
O6 NAG I . 43.11 17.99 -32.85
O7 NAG I . 42.01 14.13 -27.62
C1 BMA I . 45.74 16.01 -32.24
C2 BMA I . 46.95 16.94 -32.33
C3 BMA I . 48.04 16.44 -33.26
C4 BMA I . 48.39 15.00 -32.90
C5 BMA I . 47.14 14.15 -32.97
C6 BMA I . 47.45 12.73 -32.52
O2 BMA I . 47.49 17.12 -31.02
O3 BMA I . 49.21 17.24 -33.08
O4 BMA I . 49.36 14.50 -33.84
O5 BMA I . 46.13 14.65 -32.08
O6 BMA I . 47.31 12.71 -31.09
C1 MAN I . 49.46 18.01 -34.27
C2 MAN I . 50.94 18.37 -34.29
C3 MAN I . 51.28 19.24 -33.10
C4 MAN I . 50.35 20.45 -33.04
C5 MAN I . 48.89 20.01 -33.12
C6 MAN I . 47.94 21.19 -33.15
O2 MAN I . 51.24 19.08 -35.51
O3 MAN I . 52.63 19.70 -33.21
O4 MAN I . 50.56 21.16 -31.82
O5 MAN I . 48.69 19.21 -34.30
O6 MAN I . 46.60 20.72 -33.27
C1 MAN I . 48.10 11.66 -30.51
C2 MAN I . 47.62 11.47 -29.08
C3 MAN I . 47.86 12.74 -28.29
C4 MAN I . 49.32 13.15 -28.38
C5 MAN I . 49.77 13.21 -29.83
C6 MAN I . 51.26 13.50 -29.93
O2 MAN I . 48.36 10.39 -28.47
O3 MAN I . 47.49 12.54 -26.91
O4 MAN I . 49.49 14.43 -27.76
O5 MAN I . 49.49 11.97 -30.49
O6 MAN I . 51.63 13.62 -31.32
C1 NAG J . 36.72 30.53 -38.63
C2 NAG J . 38.09 29.96 -38.26
C3 NAG J . 37.99 28.97 -37.12
C4 NAG J . 37.30 29.62 -35.94
C5 NAG J . 35.95 30.17 -36.38
C6 NAG J . 35.24 30.86 -35.23
C7 NAG J . 38.12 28.55 -40.27
C8 NAG J . 38.55 28.70 -41.69
N2 NAG J . 38.74 29.34 -39.40
O3 NAG J . 39.31 28.55 -36.74
O4 NAG J . 37.13 28.64 -34.91
O5 NAG J . 36.09 31.08 -37.46
O6 NAG J . 36.00 31.99 -34.80
O7 NAG J . 37.25 27.74 -39.94
C1 NAG J . 37.97 28.98 -33.79
C2 NAG J . 37.64 28.04 -32.64
C3 NAG J . 38.56 28.26 -31.45
C4 NAG J . 40.02 28.30 -31.87
C5 NAG J . 40.23 29.22 -33.07
C6 NAG J . 41.67 29.17 -33.55
C7 NAG J . 35.26 27.61 -32.80
C8 NAG J . 33.89 28.04 -32.38
N2 NAG J . 36.26 28.24 -32.21
O3 NAG J . 38.37 27.21 -30.50
O4 NAG J . 40.80 28.81 -30.77
O5 NAG J . 39.36 28.83 -34.14
O6 NAG J . 41.97 27.83 -33.98
O7 NAG J . 35.44 26.73 -33.64
C1 BMA J . 41.63 27.78 -30.21
C2 BMA J . 42.56 28.43 -29.20
C3 BMA J . 43.43 27.40 -28.50
C4 BMA J . 42.52 26.37 -27.85
C5 BMA J . 41.64 25.75 -28.92
C6 BMA J . 40.72 24.65 -28.37
O2 BMA J . 41.77 29.12 -28.22
O3 BMA J . 44.25 28.04 -27.52
O4 BMA J . 43.30 25.35 -27.22
O5 BMA J . 40.85 26.75 -29.58
O6 BMA J . 39.54 25.25 -27.82
C1 MAN J . 45.61 28.04 -28.00
C2 MAN J . 46.55 28.23 -26.80
C3 MAN J . 46.41 29.62 -26.20
C4 MAN J . 46.51 30.69 -27.27
C5 MAN J . 45.57 30.40 -28.42
C6 MAN J . 45.74 31.42 -29.53
O2 MAN J . 47.91 28.05 -27.24
O3 MAN J . 47.43 29.82 -25.22
O4 MAN J . 46.18 31.96 -26.71
O5 MAN J . 45.84 29.09 -28.94
O6 MAN J . 44.84 31.10 -30.61
C1 MAN J . 39.49 24.95 -26.41
C2 MAN J . 38.13 24.34 -26.09
C3 MAN J . 37.02 25.37 -26.25
C4 MAN J . 37.36 26.68 -25.55
C5 MAN J . 38.74 27.15 -25.97
C6 MAN J . 39.11 28.46 -25.27
O2 MAN J . 38.14 23.84 -24.75
O3 MAN J . 35.81 24.84 -25.71
O4 MAN J . 36.40 27.68 -25.90
O5 MAN J . 39.69 26.14 -25.63
O6 MAN J . 39.08 28.27 -23.85
C1 NAG K . -21.12 1.83 -26.57
C2 NAG K . -22.41 2.36 -27.22
C3 NAG K . -23.51 1.31 -27.25
C4 NAG K . -22.99 0.06 -27.93
C5 NAG K . -21.77 -0.43 -27.17
C6 NAG K . -21.22 -1.71 -27.78
C7 NAG K . -23.36 4.59 -27.22
C8 NAG K . -23.86 5.74 -26.39
N2 NAG K . -22.87 3.55 -26.53
O3 NAG K . -24.65 1.81 -27.95
O4 NAG K . -24.00 -0.96 -27.94
O5 NAG K . -20.76 0.58 -27.17
O6 NAG K . -20.71 -1.43 -29.10
O7 NAG K . -23.38 4.60 -28.43
C1 NAG L . -15.97 -10.32 7.53
C2 NAG L . -16.26 -8.87 7.90
C3 NAG L . -17.72 -8.64 8.23
C4 NAG L . -18.49 -9.15 7.04
C5 NAG L . -18.17 -10.63 6.80
C6 NAG L . -19.14 -11.26 5.78
C7 NAG L . -14.47 -7.69 9.01
C8 NAG L . -13.52 -7.74 10.16
N2 NAG L . -15.51 -8.53 9.07
O3 NAG L . -17.97 -7.24 8.36
O4 NAG L . -19.89 -9.04 7.28
O5 NAG L . -16.78 -10.78 6.44
O6 NAG L . -18.90 -12.66 5.61
O7 NAG L . -14.32 -6.94 8.06
O5 A2G M . -17.56 41.74 -12.11
C1 A2G M . -17.87 41.72 -13.51
C2 A2G M . -17.69 40.54 -14.45
N2 A2G M . -18.78 40.28 -15.37
C3 A2G M . -17.33 39.27 -13.68
O3 A2G M . -16.68 38.35 -14.55
C4 A2G M . -16.48 39.58 -12.47
O4 A2G M . -15.27 40.23 -12.85
C5 A2G M . -17.27 40.46 -11.51
C6 A2G M . -16.59 40.73 -10.20
O6 A2G M . -17.45 41.43 -9.30
C7 A2G M . -19.11 41.08 -16.39
O7 A2G M . -18.50 42.12 -16.62
C8 A2G M . -20.25 40.61 -17.24
O5 A2G N . 16.30 6.33 10.56
C1 A2G N . 17.54 6.17 9.90
C2 A2G N . 18.07 7.58 9.64
N2 A2G N . 19.32 7.54 8.90
C3 A2G N . 18.27 8.31 10.97
O3 A2G N . 18.73 9.64 10.73
C4 A2G N . 16.98 8.31 11.77
O4 A2G N . 16.03 9.14 11.12
C5 A2G N . 16.43 6.89 11.88
C6 A2G N . 15.06 6.83 12.51
O6 A2G N . 14.52 5.51 12.41
C7 A2G N . 19.47 8.18 7.73
O7 A2G N . 18.80 9.16 7.44
C8 A2G N . 20.50 7.61 6.81
O5 A2G O . -0.60 17.91 -44.33
C1 A2G O . -0.38 19.06 -45.12
C2 A2G O . -1.46 20.13 -44.91
N2 A2G O . -1.17 21.37 -45.62
C3 A2G O . -1.66 20.41 -43.43
O3 A2G O . -2.75 21.29 -43.26
C4 A2G O . -1.88 19.10 -42.67
O4 A2G O . -3.07 18.49 -43.14
C5 A2G O . -0.70 18.17 -42.91
C6 A2G O . -0.87 16.84 -42.23
O6 A2G O . -1.02 16.99 -40.82
C7 A2G O . -1.96 21.83 -46.59
O7 A2G O . -2.94 21.22 -46.99
C8 A2G O . -1.58 23.18 -47.15
O5 A2G P . 26.31 33.14 -42.46
C1 A2G P . 27.33 32.86 -43.40
C2 A2G P . 27.32 34.00 -44.42
N2 A2G P . 28.31 33.84 -45.45
C3 A2G P . 27.52 35.35 -43.72
O3 A2G P . 27.37 36.38 -44.68
C4 A2G P . 26.54 35.53 -42.57
O4 A2G P . 25.22 35.65 -43.09
C5 A2G P . 26.60 34.30 -41.67
C6 A2G P . 25.58 34.35 -40.55
O6 A2G P . 25.67 33.19 -39.73
C7 A2G P . 29.62 33.80 -45.21
O7 A2G P . 30.07 33.72 -44.07
C8 A2G P . 30.51 33.86 -46.42
CA CA Q . -15.56 -31.69 51.72
CA CA R . -0.47 -21.58 40.46
CA CA S . 18.86 -31.53 26.50
CA CA T . 9.24 -30.30 12.25
CA CA U . -10.46 -23.81 19.89
CA CA V . -49.04 -20.28 30.23
CA CA W . -33.08 15.99 13.75
CA CA X . 5.99 3.96 -5.49
CA CA Y . -4.87 -3.41 0.35
CA CA Z . -12.76 -4.60 -10.53
CA CA AA . 20.72 27.36 -20.68
CA CA BA . 30.96 9.47 -15.33
CA CA CA . 24.07 -3.19 -3.06
CA CA DA . 8.98 -12.40 3.63
CA CA EA . -3.02 -16.71 -9.00
CA CA FA . -5.89 -9.19 -25.47
CA CA GA . 6.63 5.76 -39.70
CA CA HA . 20.00 18.52 -38.59
CA CA IA . 33.42 7.62 -41.93
CA CA JA . 37.47 -8.20 -46.64
#